data_2Y05
#
_entry.id   2Y05
#
_cell.length_a   93.274
_cell.length_b   116.599
_cell.length_c   154.607
_cell.angle_alpha   90.00
_cell.angle_beta   90.00
_cell.angle_gamma   90.00
#
_symmetry.space_group_name_H-M   'P 21 21 21'
#
loop_
_entity.id
_entity.type
_entity.pdbx_description
1 polymer 'PROSTAGLANDIN REDUCTASE 1'
2 non-polymer 'NADP NICOTINAMIDE-ADENINE-DINUCLEOTIDE PHOSPHATE'
3 non-polymer RALOXIFENE
4 non-polymer 'CHLORIDE ION'
5 non-polymer 1,2-ETHANEDIOL
6 water water
#
_entity_poly.entity_id   1
_entity_poly.type   'polypeptide(L)'
_entity_poly.pdbx_seq_one_letter_code
;SMTKTWTLKKHFVGYPTNSDFELKTSELPPLKNGEVLLEALFLTVDPYMRVAAKRLKEGDTMMGQQVAKVVESKNVALPK
GTIVLASPGWTTHSISDGKDLEKLLTEWPDTIPLSLALGTVGMPGLTAYFGLLEICGVKGGETVMVNAAAGAVGSVVGQI
AKLKGCKVVGAVGSDEKVAYLQKLGFDVVFNYKTVESLEETLKKASPDGYDCYFDNVGGEFSNTVIGQMKKFGRIAICGA
ISTYNRTGPLPPGPPPEIVIYQELRMEAFVVYRWQGDARQKALKDLLKWVLEGKIQYKEYIIEGFENMPAAFMGMLKGDN
LGKTIVKA
;
_entity_poly.pdbx_strand_id   A,B,C,D
#
# COMPACT_ATOMS: atom_id res chain seq x y z
N SER A 1 15.97 20.27 6.00
CA SER A 1 14.96 19.95 7.06
C SER A 1 14.35 18.54 6.89
N MET A 2 14.61 17.68 7.88
CA MET A 2 14.10 16.30 7.87
C MET A 2 12.88 16.14 8.80
N THR A 3 12.06 15.12 8.51
CA THR A 3 11.03 14.69 9.48
C THR A 3 11.10 13.19 9.73
N LYS A 4 10.50 12.78 10.85
CA LYS A 4 10.29 11.37 11.17
C LYS A 4 8.78 11.14 11.15
N THR A 5 8.32 10.07 10.51
CA THR A 5 6.86 9.85 10.41
C THR A 5 6.50 8.40 10.66
N TRP A 6 5.50 8.15 11.52
CA TRP A 6 5.04 6.78 11.69
C TRP A 6 3.95 6.49 10.67
N THR A 7 4.14 5.43 9.88
CA THR A 7 3.18 5.00 8.87
C THR A 7 2.61 3.63 9.25
N LEU A 8 1.43 3.33 8.72
CA LEU A 8 0.82 2.04 8.88
C LEU A 8 1.30 1.07 7.78
N LYS A 9 2.19 0.15 8.14
CA LYS A 9 2.75 -0.80 7.18
C LYS A 9 1.68 -1.80 6.83
N LYS A 10 0.95 -2.26 7.84
CA LYS A 10 -0.08 -3.26 7.65
C LYS A 10 -1.30 -2.97 8.55
N HIS A 11 -2.49 -3.20 8.01
CA HIS A 11 -3.71 -3.07 8.77
C HIS A 11 -3.66 -4.01 9.98
N PHE A 12 -4.18 -3.52 11.09
CA PHE A 12 -4.18 -4.28 12.32
C PHE A 12 -5.12 -5.46 12.25
N VAL A 13 -4.66 -6.59 12.79
CA VAL A 13 -5.52 -7.74 13.07
C VAL A 13 -5.53 -7.94 14.59
N GLY A 14 -6.70 -7.77 15.20
CA GLY A 14 -6.81 -7.76 16.64
C GLY A 14 -6.22 -6.48 17.16
N TYR A 15 -5.37 -6.62 18.16
CA TYR A 15 -4.55 -5.51 18.60
C TYR A 15 -3.42 -5.35 17.62
N PRO A 16 -2.95 -4.12 17.49
CA PRO A 16 -1.77 -3.93 16.68
C PRO A 16 -0.54 -4.57 17.34
N THR A 17 0.49 -4.78 16.52
CA THR A 17 1.82 -5.15 17.02
C THR A 17 2.85 -4.27 16.30
N ASN A 18 4.13 -4.35 16.68
CA ASN A 18 5.11 -3.35 16.20
C ASN A 18 5.33 -3.42 14.72
N SER A 19 5.31 -4.63 14.17
CA SER A 19 5.54 -4.78 12.74
C SER A 19 4.44 -4.21 11.85
N ASP A 20 3.29 -3.81 12.43
CA ASP A 20 2.21 -3.12 11.68
C ASP A 20 2.53 -1.65 11.35
N PHE A 21 3.46 -1.09 12.12
CA PHE A 21 3.94 0.27 11.98
C PHE A 21 5.34 0.31 11.32
N GLU A 22 5.61 1.38 10.59
CA GLU A 22 6.94 1.58 10.00
C GLU A 22 7.28 3.04 10.06
N LEU A 23 8.47 3.34 10.55
CA LEU A 23 8.94 4.70 10.71
C LEU A 23 9.75 5.07 9.46
N LYS A 24 9.42 6.21 8.85
CA LYS A 24 10.12 6.71 7.66
C LYS A 24 10.74 8.04 7.98
N THR A 25 12.01 8.21 7.59
CA THR A 25 12.67 9.51 7.61
C THR A 25 12.57 10.10 6.22
N SER A 26 12.22 11.39 6.14
CA SER A 26 11.79 12.02 4.90
C SER A 26 12.21 13.49 4.86
N GLU A 27 12.40 14.03 3.66
CA GLU A 27 12.85 15.39 3.47
C GLU A 27 11.65 16.26 3.22
N LEU A 28 11.61 17.41 3.90
CA LEU A 28 10.56 18.41 3.66
C LEU A 28 11.05 19.42 2.59
N PRO A 29 10.13 19.89 1.73
CA PRO A 29 10.50 21.01 0.86
C PRO A 29 10.66 22.31 1.65
N PRO A 30 11.19 23.38 1.01
CA PRO A 30 11.29 24.67 1.71
C PRO A 30 9.92 25.28 1.91
N LEU A 31 9.83 26.21 2.86
CA LEU A 31 8.60 27.00 3.06
C LEU A 31 8.34 27.87 1.85
N LYS A 32 7.07 27.91 1.43
CA LYS A 32 6.57 28.95 0.54
C LYS A 32 5.95 30.10 1.36
N ASN A 33 5.73 31.23 0.70
CA ASN A 33 5.14 32.41 1.32
C ASN A 33 3.90 31.95 2.05
N GLY A 34 3.76 32.32 3.32
CA GLY A 34 2.52 32.02 4.09
C GLY A 34 2.45 30.63 4.72
N GLU A 35 3.60 29.95 4.85
CA GLU A 35 3.70 28.62 5.43
C GLU A 35 4.61 28.65 6.68
N VAL A 36 4.52 27.61 7.52
CA VAL A 36 5.42 27.48 8.68
C VAL A 36 5.93 26.05 8.84
N LEU A 37 7.06 25.91 9.54
CA LEU A 37 7.60 24.60 9.91
C LEU A 37 7.33 24.37 11.37
N LEU A 38 6.58 23.29 11.61
CA LEU A 38 6.10 22.93 12.94
C LEU A 38 6.93 21.79 13.51
N GLU A 39 7.37 21.96 14.76
CA GLU A 39 8.12 20.92 15.45
C GLU A 39 7.22 20.34 16.53
N ALA A 40 6.94 19.04 16.45
CA ALA A 40 6.10 18.40 17.46
C ALA A 40 6.79 18.48 18.83
N LEU A 41 6.00 18.86 19.86
CA LEU A 41 6.43 18.82 21.29
C LEU A 41 5.77 17.66 22.10
N PHE A 42 4.45 17.56 21.97
CA PHE A 42 3.61 16.53 22.62
C PHE A 42 2.69 15.96 21.54
N LEU A 43 2.53 14.65 21.50
CA LEU A 43 1.61 14.01 20.55
C LEU A 43 0.69 13.09 21.34
N THR A 44 -0.56 13.01 20.90
CA THR A 44 -1.54 12.15 21.52
C THR A 44 -1.71 10.87 20.73
N VAL A 45 -2.06 9.82 21.45
CA VAL A 45 -2.56 8.59 20.87
C VAL A 45 -3.98 8.45 21.50
N ASP A 46 -4.92 7.95 20.73
CA ASP A 46 -6.33 7.95 21.12
C ASP A 46 -7.00 6.71 20.53
N PRO A 47 -7.95 6.12 21.26
CA PRO A 47 -8.65 4.94 20.77
C PRO A 47 -9.27 5.08 19.38
N TYR A 48 -9.82 6.26 19.04
CA TYR A 48 -10.44 6.42 17.69
C TYR A 48 -9.44 6.07 16.60
N MET A 49 -8.15 6.25 16.84
CA MET A 49 -7.15 5.88 15.83
C MET A 49 -7.19 4.41 15.46
N ARG A 50 -7.62 3.56 16.38
CA ARG A 50 -7.69 2.14 16.05
C ARG A 50 -8.74 1.91 14.94
N VAL A 51 -9.82 2.65 15.00
CA VAL A 51 -10.92 2.52 14.05
C VAL A 51 -10.61 3.29 12.75
N ALA A 52 -10.18 4.53 12.88
CA ALA A 52 -9.90 5.37 11.72
C ALA A 52 -8.77 4.80 10.87
N ALA A 53 -7.88 4.04 11.51
CA ALA A 53 -6.79 3.40 10.78
C ALA A 53 -7.27 2.36 9.76
N LYS A 54 -8.46 1.80 9.96
CA LYS A 54 -9.05 0.89 8.98
C LYS A 54 -9.35 1.57 7.61
N ARG A 55 -9.48 2.89 7.60
CA ARG A 55 -9.76 3.63 6.35
C ARG A 55 -8.51 4.02 5.56
N LEU A 56 -7.33 3.80 6.13
CA LEU A 56 -6.11 4.23 5.50
C LEU A 56 -5.70 3.18 4.50
N LYS A 57 -4.82 3.55 3.57
CA LYS A 57 -4.14 2.59 2.70
C LYS A 57 -2.79 2.28 3.34
N GLU A 58 -2.31 1.06 3.18
CA GLU A 58 -0.99 0.70 3.69
C GLU A 58 0.07 1.65 3.10
N GLY A 59 0.95 2.16 3.96
CA GLY A 59 1.90 3.21 3.61
C GLY A 59 1.48 4.61 4.06
N ASP A 60 0.20 4.81 4.37
CA ASP A 60 -0.30 6.12 4.81
C ASP A 60 0.23 6.49 6.18
N THR A 61 0.25 7.79 6.45
CA THR A 61 0.64 8.30 7.77
C THR A 61 -0.46 8.10 8.82
N MET A 62 -0.09 7.69 10.03
CA MET A 62 -1.08 7.54 11.10
C MET A 62 -1.64 8.91 11.44
N MET A 63 -2.95 9.00 11.67
CA MET A 63 -3.59 10.29 11.97
C MET A 63 -3.43 10.64 13.43
N GLY A 64 -3.55 11.93 13.74
CA GLY A 64 -3.49 12.40 15.11
C GLY A 64 -3.07 13.85 15.31
N GLN A 65 -3.42 14.37 16.50
CA GLN A 65 -3.13 15.73 16.93
C GLN A 65 -1.83 15.82 17.75
N GLN A 66 -1.27 17.02 17.81
CA GLN A 66 -0.05 17.28 18.57
C GLN A 66 -0.04 18.73 19.00
N VAL A 67 0.71 19.02 20.04
CA VAL A 67 1.09 20.39 20.38
C VAL A 67 2.42 20.60 19.67
N ALA A 68 2.49 21.67 18.88
CA ALA A 68 3.70 22.00 18.11
C ALA A 68 4.12 23.42 18.37
N LYS A 69 5.40 23.65 18.13
CA LYS A 69 5.98 24.99 18.17
C LYS A 69 6.36 25.32 16.73
N VAL A 70 6.11 26.56 16.32
CA VAL A 70 6.59 27.07 15.02
C VAL A 70 8.11 27.33 15.12
N VAL A 71 8.91 26.61 14.31
CA VAL A 71 10.36 26.79 14.33
C VAL A 71 10.93 27.64 13.14
N GLU A 72 10.19 27.71 12.02
CA GLU A 72 10.51 28.64 10.91
C GLU A 72 9.21 29.13 10.29
N SER A 73 9.19 30.37 9.79
CA SER A 73 7.93 31.02 9.38
C SER A 73 8.02 32.07 8.25
N LYS A 74 7.12 31.97 7.27
CA LYS A 74 6.87 33.07 6.34
C LYS A 74 5.39 33.46 6.47
N ASN A 75 4.94 33.57 7.73
CA ASN A 75 3.53 33.86 8.04
C ASN A 75 3.55 34.77 9.26
N VAL A 76 3.06 36.00 9.06
CA VAL A 76 3.16 37.05 10.10
C VAL A 76 2.29 36.69 11.29
N ALA A 77 1.11 36.13 11.01
CA ALA A 77 0.17 35.69 12.04
C ALA A 77 0.77 34.61 12.92
N LEU A 78 1.84 33.98 12.44
CA LEU A 78 2.50 32.91 13.21
C LEU A 78 4.01 33.09 13.28
N PRO A 79 4.50 33.92 14.21
CA PRO A 79 5.96 34.05 14.38
C PRO A 79 6.63 32.78 14.96
N LYS A 80 7.97 32.68 14.89
CA LYS A 80 8.70 31.57 15.55
C LYS A 80 8.32 31.53 17.02
N GLY A 81 8.22 30.31 17.58
CA GLY A 81 8.00 30.15 19.03
C GLY A 81 6.53 30.11 19.40
N THR A 82 5.65 30.48 18.48
CA THR A 82 4.20 30.25 18.66
C THR A 82 3.90 28.76 18.89
N ILE A 83 3.10 28.49 19.92
CA ILE A 83 2.64 27.14 20.24
C ILE A 83 1.24 26.91 19.60
N VAL A 84 1.10 25.86 18.78
CA VAL A 84 -0.18 25.55 18.14
C VAL A 84 -0.62 24.11 18.37
N LEU A 85 -1.93 23.88 18.35
CA LEU A 85 -2.51 22.56 18.14
C LEU A 85 -2.58 22.30 16.64
N ALA A 86 -2.10 21.13 16.23
CA ALA A 86 -2.04 20.77 14.80
C ALA A 86 -2.29 19.28 14.63
N SER A 87 -2.83 18.90 13.46
CA SER A 87 -3.12 17.50 13.22
C SER A 87 -2.42 16.91 11.98
N PRO A 88 -1.09 16.99 11.95
CA PRO A 88 -0.40 16.47 10.78
C PRO A 88 -0.25 14.96 10.83
N GLY A 89 -0.73 14.31 11.90
CA GLY A 89 -0.51 12.88 12.07
C GLY A 89 0.77 12.60 12.85
N TRP A 90 1.24 11.36 12.83
CA TRP A 90 2.34 11.02 13.72
C TRP A 90 3.64 11.38 13.03
N THR A 91 4.03 12.65 13.16
CA THR A 91 5.23 13.15 12.50
C THR A 91 5.88 14.16 13.37
N THR A 92 7.22 14.16 13.38
CA THR A 92 7.98 15.08 14.25
C THR A 92 8.03 16.49 13.69
N HIS A 93 8.05 16.61 12.36
CA HIS A 93 8.12 17.90 11.69
C HIS A 93 7.12 18.00 10.53
N SER A 94 6.46 19.15 10.39
CA SER A 94 5.48 19.32 9.29
C SER A 94 5.30 20.78 8.85
N ILE A 95 4.77 20.91 7.63
CA ILE A 95 4.61 22.19 6.95
C ILE A 95 3.13 22.52 6.94
N SER A 96 2.75 23.69 7.47
CA SER A 96 1.36 24.15 7.42
C SER A 96 1.23 25.49 6.67
N ASP A 97 0.12 25.67 5.95
CA ASP A 97 -0.29 27.00 5.48
C ASP A 97 -0.95 27.86 6.58
N GLY A 98 -1.11 27.32 7.80
CA GLY A 98 -1.68 28.09 8.91
C GLY A 98 -3.19 28.01 9.05
N LYS A 99 -3.89 27.63 7.99
CA LYS A 99 -5.36 27.61 8.03
C LYS A 99 -5.92 26.50 8.95
N ASP A 100 -5.14 25.43 9.15
CA ASP A 100 -5.56 24.26 9.92
C ASP A 100 -5.08 24.28 11.40
N LEU A 101 -4.42 25.36 11.81
CA LEU A 101 -3.88 25.44 13.17
C LEU A 101 -4.81 26.09 14.17
N GLU A 102 -4.52 25.86 15.45
CA GLU A 102 -5.31 26.41 16.54
C GLU A 102 -4.34 26.87 17.62
N LYS A 103 -4.45 28.12 17.99
CA LYS A 103 -3.66 28.66 19.06
C LYS A 103 -4.39 28.32 20.34
N LEU A 104 -3.63 28.18 21.40
CA LEU A 104 -4.19 27.91 22.72
C LEU A 104 -5.05 29.05 23.23
N LEU A 105 -5.77 28.80 24.32
CA LEU A 105 -6.60 29.82 24.94
C LEU A 105 -5.69 30.92 25.46
N THR A 106 -6.09 32.18 25.37
CA THR A 106 -5.20 33.29 25.81
C THR A 106 -4.80 33.14 27.27
N GLU A 107 -5.80 32.86 28.10
CA GLU A 107 -5.64 32.71 29.56
C GLU A 107 -4.90 31.43 29.99
N TRP A 108 -4.37 30.68 29.03
CA TRP A 108 -3.57 29.49 29.30
C TRP A 108 -2.30 29.81 30.12
N PRO A 109 -2.29 29.47 31.42
CA PRO A 109 -1.15 29.80 32.26
C PRO A 109 0.00 28.85 32.07
N ASP A 110 1.19 29.28 32.48
CA ASP A 110 2.41 28.47 32.31
C ASP A 110 2.59 27.46 33.45
N THR A 111 1.60 27.40 34.36
CA THR A 111 1.60 26.48 35.50
C THR A 111 0.99 25.08 35.22
N ILE A 112 0.33 24.89 34.07
CA ILE A 112 -0.19 23.55 33.67
C ILE A 112 0.60 23.03 32.45
N PRO A 113 0.70 21.70 32.28
CA PRO A 113 1.46 21.24 31.11
C PRO A 113 0.78 21.61 29.79
N LEU A 114 1.57 21.86 28.74
CA LEU A 114 0.99 22.18 27.43
C LEU A 114 0.13 21.01 26.91
N SER A 115 0.45 19.82 27.37
CA SER A 115 -0.16 18.60 26.88
C SER A 115 -1.59 18.40 27.37
N LEU A 116 -2.06 19.20 28.31
CA LEU A 116 -3.45 19.15 28.71
C LEU A 116 -4.31 19.62 27.57
N ALA A 117 -3.67 20.34 26.65
CA ALA A 117 -4.29 20.78 25.42
C ALA A 117 -4.82 19.58 24.64
N LEU A 118 -4.22 18.41 24.86
CA LEU A 118 -4.61 17.16 24.22
C LEU A 118 -5.47 16.24 25.09
N GLY A 119 -5.80 16.71 26.30
CA GLY A 119 -6.47 15.92 27.29
C GLY A 119 -7.61 16.68 27.91
N THR A 120 -7.46 16.99 29.19
CA THR A 120 -8.57 17.56 29.95
C THR A 120 -8.98 18.96 29.46
N VAL A 121 -8.05 19.75 28.95
CA VAL A 121 -8.47 21.03 28.36
C VAL A 121 -8.33 20.88 26.83
N GLY A 122 -9.00 19.84 26.32
CA GLY A 122 -8.92 19.45 24.93
C GLY A 122 -9.99 18.42 24.59
N MET A 123 -9.74 17.64 23.53
CA MET A 123 -10.78 16.87 22.90
C MET A 123 -11.38 15.90 23.92
N PRO A 124 -10.55 15.13 24.64
CA PRO A 124 -11.11 14.21 25.60
C PRO A 124 -11.87 14.88 26.74
N GLY A 125 -11.42 16.06 27.17
CA GLY A 125 -12.17 16.86 28.13
C GLY A 125 -13.51 17.30 27.57
N LEU A 126 -13.52 17.70 26.30
CA LEU A 126 -14.75 18.14 25.68
C LEU A 126 -15.72 16.98 25.53
N THR A 127 -15.20 15.82 25.17
CA THR A 127 -16.03 14.63 25.04
C THR A 127 -16.77 14.35 26.34
N ALA A 128 -16.04 14.42 27.45
CA ALA A 128 -16.59 14.20 28.77
C ALA A 128 -17.66 15.24 29.05
N TYR A 129 -17.30 16.50 28.89
CA TYR A 129 -18.19 17.62 29.20
C TYR A 129 -19.49 17.51 28.42
N PHE A 130 -19.42 17.41 27.10
CA PHE A 130 -20.68 17.31 26.36
C PHE A 130 -21.42 15.98 26.51
N GLY A 131 -20.69 14.88 26.61
CA GLY A 131 -21.36 13.58 26.75
C GLY A 131 -22.18 13.53 28.02
N LEU A 132 -21.61 14.03 29.11
CA LEU A 132 -22.26 13.94 30.42
C LEU A 132 -23.31 14.99 30.64
N LEU A 133 -22.98 16.25 30.35
CA LEU A 133 -23.86 17.38 30.62
C LEU A 133 -25.01 17.56 29.61
N GLU A 134 -24.78 17.22 28.33
CA GLU A 134 -25.83 17.32 27.30
C GLU A 134 -26.42 15.98 26.85
N ILE A 135 -25.58 14.97 26.60
CA ILE A 135 -26.13 13.70 26.15
C ILE A 135 -26.79 12.91 27.29
N CYS A 136 -26.09 12.72 28.40
CA CYS A 136 -26.73 12.13 29.57
C CYS A 136 -27.71 13.14 30.19
N GLY A 137 -27.40 14.42 30.07
CA GLY A 137 -28.24 15.45 30.65
C GLY A 137 -28.22 15.44 32.16
N VAL A 138 -27.06 15.25 32.80
CA VAL A 138 -27.05 15.23 34.28
C VAL A 138 -27.48 16.59 34.88
N LYS A 139 -28.40 16.52 35.83
CA LYS A 139 -28.95 17.72 36.50
C LYS A 139 -28.33 17.97 37.88
N GLY A 140 -28.22 16.88 38.67
CA GLY A 140 -27.73 16.91 40.05
C GLY A 140 -28.48 15.91 40.90
N GLY A 141 -27.77 15.14 41.72
CA GLY A 141 -28.39 14.06 42.51
C GLY A 141 -28.52 12.70 41.84
N GLU A 142 -28.12 12.58 40.56
CA GLU A 142 -28.24 11.31 39.83
C GLU A 142 -27.10 10.37 40.15
N THR A 143 -27.35 9.08 39.99
CA THR A 143 -26.30 8.07 40.03
C THR A 143 -25.82 7.77 38.59
N VAL A 144 -24.53 8.03 38.36
CA VAL A 144 -23.88 7.90 37.08
C VAL A 144 -22.92 6.71 37.10
N MET A 145 -23.12 5.80 36.18
CA MET A 145 -22.19 4.72 35.93
C MET A 145 -21.26 5.12 34.77
N VAL A 146 -19.96 5.04 35.03
CA VAL A 146 -18.92 5.36 34.02
C VAL A 146 -17.84 4.29 34.02
N ASN A 147 -17.50 3.80 32.85
CA ASN A 147 -16.50 2.79 32.72
C ASN A 147 -15.28 3.44 32.07
N ALA A 148 -14.21 2.68 31.87
CA ALA A 148 -12.89 3.26 31.60
C ALA A 148 -12.68 4.50 32.46
N ALA A 149 -13.03 4.39 33.73
CA ALA A 149 -13.21 5.56 34.58
C ALA A 149 -11.89 6.22 35.01
N ALA A 150 -10.75 5.55 34.86
CA ALA A 150 -9.46 6.17 35.14
C ALA A 150 -8.81 6.69 33.86
N GLY A 151 -9.50 6.58 32.72
CA GLY A 151 -8.93 7.01 31.44
C GLY A 151 -9.18 8.47 31.20
N ALA A 152 -8.68 8.99 30.07
CA ALA A 152 -8.74 10.44 29.82
C ALA A 152 -10.17 11.00 29.90
N VAL A 153 -11.10 10.36 29.21
CA VAL A 153 -12.48 10.86 29.17
C VAL A 153 -13.20 10.54 30.48
N GLY A 154 -13.22 9.27 30.85
CA GLY A 154 -13.98 8.82 32.02
C GLY A 154 -13.55 9.44 33.35
N SER A 155 -12.24 9.70 33.51
CA SER A 155 -11.76 10.38 34.71
C SER A 155 -12.37 11.78 34.80
N VAL A 156 -12.50 12.44 33.66
CA VAL A 156 -13.13 13.75 33.61
C VAL A 156 -14.64 13.68 33.80
N VAL A 157 -15.28 12.65 33.26
CA VAL A 157 -16.72 12.49 33.44
C VAL A 157 -17.04 12.41 34.92
N GLY A 158 -16.31 11.56 35.61
CA GLY A 158 -16.54 11.31 37.03
C GLY A 158 -16.33 12.57 37.85
N GLN A 159 -15.30 13.33 37.54
CA GLN A 159 -15.01 14.53 38.33
C GLN A 159 -16.06 15.62 38.05
N ILE A 160 -16.41 15.81 36.77
CA ILE A 160 -17.49 16.73 36.44
C ILE A 160 -18.80 16.33 37.12
N ALA A 161 -19.07 15.04 37.17
CA ALA A 161 -20.28 14.55 37.82
C ALA A 161 -20.24 14.82 39.32
N LYS A 162 -19.07 14.64 39.94
CA LYS A 162 -18.94 14.89 41.38
C LYS A 162 -19.18 16.37 41.66
N LEU A 163 -18.59 17.25 40.87
CA LEU A 163 -18.72 18.68 41.17
C LEU A 163 -20.15 19.20 40.92
N LYS A 164 -20.91 18.51 40.07
CA LYS A 164 -22.35 18.75 39.92
C LYS A 164 -23.18 18.00 40.96
N GLY A 165 -22.54 17.31 41.91
CA GLY A 165 -23.30 16.68 43.00
C GLY A 165 -24.02 15.39 42.64
N CYS A 166 -23.42 14.58 41.78
CA CYS A 166 -23.91 13.24 41.43
C CYS A 166 -23.14 12.18 42.17
N LYS A 167 -23.76 11.02 42.37
CA LYS A 167 -23.06 9.82 42.82
C LYS A 167 -22.43 9.12 41.62
N VAL A 168 -21.17 8.72 41.75
CA VAL A 168 -20.42 8.15 40.64
C VAL A 168 -19.96 6.75 40.99
N VAL A 169 -20.29 5.81 40.12
CA VAL A 169 -19.81 4.45 40.20
C VAL A 169 -18.92 4.25 38.99
N GLY A 170 -17.66 3.90 39.23
CA GLY A 170 -16.68 3.76 38.19
C GLY A 170 -16.11 2.37 38.13
N ALA A 171 -15.85 1.91 36.91
CA ALA A 171 -15.22 0.62 36.68
C ALA A 171 -13.88 0.88 36.03
N VAL A 172 -12.85 0.14 36.46
CA VAL A 172 -11.51 0.25 35.89
C VAL A 172 -10.90 -1.13 35.83
N GLY A 173 -9.76 -1.25 35.14
CA GLY A 173 -9.14 -2.55 34.93
C GLY A 173 -7.96 -2.92 35.84
N SER A 174 -7.64 -2.07 36.83
CA SER A 174 -6.55 -2.37 37.78
C SER A 174 -6.81 -1.83 39.20
N ASP A 175 -6.17 -2.47 40.19
CA ASP A 175 -6.28 -2.01 41.58
C ASP A 175 -5.65 -0.65 41.76
N GLU A 176 -4.60 -0.36 40.98
CA GLU A 176 -3.97 0.96 41.03
C GLU A 176 -4.95 2.05 40.63
N LYS A 177 -5.77 1.79 39.61
CA LYS A 177 -6.78 2.76 39.16
C LYS A 177 -7.92 2.88 40.17
N VAL A 178 -8.29 1.76 40.77
CA VAL A 178 -9.29 1.76 41.84
C VAL A 178 -8.86 2.75 42.91
N ALA A 179 -7.66 2.59 43.43
CA ALA A 179 -7.19 3.40 44.55
C ALA A 179 -7.06 4.86 44.14
N TYR A 180 -6.62 5.12 42.92
CA TYR A 180 -6.51 6.49 42.47
C TYR A 180 -7.87 7.16 42.40
N LEU A 181 -8.87 6.44 41.87
CA LEU A 181 -10.20 7.07 41.76
C LEU A 181 -10.89 7.22 43.13
N GLN A 182 -10.65 6.29 44.04
CA GLN A 182 -11.19 6.46 45.40
C GLN A 182 -10.59 7.69 46.06
N LYS A 183 -9.27 7.83 45.95
CA LYS A 183 -8.59 9.01 46.49
C LYS A 183 -9.21 10.26 45.92
N LEU A 184 -9.54 10.23 44.63
CA LEU A 184 -10.23 11.33 43.98
C LEU A 184 -11.59 11.65 44.59
N GLY A 185 -12.25 10.66 45.17
CA GLY A 185 -13.55 10.88 45.81
C GLY A 185 -14.75 10.25 45.12
N PHE A 186 -14.53 9.41 44.10
CA PHE A 186 -15.66 8.73 43.47
C PHE A 186 -16.30 7.86 44.53
N ASP A 187 -17.63 7.82 44.56
CA ASP A 187 -18.37 7.09 45.60
C ASP A 187 -18.11 5.58 45.63
N VAL A 188 -18.11 4.93 44.46
CA VAL A 188 -17.78 3.50 44.36
C VAL A 188 -16.87 3.31 43.15
N VAL A 189 -15.82 2.52 43.31
CA VAL A 189 -14.89 2.17 42.25
C VAL A 189 -14.50 0.73 42.44
N PHE A 190 -14.52 -0.03 41.36
CA PHE A 190 -14.21 -1.45 41.38
C PHE A 190 -13.42 -1.85 40.14
N ASN A 191 -12.76 -3.00 40.22
CA ASN A 191 -11.93 -3.52 39.17
C ASN A 191 -12.79 -4.57 38.48
N TYR A 192 -13.21 -4.27 37.26
CA TYR A 192 -14.08 -5.18 36.53
C TYR A 192 -13.40 -6.49 36.12
N LYS A 193 -12.08 -6.56 36.19
CA LYS A 193 -11.37 -7.80 35.85
C LYS A 193 -11.34 -8.80 37.01
N THR A 194 -11.59 -8.35 38.24
CA THR A 194 -11.42 -9.21 39.40
C THR A 194 -12.70 -9.43 40.25
N VAL A 195 -13.75 -8.64 40.06
CA VAL A 195 -14.94 -8.86 40.88
C VAL A 195 -15.53 -10.21 40.51
N GLU A 196 -16.19 -10.86 41.45
CA GLU A 196 -16.77 -12.18 41.16
C GLU A 196 -17.90 -12.09 40.14
N SER A 197 -18.80 -11.13 40.32
CA SER A 197 -19.89 -10.92 39.36
C SER A 197 -20.09 -9.43 39.11
N LEU A 198 -20.02 -9.06 37.84
CA LEU A 198 -20.21 -7.68 37.46
C LEU A 198 -21.60 -7.27 37.91
N GLU A 199 -22.57 -8.13 37.63
CA GLU A 199 -23.97 -7.83 37.94
C GLU A 199 -24.16 -7.55 39.42
N GLU A 200 -23.58 -8.41 40.25
CA GLU A 200 -23.75 -8.28 41.70
C GLU A 200 -23.02 -7.06 42.20
N THR A 201 -21.84 -6.80 41.65
CA THR A 201 -21.08 -5.63 42.06
C THR A 201 -21.82 -4.36 41.74
N LEU A 202 -22.38 -4.31 40.52
CA LEU A 202 -23.16 -3.14 40.11
C LEU A 202 -24.39 -2.96 40.98
N LYS A 203 -25.00 -4.07 41.37
CA LYS A 203 -26.16 -4.02 42.26
C LYS A 203 -25.78 -3.50 43.65
N LYS A 204 -24.67 -3.99 44.20
CA LYS A 204 -24.20 -3.51 45.51
C LYS A 204 -23.81 -2.04 45.46
N ALA A 205 -23.20 -1.64 44.35
CA ALA A 205 -22.78 -0.26 44.18
C ALA A 205 -23.97 0.71 44.17
N SER A 206 -25.10 0.29 43.59
CA SER A 206 -26.30 1.09 43.55
C SER A 206 -27.51 0.18 43.50
N PRO A 207 -28.04 -0.18 44.68
CA PRO A 207 -29.25 -1.01 44.76
C PRO A 207 -30.44 -0.45 43.97
N ASP A 208 -30.61 0.86 43.95
CA ASP A 208 -31.73 1.51 43.24
C ASP A 208 -31.52 1.63 41.70
N GLY A 209 -30.33 1.27 41.22
CA GLY A 209 -30.01 1.31 39.78
C GLY A 209 -29.36 2.62 39.35
N TYR A 210 -29.31 2.82 38.03
CA TYR A 210 -28.56 3.94 37.46
C TYR A 210 -29.41 4.88 36.61
N ASP A 211 -29.27 6.19 36.84
CA ASP A 211 -29.94 7.21 36.06
C ASP A 211 -29.24 7.40 34.72
N CYS A 212 -27.90 7.40 34.74
CA CYS A 212 -27.08 7.69 33.59
C CYS A 212 -25.90 6.71 33.43
N TYR A 213 -25.58 6.42 32.18
CA TYR A 213 -24.49 5.53 31.84
C TYR A 213 -23.68 6.23 30.76
N PHE A 214 -22.48 6.64 31.13
CA PHE A 214 -21.52 7.21 30.22
C PHE A 214 -20.66 6.02 29.77
N ASP A 215 -20.97 5.50 28.59
CA ASP A 215 -20.39 4.24 28.15
C ASP A 215 -19.23 4.50 27.18
N ASN A 216 -18.04 4.09 27.62
CA ASN A 216 -16.81 4.07 26.83
C ASN A 216 -16.47 2.70 26.31
N VAL A 217 -17.22 1.69 26.73
CA VAL A 217 -16.74 0.29 26.54
C VAL A 217 -17.56 -0.61 25.62
N GLY A 218 -18.88 -0.58 25.78
CA GLY A 218 -19.79 -1.37 24.97
C GLY A 218 -19.69 -2.86 25.24
N GLY A 219 -20.17 -3.67 24.29
CA GLY A 219 -20.12 -5.13 24.42
C GLY A 219 -20.85 -5.64 25.64
N GLU A 220 -20.39 -6.77 26.17
CA GLU A 220 -20.99 -7.48 27.31
C GLU A 220 -21.06 -6.67 28.58
N PHE A 221 -20.05 -5.86 28.83
CA PHE A 221 -20.11 -4.96 29.98
C PHE A 221 -21.38 -4.10 29.94
N SER A 222 -21.70 -3.54 28.79
CA SER A 222 -22.88 -2.68 28.65
C SER A 222 -24.18 -3.47 28.74
N ASN A 223 -24.17 -4.69 28.25
CA ASN A 223 -25.33 -5.56 28.30
C ASN A 223 -25.74 -5.74 29.74
N THR A 224 -24.76 -5.96 30.61
CA THR A 224 -24.96 -6.05 32.04
C THR A 224 -25.42 -4.76 32.68
N VAL A 225 -24.77 -3.63 32.38
CA VAL A 225 -25.21 -2.34 32.93
C VAL A 225 -26.66 -2.00 32.52
N ILE A 226 -27.01 -2.28 31.28
CA ILE A 226 -28.35 -2.03 30.79
C ILE A 226 -29.41 -2.75 31.67
N GLY A 227 -29.09 -3.94 32.17
CA GLY A 227 -29.97 -4.62 33.10
C GLY A 227 -30.18 -3.91 34.43
N GLN A 228 -29.42 -2.85 34.70
CA GLN A 228 -29.60 -2.11 35.96
C GLN A 228 -29.85 -0.62 35.78
N MET A 229 -30.20 -0.20 34.57
CA MET A 229 -30.62 1.17 34.35
C MET A 229 -32.01 1.37 34.97
N LYS A 230 -32.25 2.54 35.53
CA LYS A 230 -33.59 2.93 35.95
C LYS A 230 -34.47 3.21 34.74
N LYS A 231 -35.78 3.16 34.95
CA LYS A 231 -36.75 3.50 33.92
C LYS A 231 -36.41 4.88 33.38
N PHE A 232 -36.50 5.03 32.06
CA PHE A 232 -36.11 6.25 31.37
C PHE A 232 -34.64 6.58 31.51
N GLY A 233 -33.82 5.62 31.86
CA GLY A 233 -32.39 5.89 31.98
C GLY A 233 -31.77 6.35 30.68
N ARG A 234 -30.72 7.16 30.79
CA ARG A 234 -30.05 7.72 29.62
C ARG A 234 -28.64 7.18 29.48
N ILE A 235 -28.34 6.66 28.30
CA ILE A 235 -27.04 6.12 28.01
C ILE A 235 -26.40 7.05 26.99
N ALA A 236 -25.23 7.58 27.33
CA ALA A 236 -24.41 8.26 26.30
C ALA A 236 -23.43 7.24 25.74
N ILE A 237 -23.56 6.96 24.45
CA ILE A 237 -22.66 6.09 23.72
C ILE A 237 -21.52 6.91 23.19
N CYS A 238 -20.46 6.91 23.98
CA CYS A 238 -19.30 7.72 23.72
C CYS A 238 -18.30 6.86 22.96
N GLY A 239 -18.08 5.64 23.42
CA GLY A 239 -17.19 4.71 22.74
C GLY A 239 -17.55 3.27 23.03
N ALA A 240 -16.82 2.36 22.42
CA ALA A 240 -17.07 0.92 22.57
C ALA A 240 -15.74 0.22 22.47
N ILE A 241 -14.82 0.58 23.33
CA ILE A 241 -13.43 0.17 23.16
C ILE A 241 -13.24 -1.37 23.24
N SER A 242 -14.15 -2.08 23.90
CA SER A 242 -14.06 -3.55 23.96
C SER A 242 -14.26 -4.21 22.62
N THR A 243 -14.81 -3.50 21.64
CA THR A 243 -14.98 -4.02 20.28
C THR A 243 -13.90 -3.58 19.28
N TYR A 244 -13.12 -2.54 19.57
CA TYR A 244 -12.24 -1.98 18.52
C TYR A 244 -11.13 -2.93 18.08
N ASN A 245 -10.67 -3.78 18.99
CA ASN A 245 -9.58 -4.70 18.70
C ASN A 245 -10.06 -6.16 18.69
N ARG A 246 -11.38 -6.38 18.64
CA ARG A 246 -11.97 -7.73 18.78
CA ARG A 246 -11.95 -7.72 18.80
C ARG A 246 -11.87 -8.51 17.48
N THR A 247 -11.47 -9.78 17.57
CA THR A 247 -11.23 -10.59 16.37
C THR A 247 -12.53 -11.06 15.68
N GLY A 248 -13.40 -11.75 16.40
CA GLY A 248 -14.60 -12.31 15.75
C GLY A 248 -15.68 -11.31 15.33
N PRO A 249 -16.94 -11.78 15.23
CA PRO A 249 -18.11 -10.91 15.23
C PRO A 249 -18.38 -10.30 16.63
N LEU A 250 -19.18 -9.26 16.66
CA LEU A 250 -19.51 -8.55 17.89
C LEU A 250 -20.16 -9.48 18.89
N PRO A 251 -20.11 -9.13 20.17
CA PRO A 251 -20.87 -9.94 21.13
C PRO A 251 -22.38 -9.73 20.97
N PRO A 252 -23.19 -10.59 21.60
CA PRO A 252 -24.64 -10.36 21.54
C PRO A 252 -25.01 -8.95 21.95
N GLY A 253 -26.03 -8.40 21.31
CA GLY A 253 -26.62 -7.12 21.72
C GLY A 253 -27.34 -7.25 23.05
N PRO A 254 -27.83 -6.13 23.61
CA PRO A 254 -28.57 -6.10 24.88
C PRO A 254 -29.97 -6.74 24.82
N PRO A 255 -30.47 -7.26 25.96
CA PRO A 255 -31.78 -7.91 25.95
C PRO A 255 -32.89 -6.89 25.63
N PRO A 256 -33.58 -7.08 24.50
CA PRO A 256 -34.55 -6.12 24.01
C PRO A 256 -35.68 -5.85 24.98
N GLU A 257 -36.14 -6.89 25.67
CA GLU A 257 -37.23 -6.77 26.62
C GLU A 257 -36.85 -5.81 27.74
N ILE A 258 -35.58 -5.78 28.13
CA ILE A 258 -35.15 -4.89 29.20
C ILE A 258 -35.02 -3.46 28.72
N VAL A 259 -34.43 -3.29 27.54
CA VAL A 259 -34.31 -1.99 26.92
C VAL A 259 -35.69 -1.38 26.71
N ILE A 260 -36.65 -2.19 26.29
CA ILE A 260 -38.01 -1.69 26.05
C ILE A 260 -38.75 -1.37 27.34
N TYR A 261 -38.82 -2.34 28.24
CA TYR A 261 -39.51 -2.17 29.54
C TYR A 261 -38.94 -1.04 30.40
N GLN A 262 -37.62 -0.84 30.36
CA GLN A 262 -37.01 0.29 31.09
C GLN A 262 -37.01 1.58 30.28
N GLU A 263 -37.53 1.53 29.06
CA GLU A 263 -37.75 2.71 28.23
C GLU A 263 -36.49 3.55 28.11
N LEU A 264 -35.38 2.90 27.76
CA LEU A 264 -34.08 3.57 27.72
C LEU A 264 -33.90 4.47 26.50
N ARG A 265 -33.19 5.56 26.72
CA ARG A 265 -32.74 6.48 25.69
C ARG A 265 -31.24 6.31 25.54
N MET A 266 -30.79 6.08 24.32
CA MET A 266 -29.38 5.83 24.05
C MET A 266 -28.96 6.64 22.86
N GLU A 267 -27.99 7.52 23.07
CA GLU A 267 -27.54 8.40 22.04
C GLU A 267 -26.03 8.39 21.93
N ALA A 268 -25.55 8.22 20.70
CA ALA A 268 -24.14 8.29 20.39
C ALA A 268 -23.82 9.70 19.92
N PHE A 269 -22.60 10.15 20.18
CA PHE A 269 -22.17 11.48 19.75
C PHE A 269 -20.72 11.46 19.34
N VAL A 270 -20.34 12.47 18.57
CA VAL A 270 -18.92 12.72 18.27
C VAL A 270 -18.60 14.13 18.76
N VAL A 271 -17.51 14.28 19.49
CA VAL A 271 -17.12 15.53 20.18
C VAL A 271 -17.06 16.74 19.24
N TYR A 272 -16.63 16.51 18.01
CA TYR A 272 -16.48 17.58 17.04
C TYR A 272 -17.82 18.22 16.61
N ARG A 273 -18.93 17.60 16.98
CA ARG A 273 -20.26 18.22 16.88
C ARG A 273 -20.32 19.64 17.46
N TRP A 274 -19.73 19.82 18.65
CA TRP A 274 -19.81 21.12 19.35
C TRP A 274 -18.66 22.04 18.93
N GLN A 275 -19.01 23.18 18.32
CA GLN A 275 -18.03 24.09 17.77
C GLN A 275 -18.30 25.51 18.27
N GLY A 276 -17.49 26.47 17.81
CA GLY A 276 -17.71 27.89 18.08
C GLY A 276 -17.86 28.22 19.56
N ASP A 277 -18.86 29.04 19.87
CA ASP A 277 -19.06 29.54 21.23
C ASP A 277 -19.28 28.44 22.25
N ALA A 278 -20.16 27.50 21.93
CA ALA A 278 -20.42 26.34 22.79
C ALA A 278 -19.13 25.60 23.17
N ARG A 279 -18.24 25.43 22.21
CA ARG A 279 -16.98 24.75 22.42
C ARG A 279 -16.03 25.61 23.24
N GLN A 280 -15.90 26.87 22.85
CA GLN A 280 -15.04 27.80 23.58
C GLN A 280 -15.44 27.92 25.07
N LYS A 281 -16.73 28.10 25.35
CA LYS A 281 -17.22 28.09 26.73
C LYS A 281 -16.85 26.80 27.46
N ALA A 282 -16.95 25.66 26.78
CA ALA A 282 -16.67 24.38 27.44
C ALA A 282 -15.22 24.35 27.84
N LEU A 283 -14.34 24.79 26.92
CA LEU A 283 -12.89 24.80 27.17
C LEU A 283 -12.54 25.72 28.35
N LYS A 284 -13.11 26.91 28.35
CA LYS A 284 -12.90 27.85 29.46
C LYS A 284 -13.42 27.26 30.77
N ASP A 285 -14.56 26.55 30.75
CA ASP A 285 -15.04 25.89 31.98
C ASP A 285 -14.07 24.82 32.48
N LEU A 286 -13.48 24.05 31.55
CA LEU A 286 -12.58 22.96 31.90
C LEU A 286 -11.29 23.53 32.49
N LEU A 287 -10.71 24.52 31.81
CA LEU A 287 -9.50 25.19 32.31
C LEU A 287 -9.78 25.77 33.70
N LYS A 288 -10.83 26.56 33.84
CA LYS A 288 -11.26 27.07 35.16
C LYS A 288 -11.23 25.95 36.17
N TRP A 289 -12.01 24.91 35.93
CA TRP A 289 -12.10 23.81 36.90
C TRP A 289 -10.76 23.21 37.26
N VAL A 290 -9.86 23.09 36.29
CA VAL A 290 -8.55 22.55 36.59
C VAL A 290 -7.78 23.55 37.46
N LEU A 291 -7.81 24.84 37.09
CA LEU A 291 -7.14 25.86 37.91
C LEU A 291 -7.66 25.90 39.35
N GLU A 292 -8.94 25.56 39.55
CA GLU A 292 -9.55 25.56 40.89
C GLU A 292 -9.37 24.27 41.66
N GLY A 293 -8.74 23.27 41.06
CA GLY A 293 -8.56 21.95 41.70
C GLY A 293 -9.81 21.09 41.76
N LYS A 294 -10.91 21.54 41.14
CA LYS A 294 -12.13 20.74 41.10
C LYS A 294 -11.98 19.57 40.13
N ILE A 295 -11.05 19.71 39.18
CA ILE A 295 -10.65 18.63 38.31
C ILE A 295 -9.15 18.48 38.39
N GLN A 296 -8.70 17.37 38.95
CA GLN A 296 -7.29 17.06 38.99
CA GLN A 296 -7.29 17.06 38.99
C GLN A 296 -6.90 16.38 37.69
N TYR A 297 -5.64 16.51 37.33
CA TYR A 297 -5.15 15.87 36.13
C TYR A 297 -4.05 14.90 36.49
N LYS A 298 -4.00 13.82 35.74
CA LYS A 298 -2.80 13.02 35.70
C LYS A 298 -2.56 12.58 34.26
N GLU A 299 -1.29 12.46 33.91
CA GLU A 299 -0.92 12.09 32.58
C GLU A 299 -0.07 10.87 32.65
N TYR A 300 -0.07 10.15 31.54
CA TYR A 300 0.69 8.94 31.43
C TYR A 300 1.59 9.21 30.24
N ILE A 301 2.84 9.61 30.54
CA ILE A 301 3.73 10.17 29.55
C ILE A 301 4.71 9.11 29.09
N ILE A 302 4.84 8.96 27.78
CA ILE A 302 5.81 8.05 27.18
C ILE A 302 6.81 8.96 26.46
N GLU A 303 8.09 8.65 26.65
CA GLU A 303 9.16 9.50 26.20
C GLU A 303 9.72 8.96 24.89
N GLY A 304 9.75 9.83 23.87
CA GLY A 304 10.39 9.48 22.62
C GLY A 304 9.39 9.09 21.53
N PHE A 305 9.43 9.86 20.45
CA PHE A 305 8.58 9.68 19.31
C PHE A 305 8.66 8.27 18.76
N GLU A 306 9.83 7.65 18.90
CA GLU A 306 10.10 6.29 18.46
C GLU A 306 9.33 5.23 19.23
N ASN A 307 8.77 5.61 20.38
CA ASN A 307 7.92 4.71 21.16
C ASN A 307 6.44 5.02 20.97
N MET A 308 6.08 5.78 19.93
CA MET A 308 4.68 6.20 19.79
C MET A 308 3.76 5.00 19.58
N PRO A 309 4.17 4.03 18.75
CA PRO A 309 3.37 2.84 18.59
C PRO A 309 3.14 2.10 19.92
N ALA A 310 4.21 1.97 20.70
CA ALA A 310 4.10 1.32 21.98
C ALA A 310 3.12 2.05 22.90
N ALA A 311 3.10 3.37 22.82
CA ALA A 311 2.23 4.18 23.68
C ALA A 311 0.75 3.96 23.31
N PHE A 312 0.51 3.82 22.02
CA PHE A 312 -0.81 3.60 21.46
C PHE A 312 -1.28 2.22 21.88
N MET A 313 -0.44 1.23 21.65
CA MET A 313 -0.76 -0.15 22.00
C MET A 313 -1.04 -0.37 23.48
N GLY A 314 -0.32 0.32 24.36
CA GLY A 314 -0.45 0.12 25.78
C GLY A 314 -1.73 0.73 26.28
N MET A 315 -2.06 1.92 25.77
CA MET A 315 -3.34 2.54 26.09
C MET A 315 -4.53 1.64 25.70
N LEU A 316 -4.50 1.07 24.51
CA LEU A 316 -5.58 0.18 24.10
C LEU A 316 -5.63 -1.02 25.02
N LYS A 317 -4.48 -1.46 25.50
CA LYS A 317 -4.40 -2.55 26.47
C LYS A 317 -4.54 -2.14 27.93
N GLY A 318 -4.79 -0.86 28.23
CA GLY A 318 -5.05 -0.49 29.63
C GLY A 318 -3.85 -0.13 30.51
N ASP A 319 -2.68 0.09 29.92
CA ASP A 319 -1.50 0.53 30.70
C ASP A 319 -1.69 1.88 31.38
N ASN A 320 -2.41 2.78 30.74
CA ASN A 320 -2.41 4.16 31.14
C ASN A 320 -3.35 4.50 32.27
N LEU A 321 -2.90 5.41 33.13
CA LEU A 321 -3.74 6.09 34.11
C LEU A 321 -3.76 7.56 33.70
N GLY A 322 -4.93 8.12 33.43
CA GLY A 322 -5.00 9.46 32.84
C GLY A 322 -4.62 9.43 31.35
N LYS A 323 -4.51 10.61 30.75
CA LYS A 323 -4.28 10.75 29.32
C LYS A 323 -2.89 10.30 28.87
N THR A 324 -2.88 9.42 27.88
CA THR A 324 -1.68 8.92 27.23
C THR A 324 -1.13 10.01 26.32
N ILE A 325 0.10 10.44 26.61
CA ILE A 325 0.82 11.45 25.85
C ILE A 325 2.21 10.95 25.51
N VAL A 326 2.67 11.24 24.30
CA VAL A 326 4.04 10.97 23.92
C VAL A 326 4.81 12.29 23.96
N LYS A 327 5.92 12.32 24.71
CA LYS A 327 6.78 13.51 24.75
C LYS A 327 7.90 13.36 23.71
N ALA A 328 7.94 14.32 22.80
CA ALA A 328 8.95 14.33 21.74
C ALA A 328 10.28 14.83 22.28
N SER B 1 -8.32 27.84 -4.16
CA SER B 1 -8.84 26.50 -4.54
C SER B 1 -9.62 26.57 -5.87
N MET B 2 -8.97 26.15 -6.96
CA MET B 2 -9.55 26.34 -8.28
C MET B 2 -9.88 25.01 -8.95
N THR B 3 -10.78 25.05 -9.93
CA THR B 3 -11.04 23.94 -10.83
C THR B 3 -11.24 24.39 -12.26
N LYS B 4 -10.92 23.50 -13.19
CA LYS B 4 -11.25 23.67 -14.60
C LYS B 4 -12.36 22.69 -15.00
N THR B 5 -13.32 23.17 -15.78
CA THR B 5 -14.53 22.45 -16.12
C THR B 5 -14.87 22.59 -17.60
N TRP B 6 -15.10 21.47 -18.27
CA TRP B 6 -15.59 21.47 -19.65
C TRP B 6 -17.11 21.51 -19.63
N THR B 7 -17.70 22.56 -20.20
CA THR B 7 -19.13 22.74 -20.29
C THR B 7 -19.62 22.61 -21.77
N LEU B 8 -20.90 22.28 -21.91
CA LEU B 8 -21.56 22.19 -23.21
C LEU B 8 -21.99 23.58 -23.61
N LYS B 9 -21.32 24.13 -24.62
CA LYS B 9 -21.66 25.48 -25.10
C LYS B 9 -22.89 25.42 -26.00
N LYS B 10 -23.00 24.39 -26.83
CA LYS B 10 -24.16 24.27 -27.71
C LYS B 10 -24.49 22.81 -27.97
N HIS B 11 -25.77 22.52 -28.09
CA HIS B 11 -26.22 21.15 -28.35
C HIS B 11 -25.64 20.61 -29.65
N PHE B 12 -25.27 19.34 -29.65
CA PHE B 12 -24.58 18.77 -30.80
C PHE B 12 -25.54 18.64 -31.97
N VAL B 13 -24.97 18.73 -33.16
CA VAL B 13 -25.70 18.53 -34.42
C VAL B 13 -24.73 17.73 -35.28
N GLY B 14 -25.05 16.47 -35.51
CA GLY B 14 -24.06 15.55 -36.04
C GLY B 14 -22.99 15.29 -34.99
N TYR B 15 -21.78 14.97 -35.43
CA TYR B 15 -20.67 14.83 -34.51
C TYR B 15 -20.46 16.12 -33.72
N PRO B 16 -20.07 15.99 -32.43
CA PRO B 16 -19.59 17.19 -31.77
C PRO B 16 -18.38 17.78 -32.53
N THR B 17 -18.24 19.09 -32.45
CA THR B 17 -17.06 19.82 -32.91
C THR B 17 -16.49 20.64 -31.73
N ASN B 18 -15.26 21.15 -31.87
CA ASN B 18 -14.64 21.97 -30.80
C ASN B 18 -15.50 23.11 -30.28
N SER B 19 -16.26 23.76 -31.16
CA SER B 19 -17.02 24.94 -30.75
C SER B 19 -18.27 24.64 -29.91
N ASP B 20 -18.62 23.36 -29.77
CA ASP B 20 -19.74 22.97 -28.93
C ASP B 20 -19.34 22.91 -27.44
N PHE B 21 -18.04 22.90 -27.18
CA PHE B 21 -17.49 22.84 -25.83
C PHE B 21 -16.81 24.14 -25.40
N GLU B 22 -16.91 24.46 -24.11
CA GLU B 22 -16.25 25.63 -23.53
C GLU B 22 -15.61 25.30 -22.18
N LEU B 23 -14.30 25.52 -22.11
CA LEU B 23 -13.53 25.41 -20.88
C LEU B 23 -13.76 26.63 -20.00
N LYS B 24 -14.18 26.39 -18.77
CA LYS B 24 -14.31 27.46 -17.78
C LYS B 24 -13.46 27.15 -16.55
N THR B 25 -12.84 28.21 -16.01
CA THR B 25 -12.07 28.13 -14.76
C THR B 25 -12.97 28.72 -13.67
N SER B 26 -12.90 28.14 -12.47
CA SER B 26 -13.85 28.44 -11.43
C SER B 26 -13.20 28.36 -10.04
N GLU B 27 -13.76 29.07 -9.06
CA GLU B 27 -13.31 28.96 -7.66
C GLU B 27 -14.29 28.09 -6.87
N LEU B 28 -13.75 27.14 -6.10
CA LEU B 28 -14.56 26.32 -5.19
C LEU B 28 -14.55 26.92 -3.77
N PRO B 29 -15.67 26.82 -3.04
CA PRO B 29 -15.72 27.29 -1.65
C PRO B 29 -14.90 26.39 -0.69
N PRO B 30 -14.75 26.81 0.58
CA PRO B 30 -13.99 25.94 1.49
C PRO B 30 -14.79 24.69 1.85
N LEU B 31 -14.10 23.61 2.21
CA LEU B 31 -14.79 22.39 2.66
C LEU B 31 -15.62 22.64 3.92
N LYS B 32 -16.82 22.09 3.94
CA LYS B 32 -17.60 21.95 5.17
C LYS B 32 -17.31 20.59 5.83
N ASN B 33 -17.65 20.49 7.11
CA ASN B 33 -17.42 19.28 7.85
C ASN B 33 -18.12 18.11 7.16
N GLY B 34 -17.38 17.01 6.98
CA GLY B 34 -17.90 15.83 6.26
C GLY B 34 -17.60 15.80 4.77
N GLU B 35 -17.08 16.89 4.22
CA GLU B 35 -16.78 16.95 2.78
C GLU B 35 -15.31 16.66 2.49
N VAL B 36 -15.05 16.30 1.23
CA VAL B 36 -13.67 16.16 0.75
C VAL B 36 -13.46 16.89 -0.56
N LEU B 37 -12.20 17.21 -0.86
CA LEU B 37 -11.82 17.85 -2.12
C LEU B 37 -11.17 16.79 -2.96
N LEU B 38 -11.71 16.61 -4.17
CA LEU B 38 -11.25 15.55 -5.07
C LEU B 38 -10.45 16.12 -6.22
N GLU B 39 -9.34 15.49 -6.53
CA GLU B 39 -8.53 15.85 -7.68
C GLU B 39 -8.59 14.72 -8.67
N ALA B 40 -9.00 15.02 -9.89
CA ALA B 40 -9.11 14.00 -10.92
C ALA B 40 -7.72 13.52 -11.31
N LEU B 41 -7.58 12.21 -11.41
CA LEU B 41 -6.36 11.57 -11.87
C LEU B 41 -6.54 11.04 -13.29
N PHE B 42 -7.64 10.32 -13.53
CA PHE B 42 -8.03 9.85 -14.86
C PHE B 42 -9.52 10.08 -15.02
N LEU B 43 -9.93 10.57 -16.21
CA LEU B 43 -11.33 10.81 -16.54
C LEU B 43 -11.69 9.99 -17.76
N THR B 44 -12.95 9.57 -17.84
CA THR B 44 -13.44 8.76 -18.95
C THR B 44 -14.27 9.59 -19.88
N VAL B 45 -14.25 9.23 -21.16
CA VAL B 45 -15.24 9.68 -22.10
C VAL B 45 -15.92 8.44 -22.68
N ASP B 46 -17.20 8.54 -22.98
CA ASP B 46 -18.03 7.35 -23.27
C ASP B 46 -19.16 7.70 -24.24
N PRO B 47 -19.57 6.72 -25.04
CA PRO B 47 -20.63 7.00 -26.00
C PRO B 47 -21.93 7.54 -25.42
N TYR B 48 -22.32 7.12 -24.20
CA TYR B 48 -23.59 7.59 -23.63
C TYR B 48 -23.63 9.10 -23.51
N MET B 49 -22.48 9.72 -23.41
CA MET B 49 -22.43 11.19 -23.26
C MET B 49 -22.99 11.92 -24.49
N ARG B 50 -22.78 11.35 -25.67
CA ARG B 50 -23.33 11.92 -26.90
C ARG B 50 -24.86 11.91 -26.86
N VAL B 51 -25.43 10.88 -26.27
CA VAL B 51 -26.88 10.78 -26.13
C VAL B 51 -27.38 11.61 -24.97
N ALA B 52 -26.74 11.49 -23.80
CA ALA B 52 -27.26 12.13 -22.59
C ALA B 52 -27.17 13.65 -22.64
N ALA B 53 -26.19 14.19 -23.40
CA ALA B 53 -25.98 15.65 -23.52
C ALA B 53 -27.24 16.42 -23.92
N LYS B 54 -28.17 15.74 -24.58
CA LYS B 54 -29.46 16.33 -24.95
C LYS B 54 -30.30 16.79 -23.74
N ARG B 55 -30.09 16.17 -22.60
CA ARG B 55 -30.79 16.57 -21.38
C ARG B 55 -30.16 17.81 -20.71
N LEU B 56 -28.92 18.15 -21.02
CA LEU B 56 -28.26 19.31 -20.40
C LEU B 56 -28.85 20.65 -20.87
N LYS B 57 -28.72 21.68 -20.04
CA LYS B 57 -28.95 23.05 -20.49
C LYS B 57 -27.60 23.55 -20.99
N GLU B 58 -27.62 24.50 -21.91
CA GLU B 58 -26.36 25.05 -22.42
C GLU B 58 -25.68 25.77 -21.26
N GLY B 59 -24.38 25.55 -21.09
CA GLY B 59 -23.67 26.05 -19.91
C GLY B 59 -23.37 24.98 -18.86
N ASP B 60 -24.12 23.89 -18.87
CA ASP B 60 -23.92 22.80 -17.89
C ASP B 60 -22.63 22.06 -18.15
N THR B 61 -22.12 21.50 -17.07
CA THR B 61 -20.96 20.62 -17.10
C THR B 61 -21.26 19.33 -17.83
N MET B 62 -20.33 18.88 -18.68
CA MET B 62 -20.47 17.58 -19.32
C MET B 62 -20.43 16.48 -18.26
N MET B 63 -21.29 15.47 -18.39
CA MET B 63 -21.39 14.44 -17.39
C MET B 63 -20.27 13.44 -17.56
N GLY B 64 -19.87 12.81 -16.46
CA GLY B 64 -18.91 11.71 -16.55
C GLY B 64 -18.31 11.25 -15.26
N GLN B 65 -17.67 10.08 -15.32
CA GLN B 65 -16.99 9.48 -14.18
C GLN B 65 -15.48 9.75 -14.25
N GLN B 66 -14.81 9.72 -13.09
CA GLN B 66 -13.33 9.83 -13.00
C GLN B 66 -12.79 8.96 -11.86
N VAL B 67 -11.54 8.54 -11.97
CA VAL B 67 -10.78 8.12 -10.80
C VAL B 67 -10.19 9.42 -10.17
N ALA B 68 -10.42 9.63 -8.88
CA ALA B 68 -9.93 10.83 -8.18
C ALA B 68 -9.26 10.47 -6.87
N LYS B 69 -8.37 11.37 -6.43
CA LYS B 69 -7.68 11.31 -5.15
C LYS B 69 -8.22 12.39 -4.21
N VAL B 70 -8.51 12.00 -2.97
CA VAL B 70 -8.85 12.97 -1.93
C VAL B 70 -7.58 13.71 -1.57
N VAL B 71 -7.60 15.03 -1.74
CA VAL B 71 -6.43 15.86 -1.46
C VAL B 71 -6.64 16.80 -0.28
N GLU B 72 -7.90 17.01 0.09
CA GLU B 72 -8.24 17.62 1.37
C GLU B 72 -9.50 16.91 1.87
N SER B 73 -9.52 16.66 3.18
CA SER B 73 -10.57 15.89 3.78
C SER B 73 -11.02 16.44 5.11
N LYS B 74 -12.31 16.70 5.25
CA LYS B 74 -12.93 16.84 6.55
C LYS B 74 -13.86 15.63 6.84
N ASN B 75 -13.38 14.44 6.51
CA ASN B 75 -14.18 13.24 6.71
C ASN B 75 -13.31 12.02 7.03
N VAL B 76 -13.36 11.55 8.28
CA VAL B 76 -12.47 10.46 8.74
C VAL B 76 -12.66 9.15 7.97
N ALA B 77 -13.85 8.96 7.39
CA ALA B 77 -14.09 7.79 6.52
C ALA B 77 -13.36 7.91 5.20
N LEU B 78 -12.96 9.11 4.83
CA LEU B 78 -12.27 9.36 3.55
C LEU B 78 -11.02 10.20 3.76
N PRO B 79 -9.97 9.60 4.29
CA PRO B 79 -8.77 10.38 4.55
C PRO B 79 -8.02 10.80 3.28
N LYS B 80 -7.17 11.82 3.41
CA LYS B 80 -6.22 12.25 2.38
C LYS B 80 -5.57 11.04 1.71
N GLY B 81 -5.44 11.12 0.38
CA GLY B 81 -4.84 10.02 -0.39
C GLY B 81 -5.78 8.92 -0.80
N THR B 82 -6.98 8.88 -0.24
CA THR B 82 -7.99 7.90 -0.65
C THR B 82 -8.34 8.06 -2.15
N ILE B 83 -8.29 6.95 -2.87
CA ILE B 83 -8.60 6.87 -4.29
C ILE B 83 -10.06 6.46 -4.42
N VAL B 84 -10.82 7.23 -5.19
CA VAL B 84 -12.23 6.93 -5.41
C VAL B 84 -12.65 7.07 -6.87
N LEU B 85 -13.74 6.40 -7.21
CA LEU B 85 -14.52 6.71 -8.37
C LEU B 85 -15.54 7.79 -7.95
N ALA B 86 -15.70 8.81 -8.78
CA ALA B 86 -16.67 9.88 -8.56
C ALA B 86 -17.18 10.33 -9.92
N SER B 87 -18.39 10.87 -9.96
CA SER B 87 -18.98 11.40 -11.21
C SER B 87 -19.46 12.87 -11.13
N PRO B 88 -18.54 13.84 -10.90
CA PRO B 88 -18.88 15.26 -10.89
C PRO B 88 -18.85 15.90 -12.29
N GLY B 89 -18.53 15.10 -13.31
CA GLY B 89 -18.50 15.58 -14.68
C GLY B 89 -17.08 15.88 -15.09
N TRP B 90 -16.96 16.60 -16.21
CA TRP B 90 -15.64 16.91 -16.77
C TRP B 90 -15.07 18.08 -15.99
N THR B 91 -14.42 17.76 -14.89
CA THR B 91 -13.76 18.78 -14.07
C THR B 91 -12.49 18.22 -13.40
N THR B 92 -11.56 19.10 -13.07
CA THR B 92 -10.26 18.68 -12.54
C THR B 92 -10.31 18.49 -11.02
N HIS B 93 -11.16 19.29 -10.37
CA HIS B 93 -11.28 19.33 -8.93
C HIS B 93 -12.74 19.51 -8.58
N SER B 94 -13.17 18.88 -7.48
CA SER B 94 -14.57 18.93 -7.05
C SER B 94 -14.74 18.62 -5.56
N ILE B 95 -15.86 19.05 -5.03
CA ILE B 95 -16.18 18.82 -3.65
C ILE B 95 -17.25 17.74 -3.60
N SER B 96 -17.05 16.76 -2.72
CA SER B 96 -18.04 15.72 -2.46
C SER B 96 -18.36 15.63 -0.97
N ASP B 97 -19.60 15.29 -0.64
CA ASP B 97 -19.96 14.97 0.75
C ASP B 97 -19.70 13.49 1.12
N GLY B 98 -19.05 12.76 0.23
CA GLY B 98 -18.73 11.36 0.48
C GLY B 98 -19.79 10.32 0.12
N LYS B 99 -21.05 10.73 -0.02
CA LYS B 99 -22.12 9.75 -0.29
C LYS B 99 -22.17 9.25 -1.74
N ASP B 100 -21.68 10.04 -2.68
CA ASP B 100 -21.77 9.68 -4.10
C ASP B 100 -20.47 9.02 -4.62
N LEU B 101 -19.66 8.45 -3.71
CA LEU B 101 -18.33 7.95 -4.06
C LEU B 101 -18.21 6.44 -3.90
N GLU B 102 -17.26 5.86 -4.62
CA GLU B 102 -16.96 4.44 -4.56
C GLU B 102 -15.45 4.21 -4.48
N LYS B 103 -15.02 3.54 -3.41
CA LYS B 103 -13.66 3.10 -3.28
C LYS B 103 -13.38 1.90 -4.20
N LEU B 104 -12.14 1.77 -4.66
CA LEU B 104 -11.76 0.64 -5.51
C LEU B 104 -11.69 -0.65 -4.68
N LEU B 105 -11.68 -1.80 -5.37
CA LEU B 105 -11.49 -3.12 -4.73
C LEU B 105 -10.28 -3.10 -3.76
N THR B 106 -10.48 -3.63 -2.55
CA THR B 106 -9.44 -3.69 -1.50
C THR B 106 -8.16 -4.31 -2.04
N GLU B 107 -8.33 -5.37 -2.83
CA GLU B 107 -7.23 -6.13 -3.37
C GLU B 107 -6.64 -5.52 -4.65
N TRP B 108 -6.80 -4.21 -4.87
CA TRP B 108 -6.35 -3.57 -6.12
C TRP B 108 -4.83 -3.49 -6.17
N PRO B 109 -4.18 -4.20 -7.12
CA PRO B 109 -2.72 -4.24 -7.11
C PRO B 109 -2.01 -2.99 -7.67
N ASP B 110 -0.79 -2.77 -7.23
CA ASP B 110 -0.04 -1.59 -7.64
C ASP B 110 0.37 -1.67 -9.11
N THR B 111 0.39 -2.87 -9.67
CA THR B 111 0.85 -3.12 -11.03
C THR B 111 -0.19 -2.89 -12.17
N ILE B 112 -1.45 -2.66 -11.83
CA ILE B 112 -2.43 -2.31 -12.87
C ILE B 112 -2.85 -0.86 -12.73
N PRO B 113 -2.99 -0.17 -13.86
CA PRO B 113 -3.40 1.24 -13.88
C PRO B 113 -4.71 1.44 -13.13
N LEU B 114 -4.78 2.48 -12.30
CA LEU B 114 -6.03 2.89 -11.64
C LEU B 114 -7.13 3.16 -12.68
N SER B 115 -6.72 3.54 -13.90
CA SER B 115 -7.66 3.85 -14.98
C SER B 115 -8.45 2.63 -15.46
N LEU B 116 -7.99 1.41 -15.18
CA LEU B 116 -8.83 0.22 -15.44
C LEU B 116 -10.18 0.23 -14.69
N ALA B 117 -10.28 1.04 -13.62
CA ALA B 117 -11.52 1.20 -12.85
C ALA B 117 -12.59 1.99 -13.61
N LEU B 118 -12.17 2.58 -14.72
CA LEU B 118 -13.05 3.24 -15.68
C LEU B 118 -13.30 2.38 -16.94
N GLY B 119 -12.75 1.17 -16.98
CA GLY B 119 -12.72 0.34 -18.18
C GLY B 119 -12.95 -1.13 -17.91
N THR B 120 -11.95 -1.95 -18.17
CA THR B 120 -12.11 -3.40 -18.03
C THR B 120 -12.55 -3.83 -16.64
N VAL B 121 -12.05 -3.14 -15.60
CA VAL B 121 -12.47 -3.47 -14.20
C VAL B 121 -13.32 -2.33 -13.67
N GLY B 122 -14.34 -2.01 -14.44
CA GLY B 122 -15.25 -0.91 -14.17
C GLY B 122 -16.44 -1.03 -15.10
N MET B 123 -17.08 0.10 -15.35
CA MET B 123 -18.37 0.12 -16.02
C MET B 123 -18.43 -0.64 -17.37
N PRO B 124 -17.53 -0.33 -18.35
CA PRO B 124 -17.57 -1.08 -19.61
C PRO B 124 -17.31 -2.59 -19.48
N GLY B 125 -16.42 -2.99 -18.60
CA GLY B 125 -16.18 -4.41 -18.37
C GLY B 125 -17.36 -5.12 -17.73
N LEU B 126 -18.04 -4.46 -16.79
CA LEU B 126 -19.29 -4.99 -16.24
C LEU B 126 -20.37 -5.10 -17.32
N THR B 127 -20.44 -4.10 -18.22
CA THR B 127 -21.39 -4.12 -19.34
C THR B 127 -21.16 -5.34 -20.21
N ALA B 128 -19.90 -5.62 -20.49
CA ALA B 128 -19.53 -6.79 -21.28
C ALA B 128 -19.87 -8.04 -20.51
N TYR B 129 -19.51 -8.05 -19.24
CA TYR B 129 -19.73 -9.23 -18.41
C TYR B 129 -21.21 -9.61 -18.36
N PHE B 130 -22.06 -8.69 -17.92
CA PHE B 130 -23.48 -9.05 -17.81
C PHE B 130 -24.19 -9.21 -19.14
N GLY B 131 -23.92 -8.34 -20.09
CA GLY B 131 -24.48 -8.47 -21.41
C GLY B 131 -24.19 -9.83 -22.03
N LEU B 132 -22.96 -10.32 -21.93
CA LEU B 132 -22.62 -11.60 -22.57
C LEU B 132 -23.08 -12.77 -21.73
N LEU B 133 -22.78 -12.77 -20.43
CA LEU B 133 -23.06 -13.94 -19.58
C LEU B 133 -24.53 -14.06 -19.13
N GLU B 134 -25.22 -12.94 -18.88
CA GLU B 134 -26.64 -13.02 -18.52
C GLU B 134 -27.59 -12.75 -19.67
N ILE B 135 -27.34 -11.72 -20.46
CA ILE B 135 -28.30 -11.36 -21.50
C ILE B 135 -28.23 -12.31 -22.71
N CYS B 136 -27.05 -12.47 -23.32
CA CYS B 136 -26.85 -13.50 -24.32
C CYS B 136 -26.92 -14.87 -23.69
N GLY B 137 -26.51 -14.97 -22.44
CA GLY B 137 -26.52 -16.26 -21.75
C GLY B 137 -25.61 -17.32 -22.37
N VAL B 138 -24.40 -16.97 -22.76
CA VAL B 138 -23.51 -17.99 -23.36
C VAL B 138 -23.16 -19.14 -22.40
N LYS B 139 -23.14 -20.35 -22.91
CA LYS B 139 -22.84 -21.56 -22.11
C LYS B 139 -21.49 -22.23 -22.45
N GLY B 140 -20.99 -21.98 -23.67
CA GLY B 140 -19.82 -22.66 -24.21
C GLY B 140 -20.15 -23.26 -25.57
N GLY B 141 -19.25 -23.08 -26.54
CA GLY B 141 -19.44 -23.61 -27.88
C GLY B 141 -20.25 -22.73 -28.84
N GLU B 142 -20.81 -21.63 -28.35
CA GLU B 142 -21.62 -20.77 -29.19
C GLU B 142 -20.77 -19.93 -30.12
N THR B 143 -21.35 -19.56 -31.25
CA THR B 143 -20.75 -18.54 -32.09
C THR B 143 -21.35 -17.15 -31.79
N VAL B 144 -20.48 -16.25 -31.33
CA VAL B 144 -20.84 -14.90 -30.92
C VAL B 144 -20.31 -13.87 -31.91
N MET B 145 -21.18 -12.98 -32.34
CA MET B 145 -20.78 -11.89 -33.21
C MET B 145 -20.75 -10.66 -32.35
N VAL B 146 -19.64 -9.94 -32.37
CA VAL B 146 -19.52 -8.73 -31.58
C VAL B 146 -18.96 -7.60 -32.45
N ASN B 147 -19.65 -6.47 -32.43
CA ASN B 147 -19.19 -5.32 -33.20
C ASN B 147 -18.57 -4.34 -32.21
N ALA B 148 -17.96 -3.27 -32.74
CA ALA B 148 -17.06 -2.39 -31.98
C ALA B 148 -16.14 -3.24 -31.14
N ALA B 149 -15.57 -4.26 -31.77
CA ALA B 149 -14.95 -5.37 -31.08
C ALA B 149 -13.59 -5.04 -30.48
N ALA B 150 -13.01 -3.89 -30.87
CA ALA B 150 -11.76 -3.42 -30.28
C ALA B 150 -12.00 -2.23 -29.34
N GLY B 151 -13.26 -1.92 -29.09
CA GLY B 151 -13.64 -0.91 -28.13
C GLY B 151 -13.63 -1.42 -26.71
N ALA B 152 -13.93 -0.55 -25.75
CA ALA B 152 -13.86 -0.91 -24.33
C ALA B 152 -14.76 -2.11 -24.02
N VAL B 153 -16.03 -2.02 -24.43
CA VAL B 153 -16.98 -3.09 -24.14
C VAL B 153 -16.71 -4.29 -25.04
N GLY B 154 -16.64 -4.05 -26.34
CA GLY B 154 -16.52 -5.15 -27.30
C GLY B 154 -15.30 -6.01 -27.11
N SER B 155 -14.16 -5.40 -26.79
CA SER B 155 -12.92 -6.18 -26.64
C SER B 155 -13.05 -7.09 -25.44
N VAL B 156 -13.75 -6.63 -24.41
CA VAL B 156 -13.94 -7.50 -23.23
C VAL B 156 -14.95 -8.61 -23.50
N VAL B 157 -16.05 -8.28 -24.17
CA VAL B 157 -17.01 -9.31 -24.57
C VAL B 157 -16.28 -10.44 -25.26
N GLY B 158 -15.50 -10.08 -26.27
CA GLY B 158 -14.81 -11.03 -27.08
C GLY B 158 -13.88 -11.91 -26.27
N GLN B 159 -13.09 -11.31 -25.39
CA GLN B 159 -12.16 -12.10 -24.57
C GLN B 159 -12.88 -12.98 -23.54
N ILE B 160 -13.97 -12.46 -22.93
CA ILE B 160 -14.74 -13.30 -22.00
C ILE B 160 -15.32 -14.46 -22.78
N ALA B 161 -15.75 -14.21 -24.02
CA ALA B 161 -16.32 -15.26 -24.84
C ALA B 161 -15.26 -16.33 -25.18
N LYS B 162 -14.06 -15.90 -25.55
CA LYS B 162 -12.99 -16.90 -25.78
C LYS B 162 -12.68 -17.77 -24.54
N LEU B 163 -12.60 -17.18 -23.35
CA LEU B 163 -12.30 -17.98 -22.15
C LEU B 163 -13.45 -18.91 -21.74
N LYS B 164 -14.66 -18.63 -22.23
CA LYS B 164 -15.78 -19.54 -22.04
C LYS B 164 -15.90 -20.58 -23.15
N GLY B 165 -14.97 -20.63 -24.09
CA GLY B 165 -14.95 -21.67 -25.09
C GLY B 165 -15.93 -21.40 -26.23
N CYS B 166 -16.13 -20.11 -26.53
CA CYS B 166 -16.97 -19.69 -27.67
C CYS B 166 -16.11 -19.32 -28.87
N LYS B 167 -16.71 -19.34 -30.05
CA LYS B 167 -16.11 -18.83 -31.28
C LYS B 167 -16.54 -17.39 -31.42
N VAL B 168 -15.58 -16.49 -31.64
CA VAL B 168 -15.88 -15.06 -31.69
C VAL B 168 -15.61 -14.51 -33.08
N VAL B 169 -16.62 -13.81 -33.63
CA VAL B 169 -16.50 -13.09 -34.87
C VAL B 169 -16.68 -11.62 -34.54
N GLY B 170 -15.66 -10.84 -34.87
CA GLY B 170 -15.60 -9.44 -34.46
C GLY B 170 -15.50 -8.48 -35.61
N ALA B 171 -16.18 -7.34 -35.48
CA ALA B 171 -16.11 -6.31 -36.50
C ALA B 171 -15.49 -5.05 -35.93
N VAL B 172 -14.55 -4.45 -36.68
CA VAL B 172 -13.87 -3.21 -36.30
C VAL B 172 -13.68 -2.26 -37.48
N GLY B 173 -13.26 -1.02 -37.20
CA GLY B 173 -13.17 0.05 -38.22
C GLY B 173 -11.78 0.36 -38.80
N SER B 174 -10.78 -0.47 -38.52
CA SER B 174 -9.41 -0.24 -39.03
C SER B 174 -8.60 -1.52 -39.10
N ASP B 175 -7.53 -1.47 -39.88
CA ASP B 175 -6.66 -2.65 -40.07
C ASP B 175 -5.80 -2.93 -38.85
N GLU B 176 -5.41 -1.89 -38.14
CA GLU B 176 -4.70 -2.04 -36.88
C GLU B 176 -5.57 -2.77 -35.87
N LYS B 177 -6.85 -2.41 -35.80
CA LYS B 177 -7.78 -3.10 -34.88
C LYS B 177 -7.92 -4.56 -35.26
N VAL B 178 -7.99 -4.86 -36.55
CA VAL B 178 -8.06 -6.26 -37.02
C VAL B 178 -6.85 -7.09 -36.52
N ALA B 179 -5.66 -6.61 -36.80
CA ALA B 179 -4.42 -7.28 -36.38
C ALA B 179 -4.35 -7.48 -34.89
N TYR B 180 -4.73 -6.46 -34.14
CA TYR B 180 -4.67 -6.54 -32.68
C TYR B 180 -5.56 -7.68 -32.17
N LEU B 181 -6.82 -7.69 -32.61
CA LEU B 181 -7.77 -8.72 -32.19
C LEU B 181 -7.41 -10.12 -32.68
N GLN B 182 -6.80 -10.21 -33.84
CA GLN B 182 -6.30 -11.53 -34.31
C GLN B 182 -5.22 -12.05 -33.38
N LYS B 183 -4.35 -11.15 -32.89
CA LYS B 183 -3.29 -11.53 -31.94
C LYS B 183 -3.82 -11.95 -30.58
N LEU B 184 -4.92 -11.34 -30.12
CA LEU B 184 -5.66 -11.85 -28.96
C LEU B 184 -6.29 -13.21 -29.22
N GLY B 185 -6.50 -13.58 -30.48
CA GLY B 185 -6.99 -14.91 -30.82
C GLY B 185 -8.49 -15.02 -31.09
N PHE B 186 -9.13 -13.91 -31.39
CA PHE B 186 -10.49 -13.95 -31.90
C PHE B 186 -10.49 -14.72 -33.23
N ASP B 187 -11.48 -15.60 -33.41
CA ASP B 187 -11.50 -16.56 -34.51
C ASP B 187 -11.52 -15.87 -35.87
N VAL B 188 -12.40 -14.90 -36.04
CA VAL B 188 -12.42 -14.12 -37.24
C VAL B 188 -12.63 -12.68 -36.84
N VAL B 189 -11.86 -11.78 -37.45
CA VAL B 189 -11.98 -10.35 -37.27
C VAL B 189 -11.90 -9.71 -38.68
N PHE B 190 -12.74 -8.73 -38.94
CA PHE B 190 -12.72 -8.03 -40.20
C PHE B 190 -13.00 -6.59 -39.98
N ASN B 191 -12.65 -5.80 -41.00
CA ASN B 191 -12.78 -4.37 -41.04
C ASN B 191 -14.00 -4.04 -41.85
N TYR B 192 -15.06 -3.57 -41.17
CA TYR B 192 -16.38 -3.41 -41.79
C TYR B 192 -16.43 -2.23 -42.72
N LYS B 193 -15.39 -1.41 -42.69
CA LYS B 193 -15.34 -0.22 -43.53
C LYS B 193 -14.82 -0.55 -44.90
N THR B 194 -14.08 -1.65 -45.04
CA THR B 194 -13.37 -1.96 -46.27
C THR B 194 -13.76 -3.30 -46.92
N VAL B 195 -14.52 -4.14 -46.22
CA VAL B 195 -14.96 -5.39 -46.85
C VAL B 195 -15.93 -5.05 -47.96
N GLU B 196 -15.96 -5.90 -48.99
CA GLU B 196 -16.83 -5.66 -50.15
C GLU B 196 -18.31 -5.76 -49.75
N SER B 197 -18.63 -6.76 -48.94
CA SER B 197 -20.02 -7.00 -48.51
C SER B 197 -20.07 -7.55 -47.08
N LEU B 198 -20.78 -6.85 -46.20
CA LEU B 198 -20.93 -7.28 -44.81
C LEU B 198 -21.60 -8.63 -44.72
N GLU B 199 -22.68 -8.80 -45.48
CA GLU B 199 -23.44 -10.05 -45.53
C GLU B 199 -22.56 -11.22 -45.97
N GLU B 200 -21.80 -11.04 -47.03
CA GLU B 200 -20.93 -12.14 -47.48
C GLU B 200 -19.80 -12.40 -46.51
N THR B 201 -19.30 -11.36 -45.84
CA THR B 201 -18.23 -11.57 -44.82
C THR B 201 -18.78 -12.33 -43.62
N LEU B 202 -19.91 -11.87 -43.09
CA LEU B 202 -20.57 -12.59 -41.98
C LEU B 202 -20.86 -14.05 -42.35
N LYS B 203 -21.21 -14.28 -43.61
CA LYS B 203 -21.56 -15.63 -44.10
C LYS B 203 -20.31 -16.53 -44.17
N LYS B 204 -19.24 -16.00 -44.76
CA LYS B 204 -17.97 -16.73 -44.76
C LYS B 204 -17.45 -16.96 -43.34
N ALA B 205 -17.53 -15.94 -42.50
CA ALA B 205 -17.00 -16.06 -41.13
C ALA B 205 -17.69 -17.17 -40.36
N SER B 206 -18.99 -17.36 -40.59
CA SER B 206 -19.74 -18.41 -39.91
C SER B 206 -20.89 -18.89 -40.80
N PRO B 207 -20.60 -19.87 -41.69
CA PRO B 207 -21.64 -20.37 -42.63
C PRO B 207 -22.93 -20.86 -41.96
N ASP B 208 -22.81 -21.43 -40.77
CA ASP B 208 -23.93 -21.98 -39.99
C ASP B 208 -24.75 -20.92 -39.24
N GLY B 209 -24.33 -19.65 -39.27
CA GLY B 209 -25.05 -18.58 -38.60
C GLY B 209 -24.51 -18.29 -37.21
N TYR B 210 -25.19 -17.39 -36.49
CA TYR B 210 -24.76 -16.91 -35.18
C TYR B 210 -25.76 -17.26 -34.06
N ASP B 211 -25.25 -17.75 -32.94
CA ASP B 211 -26.11 -18.08 -31.81
C ASP B 211 -26.43 -16.82 -31.04
N CYS B 212 -25.45 -15.93 -30.95
CA CYS B 212 -25.53 -14.76 -30.10
C CYS B 212 -25.00 -13.55 -30.80
N TYR B 213 -25.64 -12.42 -30.58
CA TYR B 213 -25.18 -11.15 -31.11
C TYR B 213 -25.09 -10.17 -29.95
N PHE B 214 -23.90 -9.66 -29.69
CA PHE B 214 -23.69 -8.57 -28.70
C PHE B 214 -23.55 -7.30 -29.49
N ASP B 215 -24.55 -6.43 -29.38
CA ASP B 215 -24.70 -5.34 -30.34
C ASP B 215 -24.42 -3.99 -29.69
N ASN B 216 -23.33 -3.35 -30.17
CA ASN B 216 -22.90 -2.01 -29.76
C ASN B 216 -23.24 -0.88 -30.77
N VAL B 217 -23.75 -1.28 -31.95
CA VAL B 217 -23.75 -0.40 -33.14
C VAL B 217 -25.15 -0.11 -33.67
N GLY B 218 -26.00 -1.12 -33.76
CA GLY B 218 -27.38 -0.92 -34.27
C GLY B 218 -27.45 -0.60 -35.75
N GLY B 219 -28.58 -0.03 -36.14
CA GLY B 219 -28.82 0.35 -37.53
C GLY B 219 -28.69 -0.75 -38.56
N GLU B 220 -28.25 -0.32 -39.72
CA GLU B 220 -28.12 -1.16 -40.91
C GLU B 220 -27.18 -2.33 -40.63
N PHE B 221 -26.12 -2.08 -39.87
CA PHE B 221 -25.22 -3.19 -39.51
C PHE B 221 -26.01 -4.29 -38.81
N SER B 222 -26.84 -3.94 -37.84
CA SER B 222 -27.60 -4.99 -37.11
C SER B 222 -28.66 -5.71 -37.98
N ASN B 223 -29.30 -4.97 -38.86
CA ASN B 223 -30.20 -5.55 -39.86
C ASN B 223 -29.53 -6.69 -40.60
N THR B 224 -28.28 -6.50 -41.00
CA THR B 224 -27.56 -7.55 -41.73
C THR B 224 -27.26 -8.73 -40.84
N VAL B 225 -26.80 -8.46 -39.63
CA VAL B 225 -26.56 -9.53 -38.64
C VAL B 225 -27.82 -10.31 -38.35
N ILE B 226 -28.95 -9.63 -38.24
CA ILE B 226 -30.21 -10.30 -37.87
C ILE B 226 -30.56 -11.35 -38.92
N GLY B 227 -30.21 -11.04 -40.17
CA GLY B 227 -30.37 -11.98 -41.26
C GLY B 227 -29.48 -13.21 -41.18
N GLN B 228 -28.50 -13.24 -40.29
CA GLN B 228 -27.70 -14.45 -40.11
C GLN B 228 -27.79 -15.08 -38.69
N MET B 229 -28.73 -14.61 -37.89
CA MET B 229 -28.96 -15.25 -36.58
C MET B 229 -29.62 -16.61 -36.77
N LYS B 230 -29.15 -17.60 -36.00
CA LYS B 230 -29.79 -18.89 -35.95
C LYS B 230 -31.17 -18.79 -35.26
N LYS B 231 -31.95 -19.86 -35.33
CA LYS B 231 -33.29 -19.91 -34.75
C LYS B 231 -33.18 -19.78 -33.25
N PHE B 232 -34.05 -18.98 -32.64
CA PHE B 232 -33.97 -18.65 -31.22
C PHE B 232 -32.67 -17.96 -30.85
N GLY B 233 -32.01 -17.32 -31.81
CA GLY B 233 -30.79 -16.57 -31.49
C GLY B 233 -31.06 -15.45 -30.50
N ARG B 234 -30.05 -15.09 -29.74
CA ARG B 234 -30.21 -14.10 -28.68
C ARG B 234 -29.38 -12.89 -28.98
N ILE B 235 -30.04 -11.73 -29.05
CA ILE B 235 -29.37 -10.48 -29.24
C ILE B 235 -29.36 -9.69 -27.94
N ALA B 236 -28.17 -9.26 -27.51
CA ALA B 236 -28.05 -8.36 -26.40
C ALA B 236 -27.90 -6.98 -27.01
N ILE B 237 -28.90 -6.13 -26.78
CA ILE B 237 -28.91 -4.75 -27.25
C ILE B 237 -28.22 -3.87 -26.22
N CYS B 238 -26.92 -3.66 -26.42
CA CYS B 238 -26.08 -2.88 -25.51
C CYS B 238 -26.04 -1.39 -25.85
N GLY B 239 -25.84 -1.14 -27.13
CA GLY B 239 -25.69 0.21 -27.66
C GLY B 239 -26.12 0.26 -29.10
N ALA B 240 -26.23 1.47 -29.63
CA ALA B 240 -26.64 1.72 -31.01
C ALA B 240 -25.82 2.90 -31.56
N ILE B 241 -24.49 2.77 -31.49
CA ILE B 241 -23.64 3.94 -31.67
C ILE B 241 -23.71 4.48 -33.12
N SER B 242 -24.11 3.65 -34.09
CA SER B 242 -24.31 4.17 -35.47
C SER B 242 -25.39 5.24 -35.55
N THR B 243 -26.25 5.32 -34.54
CA THR B 243 -27.36 6.26 -34.53
C THR B 243 -27.17 7.45 -33.63
N TYR B 244 -26.14 7.47 -32.80
CA TYR B 244 -26.05 8.54 -31.77
C TYR B 244 -25.81 9.92 -32.33
N ASN B 245 -25.11 10.00 -33.47
CA ASN B 245 -24.79 11.29 -34.08
C ASN B 245 -25.63 11.61 -35.35
N ARG B 246 -26.69 10.83 -35.59
CA ARG B 246 -27.56 11.03 -36.76
C ARG B 246 -28.16 12.45 -36.83
N THR B 247 -28.31 12.94 -38.06
CA THR B 247 -29.02 14.19 -38.30
C THR B 247 -30.40 13.98 -38.93
N GLY B 248 -30.64 12.79 -39.47
CA GLY B 248 -31.96 12.44 -40.03
C GLY B 248 -32.70 11.29 -39.34
N PRO B 249 -33.74 10.76 -39.99
CA PRO B 249 -34.50 9.67 -39.39
C PRO B 249 -33.66 8.43 -39.19
N LEU B 250 -34.01 7.65 -38.16
CA LEU B 250 -33.42 6.34 -37.94
C LEU B 250 -33.57 5.52 -39.19
N PRO B 251 -32.63 4.61 -39.47
CA PRO B 251 -32.85 3.71 -40.61
C PRO B 251 -33.96 2.67 -40.34
N PRO B 252 -34.36 1.90 -41.37
CA PRO B 252 -35.33 0.84 -41.21
C PRO B 252 -34.96 -0.14 -40.10
N GLY B 253 -35.97 -0.65 -39.40
CA GLY B 253 -35.76 -1.76 -38.48
C GLY B 253 -35.46 -3.04 -39.26
N PRO B 254 -35.13 -4.12 -38.56
CA PRO B 254 -34.87 -5.39 -39.23
C PRO B 254 -36.13 -5.99 -39.83
N PRO B 255 -35.97 -6.79 -40.91
CA PRO B 255 -37.13 -7.30 -41.59
C PRO B 255 -37.93 -8.21 -40.64
N PRO B 256 -39.22 -7.92 -40.45
CA PRO B 256 -40.07 -8.67 -39.50
C PRO B 256 -40.20 -10.16 -39.81
N GLU B 257 -40.31 -10.47 -41.09
CA GLU B 257 -40.38 -11.85 -41.58
C GLU B 257 -39.25 -12.70 -41.03
N ILE B 258 -38.04 -12.13 -41.06
CA ILE B 258 -36.87 -12.86 -40.62
C ILE B 258 -36.92 -13.01 -39.10
N VAL B 259 -37.30 -11.93 -38.41
CA VAL B 259 -37.31 -11.94 -36.94
C VAL B 259 -38.32 -12.96 -36.43
N ILE B 260 -39.49 -13.01 -37.07
CA ILE B 260 -40.49 -13.99 -36.70
C ILE B 260 -40.12 -15.41 -37.11
N TYR B 261 -39.66 -15.60 -38.35
CA TYR B 261 -39.32 -16.93 -38.84
C TYR B 261 -38.19 -17.55 -38.01
N GLN B 262 -37.23 -16.71 -37.61
CA GLN B 262 -36.10 -17.19 -36.78
C GLN B 262 -36.41 -17.14 -35.26
N GLU B 263 -37.57 -16.59 -34.88
CA GLU B 263 -38.04 -16.59 -33.49
C GLU B 263 -36.99 -16.06 -32.55
N LEU B 264 -36.52 -14.85 -32.84
CA LEU B 264 -35.37 -14.28 -32.15
C LEU B 264 -35.76 -13.63 -30.85
N ARG B 265 -34.81 -13.61 -29.92
CA ARG B 265 -34.97 -12.96 -28.64
C ARG B 265 -34.02 -11.81 -28.52
N MET B 266 -34.56 -10.62 -28.26
CA MET B 266 -33.77 -9.41 -28.21
C MET B 266 -34.01 -8.74 -26.89
N GLU B 267 -32.95 -8.51 -26.12
CA GLU B 267 -33.08 -7.83 -24.86
C GLU B 267 -32.03 -6.75 -24.72
N ALA B 268 -32.49 -5.56 -24.34
CA ALA B 268 -31.65 -4.45 -24.01
C ALA B 268 -31.44 -4.40 -22.51
N PHE B 269 -30.36 -3.73 -22.11
CA PHE B 269 -30.00 -3.68 -20.66
C PHE B 269 -29.16 -2.44 -20.37
N VAL B 270 -29.14 -2.05 -19.12
CA VAL B 270 -28.31 -0.99 -18.61
C VAL B 270 -27.44 -1.63 -17.52
N VAL B 271 -26.13 -1.39 -17.60
CA VAL B 271 -25.14 -2.05 -16.77
C VAL B 271 -25.49 -1.84 -15.30
N TYR B 272 -26.06 -0.68 -14.97
CA TYR B 272 -26.34 -0.33 -13.57
C TYR B 272 -27.45 -1.19 -12.89
N ARG B 273 -28.14 -2.01 -13.68
CA ARG B 273 -29.10 -2.99 -13.17
C ARG B 273 -28.47 -3.89 -12.10
N TRP B 274 -27.23 -4.33 -12.35
CA TRP B 274 -26.55 -5.24 -11.45
C TRP B 274 -25.80 -4.48 -10.37
N GLN B 275 -26.23 -4.69 -9.12
CA GLN B 275 -25.67 -4.05 -7.94
C GLN B 275 -25.31 -5.10 -6.89
N GLY B 276 -24.86 -4.65 -5.72
CA GLY B 276 -24.56 -5.56 -4.60
C GLY B 276 -23.51 -6.61 -4.88
N ASP B 277 -23.76 -7.82 -4.39
CA ASP B 277 -22.83 -8.92 -4.52
C ASP B 277 -22.59 -9.37 -5.96
N ALA B 278 -23.61 -9.31 -6.81
CA ALA B 278 -23.46 -9.75 -8.18
C ALA B 278 -22.38 -8.88 -8.84
N ARG B 279 -22.47 -7.57 -8.58
CA ARG B 279 -21.60 -6.57 -9.15
C ARG B 279 -20.18 -6.77 -8.65
N GLN B 280 -20.07 -6.89 -7.32
CA GLN B 280 -18.79 -7.12 -6.67
C GLN B 280 -18.09 -8.41 -7.19
N LYS B 281 -18.83 -9.51 -7.30
CA LYS B 281 -18.26 -10.71 -7.86
C LYS B 281 -17.78 -10.48 -9.30
N ALA B 282 -18.62 -9.81 -10.09
CA ALA B 282 -18.27 -9.47 -11.48
C ALA B 282 -16.96 -8.70 -11.56
N LEU B 283 -16.84 -7.61 -10.81
CA LEU B 283 -15.60 -6.85 -10.74
C LEU B 283 -14.39 -7.70 -10.39
N LYS B 284 -14.56 -8.63 -9.44
CA LYS B 284 -13.45 -9.45 -8.93
C LYS B 284 -13.09 -10.53 -9.94
N ASP B 285 -14.10 -11.04 -10.65
CA ASP B 285 -13.86 -11.91 -11.79
C ASP B 285 -13.03 -11.18 -12.86
N LEU B 286 -13.40 -9.94 -13.20
CA LEU B 286 -12.69 -9.20 -14.26
C LEU B 286 -11.24 -8.92 -13.87
N LEU B 287 -11.02 -8.47 -12.64
CA LEU B 287 -9.67 -8.23 -12.12
C LEU B 287 -8.84 -9.53 -12.14
N LYS B 288 -9.42 -10.60 -11.62
CA LYS B 288 -8.76 -11.91 -11.63
C LYS B 288 -8.35 -12.28 -13.05
N TRP B 289 -9.27 -12.18 -14.01
CA TRP B 289 -8.95 -12.50 -15.42
C TRP B 289 -7.85 -11.62 -16.01
N VAL B 290 -7.80 -10.37 -15.58
CA VAL B 290 -6.74 -9.49 -16.02
C VAL B 290 -5.39 -9.96 -15.43
N LEU B 291 -5.38 -10.30 -14.15
CA LEU B 291 -4.13 -10.75 -13.49
C LEU B 291 -3.64 -12.08 -14.04
N GLU B 292 -4.58 -12.95 -14.43
CA GLU B 292 -4.23 -14.22 -15.05
C GLU B 292 -3.84 -14.12 -16.53
N GLY B 293 -4.05 -12.98 -17.16
CA GLY B 293 -3.78 -12.84 -18.58
C GLY B 293 -4.87 -13.36 -19.51
N LYS B 294 -5.99 -13.83 -18.97
CA LYS B 294 -7.13 -14.27 -19.77
C LYS B 294 -7.83 -13.10 -20.44
N ILE B 295 -7.81 -11.94 -19.77
CA ILE B 295 -8.24 -10.67 -20.35
C ILE B 295 -7.04 -9.70 -20.36
N GLN B 296 -6.54 -9.40 -21.55
CA GLN B 296 -5.51 -8.41 -21.70
C GLN B 296 -6.17 -7.06 -21.73
N TYR B 297 -5.47 -6.03 -21.27
CA TYR B 297 -5.97 -4.68 -21.42
C TYR B 297 -5.07 -3.85 -22.35
N LYS B 298 -5.70 -2.90 -23.02
CA LYS B 298 -5.03 -1.84 -23.72
C LYS B 298 -5.87 -0.60 -23.49
N GLU B 299 -5.22 0.52 -23.25
CA GLU B 299 -5.90 1.78 -23.10
C GLU B 299 -5.47 2.71 -24.23
N TYR B 300 -6.35 3.64 -24.57
CA TYR B 300 -6.08 4.67 -25.53
C TYR B 300 -6.03 5.93 -24.69
N ILE B 301 -4.82 6.33 -24.31
CA ILE B 301 -4.65 7.38 -23.30
C ILE B 301 -4.31 8.73 -23.91
N ILE B 302 -5.25 9.67 -23.83
CA ILE B 302 -5.03 11.04 -24.24
C ILE B 302 -4.47 11.82 -23.02
N GLU B 303 -3.42 12.60 -23.28
CA GLU B 303 -2.69 13.33 -22.25
C GLU B 303 -3.19 14.75 -22.08
N GLY B 304 -3.77 15.04 -20.92
CA GLY B 304 -4.18 16.39 -20.59
C GLY B 304 -5.67 16.65 -20.60
N PHE B 305 -6.16 17.23 -19.51
CA PHE B 305 -7.56 17.56 -19.34
C PHE B 305 -8.09 18.43 -20.48
N GLU B 306 -7.20 19.25 -21.02
CA GLU B 306 -7.58 20.24 -22.04
C GLU B 306 -7.87 19.57 -23.38
N ASN B 307 -7.48 18.30 -23.52
CA ASN B 307 -7.76 17.52 -24.70
C ASN B 307 -8.99 16.58 -24.55
N MET B 308 -9.85 16.86 -23.57
CA MET B 308 -10.93 15.95 -23.25
C MET B 308 -11.99 15.89 -24.35
N PRO B 309 -12.48 17.05 -24.79
CA PRO B 309 -13.39 17.08 -25.93
C PRO B 309 -12.82 16.30 -27.11
N ALA B 310 -11.53 16.51 -27.41
CA ALA B 310 -10.85 15.77 -28.49
C ALA B 310 -10.87 14.29 -28.26
N ALA B 311 -10.70 13.86 -27.01
CA ALA B 311 -10.76 12.42 -26.66
C ALA B 311 -12.14 11.83 -26.93
N PHE B 312 -13.17 12.56 -26.52
CA PHE B 312 -14.57 12.19 -26.73
C PHE B 312 -14.90 12.12 -28.24
N MET B 313 -14.58 13.18 -28.97
CA MET B 313 -14.84 13.24 -30.43
C MET B 313 -14.07 12.14 -31.17
N GLY B 314 -12.82 11.90 -30.80
CA GLY B 314 -11.99 10.84 -31.41
C GLY B 314 -12.51 9.42 -31.17
N MET B 315 -12.97 9.17 -29.94
CA MET B 315 -13.67 7.93 -29.61
C MET B 315 -14.94 7.79 -30.46
N LEU B 316 -15.80 8.79 -30.50
CA LEU B 316 -16.96 8.71 -31.40
C LEU B 316 -16.56 8.46 -32.87
N LYS B 317 -15.39 8.90 -33.28
CA LYS B 317 -14.95 8.71 -34.68
C LYS B 317 -14.10 7.45 -34.86
N GLY B 318 -13.94 6.65 -33.80
CA GLY B 318 -13.21 5.39 -33.91
C GLY B 318 -11.69 5.43 -33.78
N ASP B 319 -11.14 6.54 -33.30
CA ASP B 319 -9.69 6.64 -33.10
C ASP B 319 -9.14 5.63 -32.11
N ASN B 320 -9.91 5.31 -31.08
CA ASN B 320 -9.40 4.50 -29.94
C ASN B 320 -9.30 3.03 -30.19
N LEU B 321 -8.19 2.44 -29.75
CA LEU B 321 -8.06 1.01 -29.56
C LEU B 321 -8.13 0.78 -28.04
N GLY B 322 -9.14 0.04 -27.58
CA GLY B 322 -9.42 -0.08 -26.15
C GLY B 322 -10.08 1.17 -25.56
N LYS B 323 -10.15 1.21 -24.23
CA LYS B 323 -10.84 2.26 -23.49
C LYS B 323 -10.17 3.60 -23.63
N THR B 324 -10.97 4.62 -23.94
CA THR B 324 -10.48 5.96 -24.12
C THR B 324 -10.42 6.60 -22.72
N ILE B 325 -9.24 7.07 -22.37
CA ILE B 325 -8.92 7.58 -21.01
C ILE B 325 -8.21 8.91 -21.15
N VAL B 326 -8.68 9.93 -20.44
CA VAL B 326 -7.93 11.16 -20.38
C VAL B 326 -7.13 11.19 -19.08
N LYS B 327 -5.81 11.27 -19.21
CA LYS B 327 -4.93 11.44 -18.05
C LYS B 327 -4.91 12.91 -17.72
N ALA B 328 -5.34 13.30 -16.52
CA ALA B 328 -5.44 14.76 -16.18
C ALA B 328 -4.07 15.49 -16.19
N SER C 1 35.70 -7.85 4.96
CA SER C 1 34.73 -6.75 4.70
C SER C 1 35.48 -5.48 4.30
N MET C 2 35.60 -5.28 2.98
CA MET C 2 36.43 -4.22 2.41
C MET C 2 35.61 -3.35 1.47
N THR C 3 36.01 -2.09 1.36
CA THR C 3 35.41 -1.17 0.40
C THR C 3 36.44 -0.37 -0.35
N LYS C 4 36.10 0.01 -1.58
CA LYS C 4 36.89 0.99 -2.34
C LYS C 4 36.13 2.30 -2.47
N THR C 5 36.80 3.42 -2.23
CA THR C 5 36.20 4.74 -2.26
C THR C 5 37.02 5.72 -3.12
N TRP C 6 36.35 6.44 -4.01
CA TRP C 6 36.97 7.54 -4.76
C TRP C 6 36.84 8.86 -3.97
N THR C 7 37.97 9.48 -3.66
CA THR C 7 38.03 10.72 -2.90
C THR C 7 38.51 11.81 -3.82
N LEU C 8 38.26 13.06 -3.43
CA LEU C 8 38.82 14.22 -4.09
C LEU C 8 40.23 14.51 -3.54
N LYS C 9 41.23 14.29 -4.39
CA LYS C 9 42.62 14.56 -4.04
C LYS C 9 42.92 16.05 -4.15
N LYS C 10 42.45 16.67 -5.24
CA LYS C 10 42.69 18.09 -5.48
C LYS C 10 41.47 18.73 -6.13
N HIS C 11 41.17 19.96 -5.75
CA HIS C 11 40.07 20.69 -6.35
C HIS C 11 40.33 20.86 -7.81
N PHE C 12 39.27 20.76 -8.61
CA PHE C 12 39.39 20.77 -10.05
C PHE C 12 39.73 22.18 -10.53
N VAL C 13 40.52 22.25 -11.60
CA VAL C 13 40.81 23.51 -12.29
C VAL C 13 40.44 23.30 -13.76
N GLY C 14 39.40 23.98 -14.21
CA GLY C 14 38.82 23.71 -15.52
C GLY C 14 38.12 22.37 -15.40
N TYR C 15 38.22 21.56 -16.43
CA TYR C 15 37.80 20.17 -16.37
C TYR C 15 38.69 19.40 -15.39
N PRO C 16 38.10 18.35 -14.75
CA PRO C 16 38.94 17.47 -13.91
C PRO C 16 39.93 16.71 -14.76
N THR C 17 41.00 16.25 -14.12
CA THR C 17 41.82 15.19 -14.69
C THR C 17 42.02 14.08 -13.64
N ASN C 18 42.53 12.94 -14.11
CA ASN C 18 42.63 11.72 -13.29
C ASN C 18 43.33 11.94 -11.98
N SER C 19 44.33 12.80 -12.00
CA SER C 19 45.14 13.00 -10.82
C SER C 19 44.44 13.84 -9.75
N ASP C 20 43.28 14.41 -10.07
CA ASP C 20 42.47 15.13 -9.06
C ASP C 20 41.70 14.13 -8.15
N PHE C 21 41.65 12.86 -8.57
CA PHE C 21 41.00 11.80 -7.79
C PHE C 21 42.01 10.80 -7.17
N GLU C 22 41.62 10.20 -6.05
CA GLU C 22 42.41 9.13 -5.40
C GLU C 22 41.54 8.03 -4.82
N LEU C 23 41.82 6.81 -5.30
CA LEU C 23 41.15 5.60 -4.87
C LEU C 23 41.78 5.03 -3.60
N LYS C 24 40.96 4.88 -2.56
CA LYS C 24 41.37 4.26 -1.31
C LYS C 24 40.56 3.01 -0.98
N THR C 25 41.28 2.00 -0.46
CA THR C 25 40.69 0.77 0.01
C THR C 25 40.72 0.88 1.52
N SER C 26 39.67 0.38 2.17
CA SER C 26 39.58 0.47 3.63
C SER C 26 38.73 -0.67 4.19
N GLU C 27 38.76 -0.85 5.49
CA GLU C 27 38.06 -1.97 6.11
C GLU C 27 36.81 -1.39 6.80
N LEU C 28 35.65 -1.98 6.52
CA LEU C 28 34.41 -1.59 7.22
C LEU C 28 34.23 -2.43 8.48
N PRO C 29 33.68 -1.85 9.55
CA PRO C 29 33.47 -2.59 10.79
C PRO C 29 32.35 -3.62 10.67
N PRO C 30 32.14 -4.43 11.72
CA PRO C 30 31.01 -5.37 11.68
C PRO C 30 29.66 -4.67 11.82
N LEU C 31 28.60 -5.28 11.30
CA LEU C 31 27.26 -4.71 11.41
C LEU C 31 26.80 -4.69 12.85
N LYS C 32 26.34 -3.53 13.32
CA LYS C 32 25.56 -3.46 14.55
C LYS C 32 24.10 -3.85 14.26
N ASN C 33 23.28 -3.93 15.31
CA ASN C 33 21.88 -4.31 15.14
C ASN C 33 21.12 -3.21 14.43
N GLY C 34 20.31 -3.60 13.45
CA GLY C 34 19.60 -2.63 12.62
C GLY C 34 20.38 -2.11 11.42
N GLU C 35 21.63 -2.56 11.27
CA GLU C 35 22.45 -2.13 10.13
C GLU C 35 22.51 -3.14 9.00
N VAL C 36 22.68 -2.63 7.79
CA VAL C 36 22.87 -3.46 6.63
C VAL C 36 24.19 -3.10 5.96
N LEU C 37 24.76 -4.08 5.24
CA LEU C 37 25.92 -3.85 4.40
C LEU C 37 25.38 -3.73 3.01
N LEU C 38 25.74 -2.63 2.35
CA LEU C 38 25.28 -2.33 1.00
C LEU C 38 26.39 -2.53 -0.02
N GLU C 39 26.04 -3.12 -1.15
CA GLU C 39 26.97 -3.34 -2.25
C GLU C 39 26.47 -2.62 -3.53
N ALA C 40 27.22 -1.62 -3.98
CA ALA C 40 26.87 -0.89 -5.20
C ALA C 40 26.71 -1.84 -6.39
N LEU C 41 25.60 -1.71 -7.10
CA LEU C 41 25.40 -2.38 -8.37
C LEU C 41 25.60 -1.40 -9.51
N PHE C 42 25.08 -0.18 -9.34
CA PHE C 42 25.14 0.85 -10.36
C PHE C 42 25.31 2.17 -9.66
N LEU C 43 26.29 2.93 -10.11
CA LEU C 43 26.54 4.25 -9.58
C LEU C 43 26.30 5.26 -10.69
N THR C 44 25.78 6.43 -10.32
CA THR C 44 25.63 7.55 -11.26
C THR C 44 26.76 8.57 -11.08
N VAL C 45 27.11 9.21 -12.19
CA VAL C 45 27.88 10.47 -12.15
C VAL C 45 26.99 11.55 -12.75
N ASP C 46 27.15 12.78 -12.31
CA ASP C 46 26.20 13.83 -12.67
C ASP C 46 26.88 15.17 -12.69
N PRO C 47 26.39 16.05 -13.58
CA PRO C 47 27.00 17.37 -13.71
C PRO C 47 27.12 18.12 -12.42
N TYR C 48 26.14 17.98 -11.53
CA TYR C 48 26.13 18.73 -10.26
C TYR C 48 27.39 18.44 -9.42
N MET C 49 27.98 17.26 -9.60
CA MET C 49 29.19 16.88 -8.87
C MET C 49 30.36 17.82 -9.14
N ARG C 50 30.43 18.36 -10.36
CA ARG C 50 31.49 19.30 -10.73
C ARG C 50 31.38 20.55 -9.88
N VAL C 51 30.16 20.97 -9.60
CA VAL C 51 29.88 22.16 -8.83
C VAL C 51 30.01 21.88 -7.33
N ALA C 52 29.46 20.75 -6.88
CA ALA C 52 29.46 20.43 -5.48
C ALA C 52 30.84 20.07 -4.97
N ALA C 53 31.72 19.58 -5.84
CA ALA C 53 33.09 19.22 -5.46
C ALA C 53 33.81 20.39 -4.79
N LYS C 54 33.53 21.59 -5.26
CA LYS C 54 34.18 22.77 -4.73
C LYS C 54 33.98 22.92 -3.21
N ARG C 55 32.89 22.38 -2.65
CA ARG C 55 32.65 22.47 -1.21
C ARG C 55 33.28 21.31 -0.41
N LEU C 56 33.83 20.31 -1.08
CA LEU C 56 34.54 19.25 -0.39
C LEU C 56 35.88 19.74 0.15
N LYS C 57 36.31 19.12 1.25
CA LYS C 57 37.71 19.18 1.67
C LYS C 57 38.49 18.12 0.88
N GLU C 58 39.72 18.43 0.48
CA GLU C 58 40.59 17.40 -0.11
C GLU C 58 40.65 16.21 0.83
N GLY C 59 40.54 15.01 0.27
CA GLY C 59 40.40 13.79 1.08
C GLY C 59 38.95 13.30 1.24
N ASP C 60 37.97 14.19 1.10
CA ASP C 60 36.55 13.78 1.16
C ASP C 60 36.17 12.84 0.03
N THR C 61 35.27 11.92 0.33
CA THR C 61 34.66 11.06 -0.66
C THR C 61 33.81 11.89 -1.63
N MET C 62 33.89 11.58 -2.93
CA MET C 62 33.04 12.20 -3.93
C MET C 62 31.56 11.83 -3.67
N MET C 63 30.67 12.80 -3.80
CA MET C 63 29.29 12.61 -3.45
C MET C 63 28.57 11.95 -4.61
N GLY C 64 27.49 11.24 -4.30
CA GLY C 64 26.73 10.56 -5.33
C GLY C 64 25.81 9.47 -4.83
N GLN C 65 24.90 9.06 -5.70
CA GLN C 65 23.87 8.09 -5.42
C GLN C 65 24.18 6.79 -6.16
N GLN C 66 23.63 5.67 -5.67
CA GLN C 66 23.81 4.37 -6.31
C GLN C 66 22.57 3.49 -6.11
N VAL C 67 22.39 2.55 -7.03
CA VAL C 67 21.51 1.42 -6.79
C VAL C 67 22.38 0.34 -6.12
N ALA C 68 21.98 -0.03 -4.90
CA ALA C 68 22.72 -0.99 -4.07
C ALA C 68 21.85 -2.17 -3.66
N LYS C 69 22.51 -3.29 -3.36
CA LYS C 69 21.89 -4.53 -2.88
C LYS C 69 22.31 -4.77 -1.43
N VAL C 70 21.35 -5.09 -0.56
CA VAL C 70 21.65 -5.46 0.82
C VAL C 70 22.28 -6.87 0.79
N VAL C 71 23.56 -7.01 1.18
CA VAL C 71 24.23 -8.34 1.10
C VAL C 71 24.47 -9.00 2.47
N GLU C 72 24.44 -8.18 3.52
CA GLU C 72 24.33 -8.65 4.91
C GLU C 72 23.34 -7.72 5.58
N SER C 73 22.58 -8.27 6.54
CA SER C 73 21.56 -7.50 7.24
C SER C 73 21.39 -7.92 8.69
N LYS C 74 21.37 -6.94 9.58
CA LYS C 74 20.83 -7.10 10.95
C LYS C 74 19.57 -6.24 11.11
N ASN C 75 18.83 -6.05 10.03
CA ASN C 75 17.62 -5.25 10.03
C ASN C 75 16.49 -6.05 9.39
N VAL C 76 15.49 -6.40 10.21
CA VAL C 76 14.37 -7.22 9.74
C VAL C 76 13.52 -6.57 8.62
N ALA C 77 13.58 -5.24 8.49
CA ALA C 77 12.90 -4.52 7.39
C ALA C 77 13.68 -4.55 6.07
N LEU C 78 14.96 -4.92 6.15
CA LEU C 78 15.88 -4.86 5.01
C LEU C 78 16.59 -6.21 4.86
N PRO C 79 15.82 -7.24 4.47
CA PRO C 79 16.44 -8.53 4.27
C PRO C 79 17.45 -8.47 3.12
N LYS C 80 18.38 -9.42 3.12
CA LYS C 80 19.38 -9.56 2.10
C LYS C 80 18.71 -9.65 0.75
N GLY C 81 19.33 -9.12 -0.29
CA GLY C 81 18.73 -9.10 -1.62
C GLY C 81 17.82 -7.91 -1.88
N THR C 82 17.44 -7.17 -0.84
CA THR C 82 16.66 -5.95 -1.04
C THR C 82 17.44 -4.91 -1.90
N ILE C 83 16.77 -4.32 -2.88
CA ILE C 83 17.37 -3.25 -3.68
C ILE C 83 16.93 -1.90 -3.13
N VAL C 84 17.90 -1.02 -2.92
CA VAL C 84 17.67 0.32 -2.41
C VAL C 84 18.40 1.32 -3.28
N LEU C 85 17.98 2.58 -3.18
CA LEU C 85 18.78 3.72 -3.60
C LEU C 85 19.48 4.23 -2.36
N ALA C 86 20.78 4.50 -2.47
CA ALA C 86 21.56 5.08 -1.37
C ALA C 86 22.55 6.08 -1.95
N SER C 87 23.00 7.02 -1.13
CA SER C 87 23.94 8.06 -1.51
C SER C 87 25.15 8.14 -0.57
N PRO C 88 25.93 7.05 -0.48
CA PRO C 88 27.13 7.12 0.35
C PRO C 88 28.31 7.73 -0.39
N GLY C 89 28.09 8.14 -1.65
CA GLY C 89 29.22 8.62 -2.45
C GLY C 89 29.77 7.53 -3.37
N TRP C 90 30.96 7.80 -3.90
CA TRP C 90 31.60 6.95 -4.89
C TRP C 90 32.29 5.87 -4.07
N THR C 91 31.53 4.82 -3.75
CA THR C 91 32.03 3.76 -2.88
C THR C 91 31.34 2.45 -3.23
N THR C 92 32.10 1.36 -3.14
CA THR C 92 31.57 0.05 -3.53
C THR C 92 30.75 -0.62 -2.44
N HIS C 93 31.07 -0.36 -1.18
CA HIS C 93 30.44 -1.03 -0.05
C HIS C 93 30.24 0.01 1.05
N SER C 94 29.09 -0.04 1.72
CA SER C 94 28.80 0.89 2.77
C SER C 94 27.85 0.29 3.80
N ILE C 95 27.84 0.88 4.97
CA ILE C 95 27.01 0.45 6.07
C ILE C 95 25.96 1.52 6.27
N SER C 96 24.70 1.09 6.38
CA SER C 96 23.59 1.97 6.66
C SER C 96 22.71 1.42 7.80
N ASP C 97 22.15 2.35 8.57
CA ASP C 97 21.10 2.04 9.54
C ASP C 97 19.71 1.90 8.88
N GLY C 98 19.64 2.15 7.58
CA GLY C 98 18.37 2.04 6.83
C GLY C 98 17.57 3.33 6.73
N LYS C 99 17.88 4.28 7.60
CA LYS C 99 17.12 5.52 7.67
C LYS C 99 17.34 6.42 6.45
N ASP C 100 18.50 6.30 5.78
CA ASP C 100 18.81 7.11 4.60
C ASP C 100 18.70 6.34 3.28
N LEU C 101 17.87 5.30 3.24
CA LEU C 101 17.74 4.45 2.04
C LEU C 101 16.36 4.62 1.43
N GLU C 102 16.21 4.25 0.16
CA GLU C 102 14.91 4.37 -0.46
C GLU C 102 14.71 3.15 -1.31
N LYS C 103 13.66 2.38 -1.00
CA LYS C 103 13.30 1.23 -1.82
C LYS C 103 12.72 1.72 -3.13
N LEU C 104 12.78 0.88 -4.15
CA LEU C 104 12.21 1.21 -5.46
C LEU C 104 10.69 1.10 -5.42
N LEU C 105 10.02 1.61 -6.46
CA LEU C 105 8.58 1.49 -6.56
C LEU C 105 8.15 0.00 -6.51
N THR C 106 7.20 -0.30 -5.62
CA THR C 106 6.50 -1.58 -5.52
C THR C 106 6.14 -2.18 -6.89
N GLU C 107 5.67 -1.35 -7.81
CA GLU C 107 5.31 -1.80 -9.14
C GLU C 107 6.52 -1.90 -10.08
N TRP C 108 7.73 -1.78 -9.56
CA TRP C 108 8.91 -1.82 -10.41
C TRP C 108 9.02 -3.18 -11.05
N PRO C 109 8.89 -3.25 -12.37
CA PRO C 109 8.96 -4.53 -13.09
C PRO C 109 10.37 -4.93 -13.40
N ASP C 110 10.56 -6.22 -13.72
CA ASP C 110 11.90 -6.76 -13.98
C ASP C 110 12.30 -6.64 -15.44
N THR C 111 11.45 -6.00 -16.24
CA THR C 111 11.73 -5.84 -17.65
C THR C 111 12.56 -4.57 -17.91
N ILE C 112 12.80 -3.74 -16.88
CA ILE C 112 13.60 -2.52 -17.06
C ILE C 112 14.80 -2.57 -16.14
N PRO C 113 15.96 -2.04 -16.60
CA PRO C 113 17.14 -2.10 -15.75
C PRO C 113 16.95 -1.29 -14.49
N LEU C 114 17.56 -1.77 -13.41
CA LEU C 114 17.44 -1.13 -12.10
C LEU C 114 18.07 0.26 -12.15
N SER C 115 19.00 0.44 -13.09
CA SER C 115 19.77 1.67 -13.17
C SER C 115 18.92 2.84 -13.65
N LEU C 116 17.76 2.56 -14.26
CA LEU C 116 16.85 3.64 -14.61
C LEU C 116 16.42 4.40 -13.38
N ALA C 117 16.57 3.81 -12.19
CA ALA C 117 16.25 4.50 -10.94
C ALA C 117 17.21 5.67 -10.67
N LEU C 118 18.29 5.75 -11.46
CA LEU C 118 19.29 6.79 -11.36
C LEU C 118 19.14 7.79 -12.52
N GLY C 119 18.15 7.55 -13.37
CA GLY C 119 18.00 8.29 -14.61
C GLY C 119 16.56 8.66 -14.86
N THR C 120 16.00 8.08 -15.92
CA THR C 120 14.66 8.41 -16.37
C THR C 120 13.58 8.16 -15.32
N VAL C 121 13.71 7.11 -14.52
CA VAL C 121 12.75 6.91 -13.42
C VAL C 121 13.46 7.16 -12.09
N GLY C 122 13.98 8.39 -12.01
CA GLY C 122 14.88 8.82 -10.97
C GLY C 122 15.10 10.29 -11.12
N MET C 123 16.14 10.79 -10.47
CA MET C 123 16.38 12.21 -10.36
C MET C 123 16.41 12.97 -11.72
N PRO C 124 17.13 12.46 -12.72
CA PRO C 124 17.07 13.21 -13.99
C PRO C 124 15.68 13.26 -14.60
N GLY C 125 14.94 12.17 -14.50
CA GLY C 125 13.62 12.13 -15.10
C GLY C 125 12.69 13.07 -14.39
N LEU C 126 12.81 13.15 -13.07
CA LEU C 126 12.03 14.10 -12.32
C LEU C 126 12.37 15.55 -12.68
N THR C 127 13.66 15.85 -12.78
CA THR C 127 14.13 17.18 -13.19
C THR C 127 13.42 17.61 -14.48
N ALA C 128 13.45 16.74 -15.48
CA ALA C 128 12.80 17.02 -16.75
C ALA C 128 11.29 17.24 -16.53
N TYR C 129 10.69 16.32 -15.81
CA TYR C 129 9.25 16.32 -15.61
C TYR C 129 8.81 17.63 -14.98
N PHE C 130 9.41 18.01 -13.87
CA PHE C 130 8.92 19.21 -13.21
C PHE C 130 9.35 20.48 -13.93
N GLY C 131 10.53 20.44 -14.55
CA GLY C 131 11.03 21.61 -15.27
C GLY C 131 10.22 21.94 -16.51
N LEU C 132 9.76 20.91 -17.20
CA LEU C 132 8.94 21.14 -18.38
C LEU C 132 7.51 21.41 -17.98
N LEU C 133 6.95 20.54 -17.14
CA LEU C 133 5.52 20.58 -16.91
C LEU C 133 5.07 21.65 -15.91
N GLU C 134 5.92 22.01 -14.93
CA GLU C 134 5.51 23.04 -13.96
C GLU C 134 6.20 24.37 -14.18
N ILE C 135 7.52 24.36 -14.41
CA ILE C 135 8.21 25.64 -14.60
CA ILE C 135 8.21 25.63 -14.59
C ILE C 135 7.99 26.20 -16.01
N CYS C 136 8.26 25.42 -17.06
CA CYS C 136 7.88 25.88 -18.40
C CYS C 136 6.35 25.95 -18.53
N GLY C 137 5.67 24.95 -17.96
CA GLY C 137 4.21 24.87 -18.01
C GLY C 137 3.60 24.57 -19.38
N VAL C 138 4.23 23.68 -20.15
CA VAL C 138 3.75 23.36 -21.51
C VAL C 138 2.35 22.74 -21.52
N LYS C 139 1.58 23.05 -22.57
CA LYS C 139 0.14 22.73 -22.66
C LYS C 139 -0.24 21.78 -23.81
N GLY C 140 0.53 21.85 -24.91
CA GLY C 140 0.19 21.19 -26.16
C GLY C 140 0.25 22.21 -27.31
N GLY C 141 1.03 21.88 -28.35
CA GLY C 141 1.15 22.76 -29.51
C GLY C 141 2.11 23.93 -29.32
N GLU C 142 2.81 24.00 -28.18
CA GLU C 142 3.91 24.95 -28.05
C GLU C 142 5.14 24.41 -28.75
N THR C 143 6.06 25.30 -29.10
CA THR C 143 7.36 24.90 -29.61
C THR C 143 8.38 25.06 -28.48
N VAL C 144 9.11 23.97 -28.22
CA VAL C 144 10.05 23.89 -27.11
C VAL C 144 11.47 23.68 -27.63
N MET C 145 12.40 24.51 -27.15
CA MET C 145 13.82 24.38 -27.46
C MET C 145 14.50 23.72 -26.27
N VAL C 146 15.18 22.61 -26.51
CA VAL C 146 15.90 21.89 -25.45
C VAL C 146 17.31 21.65 -25.92
N ASN C 147 18.28 22.00 -25.09
CA ASN C 147 19.69 21.70 -25.35
C ASN C 147 20.18 20.55 -24.45
N ALA C 148 21.42 20.09 -24.66
CA ALA C 148 21.91 18.79 -24.14
C ALA C 148 20.83 17.70 -24.34
N ALA C 149 20.20 17.75 -25.50
CA ALA C 149 18.95 17.05 -25.77
C ALA C 149 19.07 15.52 -25.80
N ALA C 150 20.29 15.02 -26.03
CA ALA C 150 20.59 13.60 -25.97
C ALA C 150 21.11 13.15 -24.59
N GLY C 151 21.15 14.06 -23.61
CA GLY C 151 21.59 13.70 -22.24
C GLY C 151 20.45 13.13 -21.40
N ALA C 152 20.69 12.87 -20.12
CA ALA C 152 19.70 12.19 -19.27
C ALA C 152 18.44 13.03 -19.12
N VAL C 153 18.60 14.28 -18.66
CA VAL C 153 17.50 15.22 -18.50
C VAL C 153 16.88 15.59 -19.85
N GLY C 154 17.72 16.03 -20.78
CA GLY C 154 17.23 16.59 -22.04
C GLY C 154 16.41 15.67 -22.89
N SER C 155 16.77 14.39 -22.90
CA SER C 155 16.07 13.40 -23.71
C SER C 155 14.68 13.16 -23.15
N VAL C 156 14.57 13.13 -21.83
CA VAL C 156 13.26 12.96 -21.20
C VAL C 156 12.41 14.20 -21.47
N VAL C 157 12.98 15.40 -21.38
CA VAL C 157 12.24 16.62 -21.68
C VAL C 157 11.58 16.58 -23.06
N GLY C 158 12.34 16.19 -24.07
CA GLY C 158 11.84 16.21 -25.44
C GLY C 158 10.71 15.23 -25.66
N GLN C 159 10.85 14.05 -25.05
CA GLN C 159 9.88 13.00 -25.22
C GLN C 159 8.64 13.29 -24.42
N ILE C 160 8.77 13.94 -23.28
CA ILE C 160 7.58 14.36 -22.57
C ILE C 160 6.88 15.46 -23.41
N ALA C 161 7.63 16.46 -23.83
CA ALA C 161 7.06 17.50 -24.70
C ALA C 161 6.30 16.89 -25.85
N LYS C 162 6.93 15.91 -26.53
CA LYS C 162 6.28 15.24 -27.68
C LYS C 162 4.94 14.56 -27.33
N LEU C 163 4.89 13.79 -26.23
CA LEU C 163 3.66 13.09 -25.84
C LEU C 163 2.59 14.05 -25.32
N LYS C 164 2.99 15.29 -25.05
CA LYS C 164 2.04 16.37 -24.78
C LYS C 164 1.64 17.06 -26.07
N GLY C 165 2.22 16.65 -27.20
CA GLY C 165 1.86 17.22 -28.48
C GLY C 165 2.51 18.57 -28.73
N CYS C 166 3.73 18.76 -28.22
CA CYS C 166 4.56 19.93 -28.56
C CYS C 166 5.49 19.63 -29.74
N LYS C 167 5.96 20.68 -30.40
CA LYS C 167 7.08 20.55 -31.35
C LYS C 167 8.36 20.75 -30.57
N VAL C 168 9.35 19.89 -30.82
CA VAL C 168 10.60 19.90 -30.12
C VAL C 168 11.78 20.21 -31.06
N VAL C 169 12.57 21.22 -30.71
CA VAL C 169 13.85 21.52 -31.38
C VAL C 169 14.96 21.19 -30.39
N GLY C 170 15.88 20.32 -30.80
CA GLY C 170 16.95 19.89 -29.93
C GLY C 170 18.32 20.24 -30.43
N ALA C 171 19.19 20.66 -29.53
CA ALA C 171 20.60 20.88 -29.86
C ALA C 171 21.40 19.80 -29.18
N VAL C 172 22.31 19.16 -29.93
CA VAL C 172 23.27 18.15 -29.38
C VAL C 172 24.66 18.33 -29.97
N GLY C 173 25.67 17.69 -29.39
CA GLY C 173 27.07 17.92 -29.75
C GLY C 173 27.75 16.90 -30.65
N SER C 174 26.99 16.02 -31.29
CA SER C 174 27.54 14.95 -32.15
C SER C 174 26.49 14.48 -33.13
N ASP C 175 26.92 14.02 -34.30
CA ASP C 175 26.02 13.51 -35.35
C ASP C 175 25.33 12.23 -34.91
N GLU C 176 26.01 11.41 -34.13
CA GLU C 176 25.37 10.24 -33.52
C GLU C 176 24.13 10.63 -32.72
N LYS C 177 24.22 11.73 -31.96
CA LYS C 177 23.13 12.07 -31.05
C LYS C 177 22.01 12.65 -31.91
N VAL C 178 22.38 13.31 -32.99
CA VAL C 178 21.42 13.87 -33.92
C VAL C 178 20.57 12.75 -34.51
N ALA C 179 21.25 11.71 -35.03
CA ALA C 179 20.58 10.52 -35.56
C ALA C 179 19.59 9.88 -34.56
N TYR C 180 20.05 9.68 -33.33
CA TYR C 180 19.22 9.00 -32.35
C TYR C 180 17.93 9.79 -32.09
N LEU C 181 18.07 11.07 -31.81
CA LEU C 181 16.93 11.91 -31.49
C LEU C 181 15.95 12.05 -32.65
N GLN C 182 16.46 12.08 -33.87
CA GLN C 182 15.59 12.08 -35.05
C GLN C 182 14.76 10.78 -35.12
N LYS C 183 15.44 9.66 -34.87
CA LYS C 183 14.78 8.35 -34.84
C LYS C 183 13.69 8.37 -33.79
N LEU C 184 13.96 8.99 -32.65
CA LEU C 184 12.93 9.20 -31.64
C LEU C 184 11.72 10.01 -32.11
N GLY C 185 11.92 10.86 -33.12
CA GLY C 185 10.82 11.64 -33.68
C GLY C 185 10.80 13.09 -33.22
N PHE C 186 11.94 13.59 -32.74
CA PHE C 186 12.03 15.01 -32.40
C PHE C 186 11.93 15.79 -33.71
N ASP C 187 11.22 16.92 -33.69
CA ASP C 187 10.89 17.61 -34.95
C ASP C 187 12.13 18.14 -35.70
N VAL C 188 13.01 18.85 -35.00
CA VAL C 188 14.29 19.29 -35.57
C VAL C 188 15.38 19.01 -34.56
N VAL C 189 16.50 18.48 -35.03
CA VAL C 189 17.63 18.21 -34.16
C VAL C 189 18.88 18.55 -34.92
N PHE C 190 19.81 19.30 -34.32
CA PHE C 190 21.05 19.68 -34.99
C PHE C 190 22.25 19.54 -34.12
N ASN C 191 23.40 19.52 -34.76
CA ASN C 191 24.68 19.53 -34.08
C ASN C 191 25.18 20.96 -33.88
N TYR C 192 25.16 21.44 -32.63
CA TYR C 192 25.55 22.84 -32.35
C TYR C 192 27.03 23.11 -32.55
N LYS C 193 27.85 22.07 -32.63
CA LYS C 193 29.30 22.22 -32.82
C LYS C 193 29.72 22.34 -34.28
N THR C 194 28.84 21.95 -35.20
CA THR C 194 29.17 21.95 -36.62
C THR C 194 28.33 22.90 -37.47
N VAL C 195 27.21 23.42 -36.95
CA VAL C 195 26.41 24.33 -37.74
C VAL C 195 27.19 25.63 -37.94
N GLU C 196 26.93 26.27 -39.09
CA GLU C 196 27.57 27.53 -39.46
C GLU C 196 27.15 28.61 -38.48
N SER C 197 25.83 28.73 -38.31
CA SER C 197 25.26 29.79 -37.50
C SER C 197 24.18 29.26 -36.56
N LEU C 198 24.43 29.34 -35.26
CA LEU C 198 23.44 28.93 -34.29
C LEU C 198 22.15 29.69 -34.54
N GLU C 199 22.28 30.99 -34.74
CA GLU C 199 21.13 31.87 -34.84
C GLU C 199 20.29 31.52 -36.08
N GLU C 200 20.95 31.34 -37.23
CA GLU C 200 20.22 30.95 -38.45
C GLU C 200 19.61 29.54 -38.37
N THR C 201 20.31 28.62 -37.69
CA THR C 201 19.80 27.28 -37.51
C THR C 201 18.51 27.34 -36.69
N LEU C 202 18.55 28.06 -35.57
CA LEU C 202 17.38 28.18 -34.70
C LEU C 202 16.20 28.83 -35.39
N LYS C 203 16.49 29.84 -36.20
CA LYS C 203 15.45 30.54 -36.95
C LYS C 203 14.79 29.63 -38.00
N LYS C 204 15.60 28.84 -38.70
CA LYS C 204 15.06 27.91 -39.70
C LYS C 204 14.26 26.78 -39.03
N ALA C 205 14.65 26.44 -37.80
CA ALA C 205 14.00 25.36 -37.06
C ALA C 205 12.62 25.78 -36.58
N SER C 206 12.50 27.06 -36.17
CA SER C 206 11.22 27.65 -35.83
C SER C 206 11.19 29.14 -36.18
N PRO C 207 10.71 29.48 -37.38
CA PRO C 207 10.67 30.88 -37.81
C PRO C 207 9.76 31.75 -36.95
N ASP C 208 8.69 31.15 -36.46
CA ASP C 208 7.79 31.73 -35.48
C ASP C 208 8.42 32.02 -34.10
N GLY C 209 9.62 31.48 -33.81
CA GLY C 209 10.23 31.61 -32.48
C GLY C 209 9.84 30.50 -31.50
N TYR C 210 10.21 30.66 -30.23
CA TYR C 210 10.06 29.60 -29.26
C TYR C 210 9.18 29.99 -28.08
N ASP C 211 8.20 29.14 -27.75
CA ASP C 211 7.37 29.32 -26.56
C ASP C 211 8.10 29.01 -25.27
N CYS C 212 8.96 27.99 -25.33
CA CYS C 212 9.60 27.45 -24.15
C CYS C 212 11.01 27.06 -24.47
N TYR C 213 11.87 27.30 -23.49
CA TYR C 213 13.26 26.94 -23.54
C TYR C 213 13.58 26.18 -22.25
N PHE C 214 13.96 24.92 -22.39
CA PHE C 214 14.43 24.13 -21.27
C PHE C 214 15.93 24.20 -21.37
N ASP C 215 16.57 24.91 -20.43
CA ASP C 215 17.97 25.24 -20.58
C ASP C 215 18.84 24.45 -19.66
N ASN C 216 19.71 23.63 -20.25
CA ASN C 216 20.69 22.83 -19.51
C ASN C 216 22.11 23.38 -19.59
N VAL C 217 22.29 24.43 -20.39
CA VAL C 217 23.64 24.79 -20.89
C VAL C 217 24.13 26.18 -20.48
N GLY C 218 23.27 27.19 -20.63
CA GLY C 218 23.61 28.58 -20.27
C GLY C 218 24.60 29.23 -21.22
N GLY C 219 25.23 30.29 -20.76
CA GLY C 219 26.26 31.02 -21.53
C GLY C 219 25.78 31.55 -22.86
N GLU C 220 26.72 31.64 -23.81
CA GLU C 220 26.46 32.21 -25.15
C GLU C 220 25.35 31.52 -25.88
N PHE C 221 25.25 30.21 -25.73
CA PHE C 221 24.21 29.43 -26.40
C PHE C 221 22.83 29.99 -26.03
N SER C 222 22.62 30.19 -24.73
CA SER C 222 21.36 30.75 -24.22
C SER C 222 21.12 32.22 -24.60
N ASN C 223 22.20 32.99 -24.66
CA ASN C 223 22.15 34.35 -25.17
C ASN C 223 21.51 34.36 -26.52
N THR C 224 21.97 33.47 -27.39
CA THR C 224 21.44 33.34 -28.74
C THR C 224 19.96 32.90 -28.77
N VAL C 225 19.60 31.92 -27.93
CA VAL C 225 18.22 31.42 -27.90
C VAL C 225 17.27 32.49 -27.41
N ILE C 226 17.74 33.28 -26.46
CA ILE C 226 16.90 34.35 -25.93
C ILE C 226 16.39 35.25 -27.04
N GLY C 227 17.20 35.46 -28.06
CA GLY C 227 16.87 36.32 -29.18
C GLY C 227 15.82 35.75 -30.10
N GLN C 228 15.43 34.50 -29.90
CA GLN C 228 14.38 33.88 -30.69
C GLN C 228 13.19 33.37 -29.87
N MET C 229 13.15 33.74 -28.59
CA MET C 229 11.98 33.49 -27.75
C MET C 229 10.79 34.33 -28.19
N LYS C 230 9.61 33.73 -28.20
CA LYS C 230 8.39 34.48 -28.44
C LYS C 230 8.13 35.43 -27.28
N LYS C 231 7.20 36.37 -27.48
CA LYS C 231 6.81 37.28 -26.44
C LYS C 231 6.14 36.50 -25.28
N PHE C 232 6.51 36.82 -24.05
CA PHE C 232 6.10 36.03 -22.85
C PHE C 232 6.65 34.61 -22.85
N GLY C 233 7.69 34.35 -23.64
CA GLY C 233 8.27 33.01 -23.70
C GLY C 233 8.85 32.63 -22.34
N ARG C 234 8.89 31.34 -22.05
CA ARG C 234 9.29 30.86 -20.72
C ARG C 234 10.57 30.03 -20.74
N ILE C 235 11.50 30.38 -19.86
CA ILE C 235 12.74 29.64 -19.76
C ILE C 235 12.77 28.93 -18.43
N ALA C 236 12.96 27.61 -18.47
CA ALA C 236 13.24 26.82 -17.28
C ALA C 236 14.73 26.76 -17.14
N ILE C 237 15.27 27.43 -16.13
CA ILE C 237 16.70 27.36 -15.85
C ILE C 237 17.04 26.12 -15.01
N CYS C 238 17.42 25.05 -15.70
CA CYS C 238 17.71 23.78 -15.07
C CYS C 238 19.20 23.66 -14.72
N GLY C 239 20.05 23.97 -15.69
CA GLY C 239 21.48 23.99 -15.50
C GLY C 239 22.16 24.96 -16.43
N ALA C 240 23.48 25.05 -16.27
CA ALA C 240 24.35 25.94 -17.02
C ALA C 240 25.67 25.23 -17.25
N ILE C 241 25.63 24.04 -17.86
CA ILE C 241 26.84 23.20 -17.96
C ILE C 241 28.01 23.88 -18.72
N SER C 242 27.72 24.81 -19.64
CA SER C 242 28.81 25.52 -20.37
C SER C 242 29.77 26.27 -19.47
N THR C 243 29.34 26.54 -18.24
CA THR C 243 30.08 27.32 -17.27
C THR C 243 30.71 26.51 -16.13
N TYR C 244 30.37 25.24 -15.99
CA TYR C 244 30.83 24.51 -14.78
C TYR C 244 32.32 24.25 -14.73
N ASN C 245 32.93 24.14 -15.90
CA ASN C 245 34.35 23.83 -16.01
C ASN C 245 35.16 25.01 -16.56
N ARG C 246 34.70 26.24 -16.30
CA ARG C 246 35.27 27.47 -16.87
C ARG C 246 36.51 27.92 -16.14
N THR C 247 37.44 28.51 -16.89
CA THR C 247 38.73 28.89 -16.35
C THR C 247 38.78 30.27 -15.64
N GLY C 248 37.83 31.17 -15.98
CA GLY C 248 37.78 32.56 -15.48
C GLY C 248 36.38 33.16 -15.28
N PRO C 249 36.16 34.43 -15.72
CA PRO C 249 34.81 35.04 -15.61
C PRO C 249 33.74 34.50 -16.57
N LEU C 250 32.48 34.61 -16.16
CA LEU C 250 31.36 34.10 -16.97
C LEU C 250 31.31 34.80 -18.33
N PRO C 251 30.67 34.20 -19.33
CA PRO C 251 30.37 34.96 -20.53
C PRO C 251 29.37 36.12 -20.30
N PRO C 252 29.28 37.05 -21.27
CA PRO C 252 28.31 38.14 -21.14
C PRO C 252 26.90 37.63 -20.93
N GLY C 253 26.12 38.36 -20.15
CA GLY C 253 24.72 38.01 -19.93
C GLY C 253 23.92 38.26 -21.20
N PRO C 254 22.62 37.98 -21.16
CA PRO C 254 21.75 38.17 -22.32
C PRO C 254 21.47 39.65 -22.61
N PRO C 255 21.16 40.00 -23.86
CA PRO C 255 20.88 41.42 -24.14
C PRO C 255 19.58 41.91 -23.45
N PRO C 256 19.70 42.85 -22.49
CA PRO C 256 18.55 43.27 -21.68
C PRO C 256 17.36 43.80 -22.50
N GLU C 257 17.62 44.44 -23.63
CA GLU C 257 16.55 44.99 -24.45
C GLU C 257 15.65 43.91 -24.99
N ILE C 258 16.23 42.74 -25.29
CA ILE C 258 15.47 41.61 -25.83
C ILE C 258 14.67 40.93 -24.74
N VAL C 259 15.29 40.69 -23.59
CA VAL C 259 14.60 40.11 -22.45
C VAL C 259 13.42 40.99 -22.04
N ILE C 260 13.66 42.29 -21.91
CA ILE C 260 12.60 43.22 -21.55
C ILE C 260 11.50 43.29 -22.61
N TYR C 261 11.85 43.59 -23.85
CA TYR C 261 10.85 43.76 -24.91
C TYR C 261 10.03 42.49 -25.22
N GLN C 262 10.65 41.31 -25.08
CA GLN C 262 9.92 40.06 -25.21
C GLN C 262 9.28 39.63 -23.86
N GLU C 263 9.56 40.36 -22.79
CA GLU C 263 8.91 40.16 -21.50
C GLU C 263 9.06 38.71 -21.09
N LEU C 264 10.29 38.24 -21.05
CA LEU C 264 10.50 36.83 -20.79
C LEU C 264 10.30 36.50 -19.33
N ARG C 265 9.87 35.27 -19.08
CA ARG C 265 9.88 34.69 -17.75
C ARG C 265 10.97 33.63 -17.68
N MET C 266 11.84 33.79 -16.68
CA MET C 266 12.98 32.92 -16.51
C MET C 266 12.96 32.45 -15.07
N GLU C 267 12.79 31.15 -14.89
CA GLU C 267 12.69 30.58 -13.55
C GLU C 267 13.62 29.40 -13.38
N ALA C 268 14.45 29.46 -12.34
CA ALA C 268 15.29 28.34 -11.96
C ALA C 268 14.57 27.40 -10.99
N PHE C 269 15.05 26.16 -10.89
CA PHE C 269 14.45 25.16 -9.98
C PHE C 269 15.47 24.11 -9.63
N VAL C 270 15.25 23.47 -8.48
CA VAL C 270 16.03 22.32 -8.04
C VAL C 270 15.04 21.15 -7.90
N VAL C 271 15.37 19.98 -8.46
CA VAL C 271 14.43 18.85 -8.55
C VAL C 271 13.90 18.44 -7.15
N TYR C 272 14.77 18.52 -6.14
CA TYR C 272 14.42 18.13 -4.76
C TYR C 272 13.31 18.97 -4.08
N ARG C 273 12.92 20.09 -4.69
CA ARG C 273 11.75 20.84 -4.25
C ARG C 273 10.49 19.97 -4.10
N TRP C 274 10.29 19.08 -5.08
CA TRP C 274 9.11 18.24 -5.14
C TRP C 274 9.34 16.92 -4.41
N GLN C 275 8.58 16.74 -3.35
CA GLN C 275 8.64 15.60 -2.44
C GLN C 275 7.22 15.10 -2.25
N GLY C 276 7.04 14.13 -1.33
CA GLY C 276 5.72 13.59 -0.99
C GLY C 276 5.04 12.92 -2.17
N ASP C 277 3.71 13.05 -2.22
CA ASP C 277 2.88 12.48 -3.27
C ASP C 277 3.19 13.05 -4.66
N ALA C 278 3.52 14.33 -4.71
CA ALA C 278 3.82 14.97 -5.99
C ALA C 278 5.02 14.25 -6.62
N ARG C 279 6.02 13.93 -5.81
CA ARG C 279 7.16 13.18 -6.33
C ARG C 279 6.81 11.74 -6.73
N GLN C 280 6.10 11.08 -5.83
CA GLN C 280 5.70 9.70 -6.04
C GLN C 280 4.85 9.58 -7.30
N LYS C 281 3.92 10.50 -7.46
CA LYS C 281 3.05 10.54 -8.62
C LYS C 281 3.87 10.74 -9.93
N ALA C 282 4.82 11.67 -9.91
CA ALA C 282 5.73 11.88 -11.05
C ALA C 282 6.54 10.63 -11.41
N LEU C 283 7.05 9.93 -10.40
CA LEU C 283 7.80 8.69 -10.65
C LEU C 283 6.90 7.62 -11.30
N LYS C 284 5.67 7.50 -10.81
CA LYS C 284 4.71 6.59 -11.44
C LYS C 284 4.33 7.07 -12.85
N ASP C 285 4.20 8.39 -13.05
CA ASP C 285 3.95 8.90 -14.41
C ASP C 285 5.06 8.48 -15.38
N LEU C 286 6.32 8.64 -14.96
CA LEU C 286 7.49 8.34 -15.77
C LEU C 286 7.64 6.84 -16.05
N LEU C 287 7.50 6.02 -15.01
CA LEU C 287 7.50 4.56 -15.17
C LEU C 287 6.49 4.14 -16.24
N LYS C 288 5.23 4.57 -16.06
CA LYS C 288 4.16 4.18 -16.97
C LYS C 288 4.51 4.59 -18.41
N TRP C 289 4.97 5.82 -18.58
CA TRP C 289 5.38 6.28 -19.90
C TRP C 289 6.46 5.42 -20.54
N VAL C 290 7.41 4.97 -19.75
CA VAL C 290 8.44 4.06 -20.24
C VAL C 290 7.82 2.72 -20.64
N LEU C 291 6.97 2.17 -19.78
CA LEU C 291 6.32 0.89 -20.10
C LEU C 291 5.50 0.96 -21.39
N GLU C 292 4.85 2.09 -21.63
CA GLU C 292 4.08 2.29 -22.86
C GLU C 292 4.94 2.56 -24.11
N GLY C 293 6.23 2.89 -23.94
CA GLY C 293 7.07 3.25 -25.08
C GLY C 293 6.97 4.73 -25.45
N LYS C 294 6.18 5.50 -24.70
CA LYS C 294 6.10 6.93 -24.90
C LYS C 294 7.39 7.63 -24.46
N ILE C 295 8.10 7.03 -23.51
CA ILE C 295 9.47 7.42 -23.22
C ILE C 295 10.36 6.21 -23.40
N GLN C 296 11.28 6.31 -24.36
CA GLN C 296 12.28 5.26 -24.60
C GLN C 296 13.53 5.55 -23.81
N TYR C 297 14.18 4.52 -23.30
CA TYR C 297 15.40 4.71 -22.52
C TYR C 297 16.61 4.30 -23.32
N LYS C 298 17.76 4.79 -22.86
CA LYS C 298 19.06 4.44 -23.41
C LYS C 298 20.12 4.84 -22.39
N GLU C 299 21.08 3.95 -22.15
CA GLU C 299 22.08 4.16 -21.12
C GLU C 299 23.48 4.17 -21.72
N TYR C 300 24.34 5.00 -21.12
CA TYR C 300 25.75 5.07 -21.46
C TYR C 300 26.51 4.47 -20.29
N ILE C 301 26.80 3.17 -20.43
CA ILE C 301 27.29 2.35 -19.34
C ILE C 301 28.78 2.18 -19.41
N ILE C 302 29.46 2.56 -18.35
CA ILE C 302 30.88 2.33 -18.22
C ILE C 302 31.02 1.23 -17.18
N GLU C 303 31.79 0.20 -17.53
CA GLU C 303 31.98 -0.98 -16.69
C GLU C 303 33.12 -0.74 -15.74
N GLY C 304 32.89 -1.03 -14.46
CA GLY C 304 33.97 -1.07 -13.47
C GLY C 304 34.14 0.21 -12.66
N PHE C 305 34.13 0.05 -11.34
CA PHE C 305 34.27 1.16 -10.39
C PHE C 305 35.55 1.96 -10.54
N GLU C 306 36.64 1.29 -10.90
CA GLU C 306 37.92 1.98 -11.13
C GLU C 306 37.85 3.03 -12.23
N ASN C 307 36.84 2.93 -13.11
CA ASN C 307 36.64 3.87 -14.22
C ASN C 307 35.60 4.99 -13.99
N MET C 308 35.20 5.19 -12.75
CA MET C 308 34.15 6.15 -12.41
C MET C 308 34.58 7.59 -12.63
N PRO C 309 35.84 7.92 -12.28
CA PRO C 309 36.35 9.25 -12.63
C PRO C 309 36.31 9.49 -14.12
N ALA C 310 36.71 8.49 -14.92
CA ALA C 310 36.68 8.63 -16.36
C ALA C 310 35.28 8.82 -16.90
N ALA C 311 34.29 8.19 -16.27
CA ALA C 311 32.89 8.30 -16.76
C ALA C 311 32.36 9.70 -16.49
N PHE C 312 32.77 10.25 -15.34
CA PHE C 312 32.40 11.56 -14.89
C PHE C 312 33.03 12.63 -15.82
N MET C 313 34.32 12.56 -16.05
CA MET C 313 35.00 13.44 -17.02
C MET C 313 34.40 13.38 -18.44
N GLY C 314 34.18 12.18 -18.96
CA GLY C 314 33.63 11.99 -20.31
C GLY C 314 32.19 12.52 -20.50
N MET C 315 31.36 12.31 -19.49
CA MET C 315 30.04 12.91 -19.43
C MET C 315 30.14 14.43 -19.49
N LEU C 316 31.07 15.02 -18.74
CA LEU C 316 31.21 16.49 -18.77
C LEU C 316 31.62 16.94 -20.14
N LYS C 317 32.45 16.14 -20.79
CA LYS C 317 32.94 16.44 -22.13
C LYS C 317 32.06 15.95 -23.25
N GLY C 318 30.86 15.45 -22.95
CA GLY C 318 29.92 15.10 -23.99
C GLY C 318 30.01 13.71 -24.61
N ASP C 319 30.70 12.77 -23.96
CA ASP C 319 30.78 11.38 -24.47
C ASP C 319 29.44 10.61 -24.45
N ASN C 320 28.61 10.87 -23.44
CA ASN C 320 27.43 10.05 -23.16
C ASN C 320 26.25 10.33 -24.04
N LEU C 321 25.67 9.27 -24.58
CA LEU C 321 24.35 9.31 -25.21
C LEU C 321 23.43 8.65 -24.19
N GLY C 322 22.57 9.46 -23.57
CA GLY C 322 21.66 9.01 -22.52
C GLY C 322 22.37 9.03 -21.17
N LYS C 323 21.69 8.53 -20.14
CA LYS C 323 22.19 8.61 -18.77
C LYS C 323 23.50 7.85 -18.59
N THR C 324 24.46 8.52 -17.96
CA THR C 324 25.78 7.98 -17.70
C THR C 324 25.72 7.15 -16.45
N ILE C 325 26.08 5.88 -16.57
CA ILE C 325 25.99 4.91 -15.48
C ILE C 325 27.30 4.11 -15.37
N VAL C 326 27.76 3.88 -14.16
CA VAL C 326 28.87 2.98 -13.90
C VAL C 326 28.29 1.68 -13.34
N LYS C 327 28.51 0.57 -14.04
CA LYS C 327 28.22 -0.76 -13.51
C LYS C 327 29.40 -1.26 -12.72
N ALA C 328 29.21 -1.45 -11.42
CA ALA C 328 30.27 -1.99 -10.58
C ALA C 328 30.42 -3.49 -10.90
N SER D 1 32.22 -16.00 31.71
CA SER D 1 31.10 -16.87 31.22
C SER D 1 29.75 -16.15 31.34
N MET D 2 29.44 -15.30 30.36
CA MET D 2 28.20 -14.49 30.39
C MET D 2 27.09 -15.10 29.53
N THR D 3 25.85 -14.72 29.80
CA THR D 3 24.74 -15.09 28.92
C THR D 3 23.64 -14.03 28.82
N LYS D 4 23.07 -13.95 27.61
CA LYS D 4 21.89 -13.13 27.34
C LYS D 4 20.66 -14.05 27.28
N THR D 5 19.58 -13.61 27.92
CA THR D 5 18.33 -14.37 27.99
C THR D 5 17.07 -13.51 27.70
N TRP D 6 16.19 -14.00 26.83
CA TRP D 6 14.93 -13.35 26.56
C TRP D 6 13.90 -13.94 27.50
N THR D 7 13.25 -13.06 28.23
CA THR D 7 12.25 -13.44 29.23
C THR D 7 10.92 -12.83 28.85
N LEU D 8 9.84 -13.40 29.37
CA LEU D 8 8.50 -12.89 29.15
C LEU D 8 8.23 -11.80 30.17
N LYS D 9 8.20 -10.56 29.71
CA LYS D 9 7.90 -9.44 30.60
C LYS D 9 6.41 -9.37 30.94
N LYS D 10 5.58 -9.64 29.95
CA LYS D 10 4.14 -9.57 30.16
C LYS D 10 3.44 -10.60 29.32
N HIS D 11 2.39 -11.21 29.88
CA HIS D 11 1.59 -12.17 29.15
C HIS D 11 1.00 -11.53 27.91
N PHE D 12 1.00 -12.29 26.82
CA PHE D 12 0.52 -11.81 25.52
C PHE D 12 -0.98 -11.51 25.61
N VAL D 13 -1.36 -10.42 24.98
CA VAL D 13 -2.77 -10.07 24.77
C VAL D 13 -2.84 -9.76 23.29
N GLY D 14 -3.52 -10.62 22.51
CA GLY D 14 -3.47 -10.55 21.06
C GLY D 14 -2.10 -10.98 20.56
N TYR D 15 -1.63 -10.42 19.46
CA TYR D 15 -0.26 -10.67 19.04
C TYR D 15 0.74 -10.15 20.07
N PRO D 16 1.86 -10.87 20.22
CA PRO D 16 2.91 -10.31 21.06
C PRO D 16 3.45 -9.01 20.49
N THR D 17 4.00 -8.16 21.37
CA THR D 17 4.64 -6.92 20.99
C THR D 17 6.02 -6.85 21.66
N ASN D 18 6.87 -5.94 21.20
CA ASN D 18 8.20 -5.74 21.80
C ASN D 18 8.17 -5.56 23.32
N SER D 19 7.20 -4.80 23.82
CA SER D 19 7.08 -4.58 25.25
C SER D 19 6.78 -5.85 26.03
N ASP D 20 6.29 -6.93 25.39
CA ASP D 20 6.07 -8.16 26.14
C ASP D 20 7.34 -8.98 26.45
N PHE D 21 8.47 -8.62 25.85
CA PHE D 21 9.74 -9.34 26.06
C PHE D 21 10.78 -8.47 26.75
N GLU D 22 11.64 -9.09 27.55
CA GLU D 22 12.75 -8.38 28.15
C GLU D 22 14.04 -9.20 28.13
N LEU D 23 15.06 -8.60 27.56
CA LEU D 23 16.40 -9.17 27.42
C LEU D 23 17.23 -8.90 28.66
N LYS D 24 17.72 -9.97 29.29
CA LYS D 24 18.54 -9.87 30.50
C LYS D 24 19.91 -10.50 30.31
N THR D 25 20.92 -9.85 30.88
CA THR D 25 22.30 -10.30 30.88
C THR D 25 22.63 -10.86 32.28
N SER D 26 23.36 -11.96 32.32
CA SER D 26 23.57 -12.70 33.55
C SER D 26 24.92 -13.42 33.54
N GLU D 27 25.38 -13.81 34.72
CA GLU D 27 26.70 -14.46 34.87
C GLU D 27 26.44 -15.92 35.15
N LEU D 28 27.08 -16.80 34.40
CA LEU D 28 26.93 -18.23 34.68
C LEU D 28 28.00 -18.71 35.67
N PRO D 29 27.63 -19.66 36.54
CA PRO D 29 28.65 -20.24 37.43
C PRO D 29 29.76 -20.96 36.66
N PRO D 30 30.82 -21.41 37.36
CA PRO D 30 31.79 -22.31 36.70
C PRO D 30 31.19 -23.70 36.52
N LEU D 31 31.74 -24.47 35.57
CA LEU D 31 31.30 -25.85 35.33
C LEU D 31 31.70 -26.78 36.47
N LYS D 32 30.80 -27.68 36.87
CA LYS D 32 31.12 -28.74 37.83
C LYS D 32 31.40 -30.04 37.05
N ASN D 33 31.92 -31.07 37.71
CA ASN D 33 32.20 -32.34 37.03
C ASN D 33 30.96 -32.87 36.30
N GLY D 34 31.18 -33.42 35.11
CA GLY D 34 30.08 -33.94 34.29
C GLY D 34 29.39 -32.90 33.42
N GLU D 35 29.77 -31.62 33.54
CA GLU D 35 29.02 -30.52 32.91
C GLU D 35 29.67 -29.94 31.68
N VAL D 36 28.87 -29.26 30.87
CA VAL D 36 29.35 -28.58 29.68
C VAL D 36 28.75 -27.17 29.58
N LEU D 37 29.52 -26.24 28.99
CA LEU D 37 29.02 -24.93 28.64
C LEU D 37 28.62 -25.02 27.19
N LEU D 38 27.37 -24.67 26.89
CA LEU D 38 26.84 -24.71 25.52
C LEU D 38 26.70 -23.31 24.95
N GLU D 39 27.12 -23.14 23.71
CA GLU D 39 26.95 -21.89 23.02
C GLU D 39 26.01 -22.09 21.87
N ALA D 40 24.95 -21.28 21.91
CA ALA D 40 23.90 -21.28 20.91
C ALA D 40 24.45 -20.91 19.56
N LEU D 41 24.19 -21.74 18.56
CA LEU D 41 24.48 -21.42 17.16
C LEU D 41 23.22 -21.00 16.42
N PHE D 42 22.16 -21.79 16.55
CA PHE D 42 20.90 -21.48 15.87
C PHE D 42 19.78 -21.74 16.82
N LEU D 43 18.84 -20.81 16.93
CA LEU D 43 17.68 -21.02 17.77
C LEU D 43 16.41 -21.01 16.92
N THR D 44 15.43 -21.80 17.33
CA THR D 44 14.15 -21.82 16.64
C THR D 44 13.13 -21.00 17.42
N VAL D 45 12.19 -20.44 16.69
CA VAL D 45 10.94 -19.99 17.25
C VAL D 45 9.80 -20.74 16.58
N ASP D 46 8.76 -21.04 17.35
CA ASP D 46 7.68 -21.92 16.89
C ASP D 46 6.32 -21.46 17.40
N PRO D 47 5.24 -21.71 16.62
CA PRO D 47 3.92 -21.28 17.05
C PRO D 47 3.49 -21.78 18.42
N TYR D 48 3.93 -22.99 18.80
CA TYR D 48 3.52 -23.53 20.10
C TYR D 48 3.89 -22.57 21.24
N MET D 49 4.93 -21.76 21.05
CA MET D 49 5.41 -20.84 22.06
C MET D 49 4.38 -19.75 22.38
N ARG D 50 3.53 -19.40 21.39
CA ARG D 50 2.43 -18.48 21.64
C ARG D 50 1.42 -19.08 22.61
N VAL D 51 1.24 -20.38 22.57
CA VAL D 51 0.28 -21.04 23.43
C VAL D 51 0.89 -21.35 24.80
N ALA D 52 2.08 -21.92 24.79
CA ALA D 52 2.73 -22.38 25.99
C ALA D 52 3.16 -21.23 26.89
N ALA D 53 3.37 -20.03 26.33
CA ALA D 53 3.76 -18.88 27.17
C ALA D 53 2.78 -18.63 28.34
N LYS D 54 1.50 -18.98 28.15
CA LYS D 54 0.48 -18.82 29.21
C LYS D 54 0.83 -19.51 30.53
N ARG D 55 1.66 -20.55 30.45
CA ARG D 55 2.04 -21.34 31.62
C ARG D 55 3.29 -20.79 32.32
N LEU D 56 3.92 -19.78 31.73
CA LEU D 56 5.08 -19.10 32.31
C LEU D 56 4.63 -18.03 33.29
N LYS D 57 5.53 -17.71 34.20
CA LYS D 57 5.39 -16.59 35.07
C LYS D 57 6.19 -15.47 34.43
N GLU D 58 5.77 -14.25 34.70
CA GLU D 58 6.48 -13.10 34.19
C GLU D 58 7.91 -13.13 34.71
N GLY D 59 8.85 -12.74 33.87
CA GLY D 59 10.25 -12.89 34.21
C GLY D 59 10.89 -14.24 33.87
N ASP D 60 10.10 -15.25 33.51
CA ASP D 60 10.65 -16.52 33.11
C ASP D 60 11.23 -16.43 31.71
N THR D 61 12.20 -17.31 31.45
CA THR D 61 12.80 -17.52 30.16
C THR D 61 11.83 -18.12 29.17
N MET D 62 11.74 -17.54 27.98
CA MET D 62 10.93 -18.12 26.90
C MET D 62 11.44 -19.54 26.59
N MET D 63 10.53 -20.51 26.52
CA MET D 63 10.89 -21.88 26.20
C MET D 63 11.34 -22.01 24.74
N GLY D 64 12.15 -23.02 24.46
CA GLY D 64 12.54 -23.32 23.07
C GLY D 64 13.78 -24.18 22.93
N GLN D 65 14.01 -24.67 21.72
CA GLN D 65 15.14 -25.53 21.40
C GLN D 65 16.20 -24.75 20.61
N GLN D 66 17.42 -25.27 20.56
CA GLN D 66 18.49 -24.66 19.79
C GLN D 66 19.51 -25.72 19.33
N VAL D 67 20.29 -25.38 18.29
CA VAL D 67 21.52 -26.13 17.96
C VAL D 67 22.67 -25.41 18.69
N ALA D 68 23.39 -26.14 19.53
CA ALA D 68 24.48 -25.57 20.29
C ALA D 68 25.78 -26.37 20.08
N LYS D 69 26.90 -25.69 20.36
CA LYS D 69 28.27 -26.23 20.34
C LYS D 69 28.79 -26.23 21.80
N VAL D 70 29.40 -27.33 22.23
CA VAL D 70 30.12 -27.40 23.51
C VAL D 70 31.41 -26.57 23.42
N VAL D 71 31.46 -25.46 24.16
CA VAL D 71 32.61 -24.56 24.11
C VAL D 71 33.51 -24.67 25.35
N GLU D 72 33.05 -25.40 26.36
CA GLU D 72 33.84 -25.82 27.50
C GLU D 72 33.24 -27.12 28.01
N SER D 73 34.07 -27.99 28.57
CA SER D 73 33.64 -29.34 28.94
C SER D 73 34.38 -30.02 30.10
N LYS D 74 33.61 -30.71 30.92
CA LYS D 74 34.08 -31.59 31.98
C LYS D 74 33.32 -32.93 31.88
N ASN D 75 32.95 -33.30 30.66
CA ASN D 75 32.23 -34.55 30.38
C ASN D 75 32.88 -35.13 29.13
N VAL D 76 33.55 -36.27 29.30
CA VAL D 76 34.33 -36.89 28.23
C VAL D 76 33.42 -37.49 27.14
N ALA D 77 32.12 -37.61 27.44
CA ALA D 77 31.16 -38.01 26.43
C ALA D 77 30.73 -36.82 25.55
N LEU D 78 31.09 -35.61 25.97
CA LEU D 78 30.68 -34.38 25.32
C LEU D 78 31.86 -33.44 25.23
N PRO D 79 32.86 -33.78 24.40
CA PRO D 79 34.03 -32.89 24.33
C PRO D 79 33.74 -31.53 23.67
N LYS D 80 34.71 -30.65 23.70
CA LYS D 80 34.63 -29.40 23.00
C LYS D 80 34.41 -29.63 21.50
N GLY D 81 33.52 -28.84 20.92
CA GLY D 81 33.19 -28.95 19.52
C GLY D 81 31.99 -29.83 19.22
N THR D 82 31.57 -30.65 20.17
CA THR D 82 30.35 -31.45 19.99
C THR D 82 29.13 -30.53 19.70
N ILE D 83 28.31 -30.95 18.75
CA ILE D 83 27.12 -30.24 18.35
C ILE D 83 25.94 -31.01 18.97
N VAL D 84 25.12 -30.30 19.71
CA VAL D 84 23.92 -30.87 20.31
C VAL D 84 22.63 -30.04 20.06
N LEU D 85 21.52 -30.73 20.19
CA LEU D 85 20.25 -30.10 20.41
C LEU D 85 20.06 -29.98 21.91
N ALA D 86 19.62 -28.80 22.34
CA ALA D 86 19.33 -28.54 23.75
C ALA D 86 18.11 -27.63 23.78
N SER D 87 17.36 -27.68 24.87
CA SER D 87 16.21 -26.79 25.05
C SER D 87 16.25 -25.96 26.35
N PRO D 88 17.25 -25.08 26.48
CA PRO D 88 17.38 -24.22 27.66
C PRO D 88 16.59 -22.92 27.50
N GLY D 89 15.85 -22.82 26.40
CA GLY D 89 15.06 -21.65 26.10
C GLY D 89 15.85 -20.61 25.35
N TRP D 90 15.28 -19.42 25.27
CA TRP D 90 15.84 -18.33 24.48
C TRP D 90 17.05 -17.74 25.20
N THR D 91 18.19 -18.39 25.04
CA THR D 91 19.40 -17.95 25.73
C THR D 91 20.65 -18.30 24.94
N THR D 92 21.67 -17.45 25.06
CA THR D 92 22.89 -17.59 24.21
C THR D 92 23.89 -18.60 24.75
N HIS D 93 23.94 -18.74 26.06
CA HIS D 93 24.84 -19.69 26.72
C HIS D 93 24.11 -20.34 27.89
N SER D 94 24.41 -21.62 28.12
CA SER D 94 23.76 -22.41 29.15
C SER D 94 24.64 -23.57 29.62
N ILE D 95 24.31 -24.12 30.78
CA ILE D 95 25.07 -25.20 31.38
C ILE D 95 24.21 -26.42 31.41
N SER D 96 24.78 -27.56 31.00
CA SER D 96 24.07 -28.83 30.99
C SER D 96 24.91 -29.92 31.58
N ASP D 97 24.26 -30.88 32.23
CA ASP D 97 24.91 -32.10 32.74
C ASP D 97 24.94 -33.23 31.71
N GLY D 98 24.51 -32.93 30.48
CA GLY D 98 24.49 -33.91 29.39
C GLY D 98 23.24 -34.75 29.27
N LYS D 99 22.44 -34.83 30.33
CA LYS D 99 21.32 -35.74 30.34
C LYS D 99 20.14 -35.26 29.50
N ASP D 100 20.09 -33.96 29.24
CA ASP D 100 18.95 -33.35 28.54
C ASP D 100 19.31 -32.95 27.11
N LEU D 101 20.38 -33.54 26.58
CA LEU D 101 20.94 -33.15 25.29
C LEU D 101 20.71 -34.26 24.29
N GLU D 102 20.77 -33.89 23.01
CA GLU D 102 20.58 -34.84 21.95
C GLU D 102 21.60 -34.59 20.84
N LYS D 103 22.42 -35.60 20.58
CA LYS D 103 23.37 -35.53 19.48
C LYS D 103 22.60 -35.70 18.19
N LEU D 104 23.13 -35.14 17.11
CA LEU D 104 22.57 -35.32 15.78
C LEU D 104 22.74 -36.74 15.25
N LEU D 105 22.09 -37.00 14.12
CA LEU D 105 22.21 -38.29 13.47
C LEU D 105 23.69 -38.56 13.18
N THR D 106 24.10 -39.77 13.55
CA THR D 106 25.38 -40.34 13.15
C THR D 106 25.84 -39.98 11.75
N GLU D 107 24.92 -40.02 10.81
CA GLU D 107 25.19 -39.83 9.39
C GLU D 107 25.01 -38.40 8.93
N TRP D 108 24.81 -37.48 9.89
CA TRP D 108 24.63 -36.06 9.55
C TRP D 108 25.84 -35.54 8.81
N PRO D 109 25.64 -35.09 7.56
CA PRO D 109 26.72 -34.56 6.75
C PRO D 109 26.94 -33.07 6.87
N ASP D 110 28.09 -32.61 6.38
CA ASP D 110 28.48 -31.19 6.41
C ASP D 110 27.91 -30.40 5.23
N THR D 111 27.20 -31.09 4.35
CA THR D 111 26.65 -30.49 3.14
C THR D 111 25.29 -29.79 3.35
N ILE D 112 24.74 -29.84 4.57
CA ILE D 112 23.49 -29.13 4.90
C ILE D 112 23.66 -28.25 6.13
N PRO D 113 22.81 -27.23 6.27
CA PRO D 113 22.93 -26.41 7.48
C PRO D 113 22.59 -27.19 8.75
N LEU D 114 23.27 -26.91 9.85
CA LEU D 114 22.96 -27.56 11.13
C LEU D 114 21.54 -27.22 11.62
N SER D 115 20.97 -26.12 11.17
CA SER D 115 19.66 -25.68 11.60
C SER D 115 18.49 -26.55 11.02
N LEU D 116 18.81 -27.46 10.10
CA LEU D 116 17.80 -28.32 9.58
C LEU D 116 17.35 -29.19 10.71
N ALA D 117 18.22 -29.40 11.70
CA ALA D 117 17.90 -30.17 12.88
C ALA D 117 16.79 -29.51 13.73
N LEU D 118 16.53 -28.23 13.52
CA LEU D 118 15.42 -27.52 14.15
C LEU D 118 14.18 -27.48 13.26
N GLY D 119 14.31 -27.96 12.02
CA GLY D 119 13.27 -27.93 11.00
C GLY D 119 13.01 -29.26 10.29
N THR D 120 13.34 -29.33 9.01
CA THR D 120 12.94 -30.44 8.14
C THR D 120 13.48 -31.77 8.62
N VAL D 121 14.67 -31.78 9.18
CA VAL D 121 15.21 -32.99 9.76
C VAL D 121 15.21 -32.85 11.30
N GLY D 122 14.04 -32.48 11.81
CA GLY D 122 13.79 -32.30 13.22
C GLY D 122 12.30 -32.18 13.52
N MET D 123 11.97 -31.41 14.55
CA MET D 123 10.64 -31.49 15.12
C MET D 123 9.55 -31.10 14.14
N PRO D 124 9.70 -30.02 13.40
CA PRO D 124 8.67 -29.78 12.38
C PRO D 124 8.63 -30.78 11.23
N GLY D 125 9.78 -31.31 10.80
CA GLY D 125 9.80 -32.35 9.76
C GLY D 125 9.12 -33.60 10.23
N LEU D 126 9.37 -33.98 11.49
CA LEU D 126 8.69 -35.11 12.08
C LEU D 126 7.15 -34.93 12.18
N THR D 127 6.73 -33.71 12.44
CA THR D 127 5.34 -33.41 12.61
C THR D 127 4.60 -33.67 11.30
N ALA D 128 5.19 -33.16 10.23
CA ALA D 128 4.73 -33.38 8.85
C ALA D 128 4.69 -34.85 8.46
N TYR D 129 5.79 -35.54 8.69
CA TYR D 129 5.93 -36.96 8.36
C TYR D 129 4.87 -37.77 9.06
N PHE D 130 4.79 -37.67 10.37
CA PHE D 130 3.86 -38.52 11.08
C PHE D 130 2.43 -38.08 10.87
N GLY D 131 2.23 -36.79 10.65
CA GLY D 131 0.89 -36.27 10.47
C GLY D 131 0.31 -36.75 9.17
N LEU D 132 1.11 -36.69 8.11
CA LEU D 132 0.65 -37.05 6.77
C LEU D 132 0.58 -38.57 6.66
N LEU D 133 1.65 -39.28 7.03
CA LEU D 133 1.75 -40.73 6.79
C LEU D 133 1.03 -41.62 7.78
N GLU D 134 0.94 -41.22 9.05
CA GLU D 134 0.18 -42.03 10.00
C GLU D 134 -1.20 -41.50 10.36
N ILE D 135 -1.36 -40.18 10.51
CA ILE D 135 -2.64 -39.67 10.98
C ILE D 135 -3.61 -39.49 9.82
N CYS D 136 -3.22 -38.77 8.77
CA CYS D 136 -3.97 -38.76 7.49
C CYS D 136 -3.89 -40.10 6.77
N GLY D 137 -2.78 -40.82 6.99
CA GLY D 137 -2.56 -42.14 6.44
C GLY D 137 -2.64 -42.21 4.93
N VAL D 138 -1.94 -41.31 4.26
CA VAL D 138 -1.95 -41.31 2.79
C VAL D 138 -1.33 -42.60 2.24
N LYS D 139 -1.85 -43.06 1.10
CA LYS D 139 -1.39 -44.32 0.48
C LYS D 139 -0.85 -44.14 -0.95
N GLY D 140 -1.24 -43.03 -1.60
CA GLY D 140 -0.83 -42.70 -2.98
C GLY D 140 -2.04 -42.42 -3.86
N GLY D 141 -2.01 -41.37 -4.66
CA GLY D 141 -3.16 -41.00 -5.49
C GLY D 141 -4.14 -40.00 -4.85
N GLU D 142 -4.08 -39.86 -3.54
CA GLU D 142 -5.03 -39.02 -2.79
C GLU D 142 -4.87 -37.55 -3.15
N THR D 143 -5.94 -36.78 -2.97
CA THR D 143 -5.86 -35.34 -3.02
C THR D 143 -5.76 -34.80 -1.60
N VAL D 144 -4.67 -34.07 -1.33
CA VAL D 144 -4.37 -33.59 0.01
C VAL D 144 -4.49 -32.07 0.09
N MET D 145 -5.32 -31.57 0.99
CA MET D 145 -5.37 -30.14 1.25
C MET D 145 -4.42 -29.82 2.40
N VAL D 146 -3.53 -28.84 2.20
CA VAL D 146 -2.62 -28.40 3.24
C VAL D 146 -2.54 -26.86 3.29
N ASN D 147 -2.61 -26.34 4.51
CA ASN D 147 -2.60 -24.90 4.72
C ASN D 147 -1.32 -24.56 5.46
N ALA D 148 -1.06 -23.27 5.69
CA ALA D 148 0.29 -22.81 6.00
C ALA D 148 1.31 -23.65 5.18
N ALA D 149 1.03 -23.76 3.88
CA ALA D 149 1.73 -24.72 2.99
C ALA D 149 3.16 -24.33 2.63
N ALA D 150 3.52 -23.07 2.84
CA ALA D 150 4.89 -22.58 2.68
C ALA D 150 5.61 -22.47 4.03
N GLY D 151 5.00 -22.98 5.10
CA GLY D 151 5.63 -22.93 6.43
C GLY D 151 6.50 -24.13 6.65
N ALA D 152 7.07 -24.24 7.85
CA ALA D 152 8.02 -25.31 8.13
C ALA D 152 7.38 -26.70 8.08
N VAL D 153 6.23 -26.85 8.72
CA VAL D 153 5.54 -28.13 8.68
C VAL D 153 4.86 -28.29 7.32
N GLY D 154 4.05 -27.31 6.94
CA GLY D 154 3.25 -27.42 5.72
C GLY D 154 4.04 -27.75 4.45
N SER D 155 5.19 -27.10 4.27
CA SER D 155 5.98 -27.32 3.06
C SER D 155 6.54 -28.71 3.00
N VAL D 156 6.90 -29.27 4.15
CA VAL D 156 7.36 -30.64 4.21
C VAL D 156 6.20 -31.58 3.93
N VAL D 157 5.04 -31.29 4.49
CA VAL D 157 3.88 -32.14 4.26
C VAL D 157 3.58 -32.25 2.76
N GLY D 158 3.55 -31.14 2.08
CA GLY D 158 3.28 -31.13 0.64
C GLY D 158 4.35 -31.88 -0.17
N GLN D 159 5.61 -31.79 0.23
CA GLN D 159 6.68 -32.42 -0.55
C GLN D 159 6.67 -33.91 -0.38
N ILE D 160 6.34 -34.35 0.84
CA ILE D 160 6.22 -35.76 1.11
C ILE D 160 5.04 -36.32 0.37
N ALA D 161 3.95 -35.57 0.34
CA ALA D 161 2.75 -36.05 -0.35
C ALA D 161 3.01 -36.19 -1.86
N LYS D 162 3.70 -35.21 -2.45
CA LYS D 162 4.09 -35.27 -3.85
C LYS D 162 4.91 -36.51 -4.23
N LEU D 163 5.94 -36.80 -3.43
CA LEU D 163 6.77 -37.94 -3.74
C LEU D 163 6.02 -39.25 -3.45
N LYS D 164 4.95 -39.19 -2.65
CA LYS D 164 4.07 -40.37 -2.49
C LYS D 164 3.00 -40.48 -3.59
N GLY D 165 3.05 -39.58 -4.56
CA GLY D 165 2.17 -39.63 -5.71
C GLY D 165 0.82 -38.98 -5.50
N CYS D 166 0.75 -37.98 -4.62
CA CYS D 166 -0.53 -37.34 -4.26
C CYS D 166 -0.64 -36.04 -5.00
N LYS D 167 -1.87 -35.59 -5.13
CA LYS D 167 -2.16 -34.26 -5.63
C LYS D 167 -2.21 -33.36 -4.40
N VAL D 168 -1.50 -32.24 -4.43
CA VAL D 168 -1.47 -31.31 -3.31
C VAL D 168 -2.15 -29.98 -3.65
N VAL D 169 -3.07 -29.55 -2.79
CA VAL D 169 -3.65 -28.23 -2.85
C VAL D 169 -3.22 -27.46 -1.61
N GLY D 170 -2.56 -26.33 -1.86
CA GLY D 170 -1.86 -25.60 -0.82
C GLY D 170 -2.40 -24.19 -0.68
N ALA D 171 -2.69 -23.81 0.56
CA ALA D 171 -3.08 -22.46 0.93
C ALA D 171 -1.91 -21.74 1.62
N VAL D 172 -1.63 -20.53 1.14
CA VAL D 172 -0.58 -19.69 1.67
C VAL D 172 -1.06 -18.24 1.73
N GLY D 173 -0.36 -17.41 2.50
CA GLY D 173 -0.80 -16.04 2.77
C GLY D 173 -0.18 -14.92 1.93
N SER D 174 0.55 -15.28 0.88
CA SER D 174 1.26 -14.29 0.05
C SER D 174 1.50 -14.79 -1.38
N ASP D 175 1.61 -13.86 -2.32
CA ASP D 175 1.87 -14.22 -3.71
C ASP D 175 3.25 -14.82 -3.81
N GLU D 176 4.17 -14.27 -3.04
CA GLU D 176 5.53 -14.82 -2.99
C GLU D 176 5.54 -16.30 -2.59
N LYS D 177 4.71 -16.70 -1.61
CA LYS D 177 4.66 -18.11 -1.22
C LYS D 177 4.02 -18.95 -2.32
N VAL D 178 2.97 -18.43 -2.94
CA VAL D 178 2.31 -19.15 -4.01
C VAL D 178 3.31 -19.50 -5.10
N ALA D 179 4.11 -18.51 -5.50
CA ALA D 179 5.12 -18.69 -6.56
C ALA D 179 6.16 -19.74 -6.18
N TYR D 180 6.61 -19.71 -4.93
CA TYR D 180 7.60 -20.67 -4.45
C TYR D 180 7.02 -22.07 -4.56
N LEU D 181 5.79 -22.26 -4.10
CA LEU D 181 5.23 -23.62 -4.02
C LEU D 181 4.82 -24.16 -5.41
N GLN D 182 4.49 -23.26 -6.34
CA GLN D 182 4.30 -23.68 -7.74
C GLN D 182 5.64 -24.13 -8.31
N LYS D 183 6.69 -23.34 -8.07
CA LYS D 183 8.04 -23.71 -8.56
C LYS D 183 8.45 -25.08 -8.04
N LEU D 184 8.04 -25.43 -6.81
CA LEU D 184 8.34 -26.76 -6.22
C LEU D 184 7.54 -27.89 -6.87
N GLY D 185 6.36 -27.56 -7.43
CA GLY D 185 5.49 -28.54 -8.10
C GLY D 185 4.15 -28.91 -7.44
N PHE D 186 3.69 -28.16 -6.44
CA PHE D 186 2.38 -28.49 -5.86
C PHE D 186 1.34 -28.21 -6.93
N ASP D 187 0.29 -29.02 -6.97
CA ASP D 187 -0.64 -28.97 -8.10
C ASP D 187 -1.39 -27.66 -8.19
N VAL D 188 -2.03 -27.27 -7.10
CA VAL D 188 -2.71 -25.98 -7.03
C VAL D 188 -2.25 -25.28 -5.77
N VAL D 189 -1.88 -24.01 -5.91
CA VAL D 189 -1.51 -23.21 -4.77
C VAL D 189 -2.15 -21.86 -4.93
N PHE D 190 -2.84 -21.40 -3.88
CA PHE D 190 -3.50 -20.11 -3.90
C PHE D 190 -3.24 -19.28 -2.64
N ASN D 191 -3.42 -17.97 -2.78
CA ASN D 191 -3.34 -17.01 -1.68
C ASN D 191 -4.73 -16.87 -1.09
N TYR D 192 -4.92 -17.36 0.13
CA TYR D 192 -6.24 -17.33 0.77
C TYR D 192 -6.72 -15.93 1.19
N LYS D 193 -5.81 -14.99 1.24
CA LYS D 193 -6.13 -13.64 1.64
C LYS D 193 -6.74 -12.83 0.48
N THR D 194 -6.53 -13.29 -0.76
CA THR D 194 -6.96 -12.52 -1.94
C THR D 194 -8.04 -13.23 -2.79
N VAL D 195 -8.28 -14.51 -2.59
CA VAL D 195 -9.27 -15.20 -3.41
C VAL D 195 -10.67 -14.64 -3.10
N GLU D 196 -11.52 -14.62 -4.10
CA GLU D 196 -12.86 -14.06 -3.94
C GLU D 196 -13.70 -14.93 -3.03
N SER D 197 -13.50 -16.25 -3.13
CA SER D 197 -14.23 -17.21 -2.32
C SER D 197 -13.37 -18.41 -2.07
N LEU D 198 -13.19 -18.73 -0.79
CA LEU D 198 -12.42 -19.89 -0.41
C LEU D 198 -13.15 -21.15 -0.85
N GLU D 199 -14.45 -21.21 -0.59
CA GLU D 199 -15.30 -22.28 -1.09
C GLU D 199 -15.06 -22.56 -2.57
N GLU D 200 -15.18 -21.52 -3.40
CA GLU D 200 -15.08 -21.67 -4.86
CA GLU D 200 -15.10 -21.74 -4.85
C GLU D 200 -13.68 -22.07 -5.31
N THR D 201 -12.67 -21.54 -4.62
CA THR D 201 -11.27 -21.82 -4.96
C THR D 201 -10.97 -23.29 -4.71
N LEU D 202 -11.41 -23.77 -3.55
CA LEU D 202 -11.18 -25.15 -3.15
C LEU D 202 -11.90 -26.12 -4.07
N LYS D 203 -13.09 -25.73 -4.52
CA LYS D 203 -13.94 -26.54 -5.40
C LYS D 203 -13.36 -26.67 -6.79
N LYS D 204 -12.86 -25.56 -7.35
CA LYS D 204 -12.16 -25.61 -8.64
C LYS D 204 -10.85 -26.38 -8.52
N ALA D 205 -10.13 -26.19 -7.41
CA ALA D 205 -8.83 -26.89 -7.24
C ALA D 205 -9.03 -28.40 -7.23
N SER D 206 -10.18 -28.86 -6.74
CA SER D 206 -10.46 -30.30 -6.69
C SER D 206 -11.97 -30.58 -6.70
N PRO D 207 -12.58 -30.62 -7.90
CA PRO D 207 -14.03 -30.85 -8.05
C PRO D 207 -14.58 -32.06 -7.33
N ASP D 208 -13.80 -33.12 -7.21
CA ASP D 208 -14.23 -34.33 -6.49
C ASP D 208 -14.10 -34.23 -4.95
N GLY D 209 -13.45 -33.18 -4.45
CA GLY D 209 -13.23 -33.02 -3.01
C GLY D 209 -11.85 -33.47 -2.55
N TYR D 210 -11.73 -33.63 -1.23
CA TYR D 210 -10.42 -33.84 -0.62
C TYR D 210 -10.42 -35.13 0.20
N ASP D 211 -9.40 -35.96 0.00
CA ASP D 211 -9.26 -37.20 0.75
C ASP D 211 -8.68 -36.92 2.13
N CYS D 212 -7.68 -36.03 2.17
CA CYS D 212 -6.99 -35.69 3.42
C CYS D 212 -6.81 -34.19 3.60
N TYR D 213 -6.92 -33.76 4.86
CA TYR D 213 -6.70 -32.37 5.21
C TYR D 213 -5.65 -32.36 6.29
N PHE D 214 -4.52 -31.74 6.00
CA PHE D 214 -3.49 -31.59 7.00
C PHE D 214 -3.68 -30.17 7.51
N ASP D 215 -4.24 -30.05 8.71
CA ASP D 215 -4.73 -28.75 9.21
C ASP D 215 -3.79 -28.13 10.22
N ASN D 216 -3.21 -27.00 9.81
CA ASN D 216 -2.30 -26.20 10.59
C ASN D 216 -2.97 -24.95 11.17
N VAL D 217 -4.19 -24.64 10.73
CA VAL D 217 -4.75 -23.29 10.83
C VAL D 217 -6.03 -23.21 11.65
N GLY D 218 -6.95 -24.17 11.49
CA GLY D 218 -8.23 -24.18 12.21
C GLY D 218 -9.19 -23.07 11.84
N GLY D 219 -10.16 -22.84 12.72
CA GLY D 219 -11.10 -21.74 12.58
C GLY D 219 -11.98 -21.79 11.33
N GLU D 220 -12.33 -20.61 10.81
CA GLU D 220 -13.26 -20.54 9.67
C GLU D 220 -12.71 -21.22 8.44
N PHE D 221 -11.38 -21.21 8.29
CA PHE D 221 -10.76 -21.81 7.11
C PHE D 221 -11.08 -23.30 7.10
N SER D 222 -10.88 -23.95 8.23
CA SER D 222 -11.16 -25.35 8.37
C SER D 222 -12.67 -25.71 8.18
N ASN D 223 -13.55 -24.82 8.63
CA ASN D 223 -15.00 -25.04 8.48
C ASN D 223 -15.34 -25.14 7.01
N THR D 224 -14.71 -24.30 6.22
CA THR D 224 -14.88 -24.31 4.79
C THR D 224 -14.24 -25.54 4.12
N VAL D 225 -13.04 -25.95 4.57
CA VAL D 225 -12.39 -27.16 4.02
C VAL D 225 -13.22 -28.39 4.33
N ILE D 226 -13.84 -28.43 5.52
CA ILE D 226 -14.66 -29.56 5.92
C ILE D 226 -15.80 -29.79 4.93
N GLY D 227 -16.36 -28.71 4.41
CA GLY D 227 -17.44 -28.79 3.45
C GLY D 227 -17.06 -29.41 2.11
N GLN D 228 -15.77 -29.65 1.89
CA GLN D 228 -15.32 -30.27 0.66
C GLN D 228 -14.57 -31.56 0.88
N MET D 229 -14.68 -32.12 2.08
CA MET D 229 -14.06 -33.41 2.35
C MET D 229 -14.92 -34.52 1.72
N LYS D 230 -14.23 -35.48 1.12
CA LYS D 230 -14.88 -36.67 0.59
C LYS D 230 -15.38 -37.51 1.76
N LYS D 231 -16.23 -38.48 1.44
CA LYS D 231 -16.73 -39.46 2.38
C LYS D 231 -15.55 -40.18 3.01
N PHE D 232 -15.60 -40.36 4.34
CA PHE D 232 -14.50 -40.94 5.11
C PHE D 232 -13.20 -40.14 5.04
N GLY D 233 -13.31 -38.87 4.69
CA GLY D 233 -12.15 -37.99 4.71
C GLY D 233 -11.43 -38.01 6.05
N ARG D 234 -10.13 -37.82 6.02
CA ARG D 234 -9.29 -37.84 7.20
C ARG D 234 -8.62 -36.49 7.44
N ILE D 235 -8.86 -35.92 8.61
CA ILE D 235 -8.27 -34.64 8.96
C ILE D 235 -7.22 -34.95 10.01
N ALA D 236 -6.01 -34.43 9.80
CA ALA D 236 -4.97 -34.45 10.81
C ALA D 236 -4.97 -33.06 11.47
N ILE D 237 -5.33 -33.00 12.74
CA ILE D 237 -5.40 -31.72 13.46
C ILE D 237 -4.04 -31.50 14.09
N CYS D 238 -3.23 -30.70 13.39
CA CYS D 238 -1.85 -30.48 13.74
C CYS D 238 -1.73 -29.19 14.54
N GLY D 239 -2.33 -28.13 14.02
CA GLY D 239 -2.38 -26.85 14.72
C GLY D 239 -3.61 -26.06 14.39
N ALA D 240 -3.77 -24.93 15.10
CA ALA D 240 -4.87 -24.01 14.87
C ALA D 240 -4.39 -22.59 15.04
N ILE D 241 -3.35 -22.23 14.26
CA ILE D 241 -2.67 -20.98 14.46
C ILE D 241 -3.61 -19.75 14.30
N SER D 242 -4.69 -19.89 13.53
CA SER D 242 -5.70 -18.81 13.44
C SER D 242 -6.33 -18.44 14.79
N THR D 243 -6.25 -19.32 15.77
CA THR D 243 -6.83 -19.07 17.07
C THR D 243 -5.81 -18.64 18.14
N TYR D 244 -4.51 -18.74 17.87
CA TYR D 244 -3.51 -18.60 18.97
C TYR D 244 -3.40 -17.19 19.54
N ASN D 245 -3.66 -16.18 18.72
CA ASN D 245 -3.56 -14.79 19.13
C ASN D 245 -4.90 -14.12 19.32
N ARG D 246 -5.98 -14.89 19.47
CA ARG D 246 -7.32 -14.31 19.47
C ARG D 246 -7.57 -13.46 20.71
N THR D 247 -8.38 -12.43 20.50
CA THR D 247 -8.78 -11.48 21.52
C THR D 247 -10.30 -11.53 21.68
N GLY D 248 -10.92 -12.63 21.23
CA GLY D 248 -12.35 -12.88 21.44
C GLY D 248 -12.62 -14.38 21.49
N PRO D 249 -13.91 -14.77 21.41
CA PRO D 249 -14.20 -16.20 21.46
C PRO D 249 -13.79 -16.91 20.16
N LEU D 250 -13.64 -18.21 20.26
CA LEU D 250 -13.39 -19.07 19.09
C LEU D 250 -14.52 -18.89 18.06
N PRO D 251 -14.19 -18.95 16.76
CA PRO D 251 -15.28 -19.00 15.80
C PRO D 251 -16.11 -20.27 15.94
N PRO D 252 -17.26 -20.34 15.25
CA PRO D 252 -18.11 -21.50 15.27
C PRO D 252 -17.41 -22.78 14.85
N GLY D 253 -17.79 -23.89 15.47
CA GLY D 253 -17.33 -25.20 15.04
C GLY D 253 -17.80 -25.56 13.64
N PRO D 254 -17.38 -26.71 13.12
CA PRO D 254 -17.77 -27.11 11.77
C PRO D 254 -19.23 -27.56 11.75
N PRO D 255 -19.87 -27.52 10.57
CA PRO D 255 -21.26 -27.86 10.51
C PRO D 255 -21.46 -29.36 10.78
N PRO D 256 -22.10 -29.71 11.91
CA PRO D 256 -22.22 -31.13 12.27
C PRO D 256 -22.84 -32.02 11.17
N GLU D 257 -23.85 -31.52 10.47
CA GLU D 257 -24.52 -32.27 9.39
C GLU D 257 -23.51 -32.72 8.32
N ILE D 258 -22.53 -31.89 8.03
CA ILE D 258 -21.54 -32.23 7.03
C ILE D 258 -20.51 -33.22 7.58
N VAL D 259 -20.07 -33.01 8.82
CA VAL D 259 -19.12 -33.93 9.46
C VAL D 259 -19.72 -35.34 9.58
N ILE D 260 -20.99 -35.40 9.93
CA ILE D 260 -21.66 -36.67 10.15
C ILE D 260 -21.90 -37.35 8.79
N TYR D 261 -22.56 -36.65 7.88
CA TYR D 261 -23.01 -37.23 6.63
C TYR D 261 -21.83 -37.71 5.80
N GLN D 262 -20.71 -36.98 5.85
CA GLN D 262 -19.49 -37.41 5.18
C GLN D 262 -18.66 -38.38 6.02
N GLU D 263 -19.05 -38.60 7.29
CA GLU D 263 -18.40 -39.59 8.15
C GLU D 263 -16.87 -39.38 8.24
N LEU D 264 -16.51 -38.14 8.54
CA LEU D 264 -15.12 -37.74 8.59
C LEU D 264 -14.43 -38.26 9.82
N ARG D 265 -13.13 -38.51 9.68
CA ARG D 265 -12.31 -38.92 10.78
C ARG D 265 -11.35 -37.79 11.07
N MET D 266 -11.43 -37.23 12.27
CA MET D 266 -10.56 -36.11 12.63
C MET D 266 -9.70 -36.51 13.82
N GLU D 267 -8.38 -36.44 13.66
CA GLU D 267 -7.48 -36.81 14.76
C GLU D 267 -6.40 -35.80 14.99
N ALA D 268 -6.24 -35.38 16.24
CA ALA D 268 -5.16 -34.48 16.63
C ALA D 268 -3.95 -35.31 17.09
N PHE D 269 -2.77 -34.73 16.98
CA PHE D 269 -1.59 -35.43 17.43
C PHE D 269 -0.57 -34.44 17.91
N VAL D 270 0.36 -34.92 18.74
CA VAL D 270 1.54 -34.18 19.15
C VAL D 270 2.77 -34.94 18.67
N VAL D 271 3.69 -34.25 17.98
CA VAL D 271 4.84 -34.91 17.36
C VAL D 271 5.67 -35.80 18.30
N TYR D 272 5.78 -35.40 19.57
CA TYR D 272 6.59 -36.14 20.53
C TYR D 272 6.03 -37.50 20.92
N ARG D 273 4.81 -37.82 20.47
CA ARG D 273 4.25 -39.17 20.63
C ARG D 273 5.16 -40.28 20.07
N TRP D 274 5.84 -40.02 18.95
CA TRP D 274 6.68 -41.02 18.28
C TRP D 274 8.14 -40.91 18.75
N GLN D 275 8.62 -41.94 19.43
CA GLN D 275 9.95 -42.00 20.03
C GLN D 275 10.64 -43.29 19.54
N GLY D 276 11.85 -43.55 20.01
CA GLY D 276 12.57 -44.77 19.69
C GLY D 276 12.83 -44.95 18.22
N ASP D 277 12.57 -46.15 17.72
CA ASP D 277 12.93 -46.54 16.36
C ASP D 277 12.06 -45.86 15.30
N ALA D 278 10.77 -45.74 15.58
CA ALA D 278 9.88 -45.02 14.68
C ALA D 278 10.40 -43.59 14.45
N ARG D 279 10.86 -42.95 15.51
CA ARG D 279 11.37 -41.58 15.40
C ARG D 279 12.66 -41.59 14.62
N GLN D 280 13.52 -42.53 14.98
CA GLN D 280 14.83 -42.66 14.38
C GLN D 280 14.70 -42.96 12.89
N LYS D 281 13.75 -43.84 12.53
CA LYS D 281 13.50 -44.14 11.13
C LYS D 281 13.00 -42.90 10.36
N ALA D 282 12.03 -42.19 10.94
CA ALA D 282 11.52 -40.99 10.28
C ALA D 282 12.61 -39.98 10.07
N LEU D 283 13.48 -39.80 11.05
CA LEU D 283 14.60 -38.82 10.90
C LEU D 283 15.51 -39.18 9.73
N LYS D 284 15.87 -40.45 9.64
CA LYS D 284 16.71 -40.96 8.52
C LYS D 284 16.04 -40.81 7.14
N ASP D 285 14.73 -41.09 7.06
CA ASP D 285 13.99 -40.85 5.82
C ASP D 285 14.04 -39.41 5.44
N LEU D 286 13.84 -38.54 6.43
CA LEU D 286 13.83 -37.11 6.15
C LEU D 286 15.18 -36.65 5.63
N LEU D 287 16.26 -37.00 6.32
CA LEU D 287 17.61 -36.67 5.80
C LEU D 287 17.88 -37.25 4.38
N LYS D 288 17.55 -38.51 4.15
CA LYS D 288 17.74 -39.11 2.82
C LYS D 288 17.03 -38.28 1.77
N TRP D 289 15.73 -38.06 1.97
CA TRP D 289 14.95 -37.21 1.07
C TRP D 289 15.53 -35.83 0.86
N VAL D 290 16.01 -35.20 1.92
CA VAL D 290 16.71 -33.93 1.74
C VAL D 290 17.97 -34.11 0.87
N LEU D 291 18.80 -35.10 1.18
CA LEU D 291 20.06 -35.33 0.43
C LEU D 291 19.81 -35.65 -1.06
N GLU D 292 18.76 -36.44 -1.32
CA GLU D 292 18.33 -36.79 -2.69
C GLU D 292 17.63 -35.65 -3.43
N GLY D 293 17.21 -34.60 -2.72
CA GLY D 293 16.49 -33.49 -3.37
C GLY D 293 14.99 -33.73 -3.51
N LYS D 294 14.52 -34.86 -3.00
CA LYS D 294 13.07 -35.12 -2.92
C LYS D 294 12.34 -34.13 -2.00
N ILE D 295 12.98 -33.72 -0.90
CA ILE D 295 12.50 -32.56 -0.10
C ILE D 295 13.48 -31.42 -0.23
N GLN D 296 13.00 -30.27 -0.67
CA GLN D 296 13.84 -29.10 -0.66
C GLN D 296 13.65 -28.29 0.61
N TYR D 297 14.74 -27.66 1.06
CA TYR D 297 14.66 -26.82 2.23
C TYR D 297 14.74 -25.39 1.81
N LYS D 298 13.97 -24.55 2.49
CA LYS D 298 14.21 -23.12 2.54
C LYS D 298 14.10 -22.66 3.99
N GLU D 299 15.03 -21.82 4.42
CA GLU D 299 15.01 -21.31 5.79
C GLU D 299 14.78 -19.84 5.74
N TYR D 300 14.12 -19.31 6.77
CA TYR D 300 13.93 -17.87 6.91
C TYR D 300 14.78 -17.47 8.13
N ILE D 301 15.96 -16.92 7.83
CA ILE D 301 16.99 -16.74 8.83
C ILE D 301 17.07 -15.32 9.29
N ILE D 302 16.85 -15.09 10.58
CA ILE D 302 17.01 -13.78 11.16
C ILE D 302 18.32 -13.76 11.94
N GLU D 303 19.12 -12.72 11.74
CA GLU D 303 20.45 -12.62 12.33
C GLU D 303 20.46 -11.84 13.62
N GLY D 304 21.04 -12.44 14.65
CA GLY D 304 21.23 -11.77 15.92
C GLY D 304 20.22 -12.22 16.95
N PHE D 305 20.72 -12.74 18.05
CA PHE D 305 19.89 -13.08 19.19
C PHE D 305 18.94 -11.96 19.62
N GLU D 306 19.36 -10.71 19.42
CA GLU D 306 18.60 -9.54 19.88
C GLU D 306 17.33 -9.35 19.05
N ASN D 307 17.27 -10.03 17.92
CA ASN D 307 16.10 -10.02 17.07
C ASN D 307 15.20 -11.24 17.18
N MET D 308 15.44 -12.08 18.20
CA MET D 308 14.68 -13.31 18.35
C MET D 308 13.18 -13.04 18.51
N PRO D 309 12.80 -12.02 19.31
CA PRO D 309 11.39 -11.73 19.47
C PRO D 309 10.74 -11.28 18.18
N ALA D 310 11.41 -10.43 17.44
CA ALA D 310 10.93 -10.05 16.12
C ALA D 310 10.81 -11.28 15.19
N ALA D 311 11.69 -12.26 15.32
CA ALA D 311 11.57 -13.50 14.51
C ALA D 311 10.27 -14.25 14.86
N PHE D 312 9.95 -14.29 16.13
CA PHE D 312 8.76 -14.99 16.65
C PHE D 312 7.51 -14.26 16.18
N MET D 313 7.51 -12.95 16.37
CA MET D 313 6.37 -12.13 15.98
C MET D 313 6.18 -12.13 14.47
N GLY D 314 7.29 -12.04 13.71
CA GLY D 314 7.22 -12.14 12.26
C GLY D 314 6.62 -13.44 11.78
N MET D 315 7.02 -14.54 12.41
CA MET D 315 6.53 -15.87 12.01
CA MET D 315 6.52 -15.86 11.99
C MET D 315 5.03 -15.96 12.23
N LEU D 316 4.57 -15.41 13.36
CA LEU D 316 3.17 -15.46 13.73
C LEU D 316 2.34 -14.63 12.77
N LYS D 317 2.95 -13.60 12.20
CA LYS D 317 2.31 -12.72 11.22
C LYS D 317 2.50 -13.17 9.77
N GLY D 318 3.17 -14.29 9.56
CA GLY D 318 3.31 -14.82 8.22
C GLY D 318 4.45 -14.28 7.39
N ASP D 319 5.47 -13.68 8.04
CA ASP D 319 6.62 -13.16 7.28
C ASP D 319 7.49 -14.25 6.70
N ASN D 320 7.44 -15.44 7.28
CA ASN D 320 8.43 -16.47 7.00
C ASN D 320 8.05 -17.35 5.84
N LEU D 321 9.04 -17.67 5.02
CA LEU D 321 8.94 -18.67 3.97
C LEU D 321 9.89 -19.76 4.38
N GLY D 322 9.35 -20.92 4.71
CA GLY D 322 10.14 -21.98 5.30
C GLY D 322 10.34 -21.73 6.78
N LYS D 323 11.21 -22.52 7.39
CA LYS D 323 11.36 -22.58 8.83
C LYS D 323 12.04 -21.31 9.35
N THR D 324 11.42 -20.64 10.33
CA THR D 324 12.00 -19.45 10.96
C THR D 324 13.14 -19.89 11.89
N ILE D 325 14.31 -19.31 11.67
CA ILE D 325 15.53 -19.69 12.39
C ILE D 325 16.26 -18.42 12.79
N VAL D 326 16.72 -18.36 14.04
CA VAL D 326 17.56 -17.25 14.50
C VAL D 326 19.01 -17.72 14.57
N LYS D 327 19.89 -17.04 13.81
CA LYS D 327 21.32 -17.31 13.85
C LYS D 327 22.00 -16.39 14.87
N ALA D 328 22.55 -16.98 15.91
CA ALA D 328 23.33 -16.22 16.89
C ALA D 328 24.66 -15.81 16.27
#